data_2PIE
# 
_entry.id   2PIE 
# 
_audit_conform.dict_name       mmcif_pdbx.dic 
_audit_conform.dict_version    5.399 
_audit_conform.dict_location   http://mmcif.pdb.org/dictionaries/ascii/mmcif_pdbx.dic 
# 
loop_
_database_2.database_id 
_database_2.database_code 
_database_2.pdbx_database_accession 
_database_2.pdbx_DOI 
PDB   2PIE         pdb_00002pie 10.2210/pdb2pie/pdb 
RCSB  RCSB042408   ?            ?                   
WWPDB D_1000042408 ?            ?                   
# 
loop_
_pdbx_audit_revision_history.ordinal 
_pdbx_audit_revision_history.data_content_type 
_pdbx_audit_revision_history.major_revision 
_pdbx_audit_revision_history.minor_revision 
_pdbx_audit_revision_history.revision_date 
1 'Structure model' 1 0 2007-12-11 
2 'Structure model' 1 1 2011-07-13 
3 'Structure model' 1 2 2017-10-18 
4 'Structure model' 1 3 2023-08-30 
5 'Structure model' 1 4 2024-11-20 
# 
_pdbx_audit_revision_details.ordinal             1 
_pdbx_audit_revision_details.revision_ordinal    1 
_pdbx_audit_revision_details.data_content_type   'Structure model' 
_pdbx_audit_revision_details.provider            repository 
_pdbx_audit_revision_details.type                'Initial release' 
_pdbx_audit_revision_details.description         ? 
_pdbx_audit_revision_details.details             ? 
# 
loop_
_pdbx_audit_revision_group.ordinal 
_pdbx_audit_revision_group.revision_ordinal 
_pdbx_audit_revision_group.data_content_type 
_pdbx_audit_revision_group.group 
1 2 'Structure model' 'Version format compliance' 
2 3 'Structure model' 'Refinement description'    
3 4 'Structure model' 'Data collection'           
4 4 'Structure model' 'Database references'       
5 4 'Structure model' 'Derived calculations'      
6 4 'Structure model' 'Refinement description'    
7 5 'Structure model' 'Structure summary'         
# 
loop_
_pdbx_audit_revision_category.ordinal 
_pdbx_audit_revision_category.revision_ordinal 
_pdbx_audit_revision_category.data_content_type 
_pdbx_audit_revision_category.category 
1 3 'Structure model' software                      
2 4 'Structure model' chem_comp_atom                
3 4 'Structure model' chem_comp_bond                
4 4 'Structure model' database_2                    
5 4 'Structure model' pdbx_initial_refinement_model 
6 4 'Structure model' struct_conn                   
7 4 'Structure model' struct_ref_seq_dif            
8 5 'Structure model' pdbx_entry_details            
9 5 'Structure model' pdbx_modification_feature     
# 
loop_
_pdbx_audit_revision_item.ordinal 
_pdbx_audit_revision_item.revision_ordinal 
_pdbx_audit_revision_item.data_content_type 
_pdbx_audit_revision_item.item 
1  3 'Structure model' '_software.classification'            
2  3 'Structure model' '_software.contact_author'            
3  3 'Structure model' '_software.contact_author_email'      
4  3 'Structure model' '_software.date'                      
5  3 'Structure model' '_software.language'                  
6  3 'Structure model' '_software.location'                  
7  3 'Structure model' '_software.name'                      
8  3 'Structure model' '_software.type'                      
9  3 'Structure model' '_software.version'                   
10 4 'Structure model' '_database_2.pdbx_DOI'                
11 4 'Structure model' '_database_2.pdbx_database_accession' 
12 4 'Structure model' '_struct_conn.pdbx_leaving_atom_flag' 
13 4 'Structure model' '_struct_ref_seq_dif.details'         
# 
_pdbx_database_status.entry_id                        2PIE 
_pdbx_database_status.deposit_site                    RCSB 
_pdbx_database_status.process_site                    RCSB 
_pdbx_database_status.recvd_initial_deposition_date   2007-04-13 
_pdbx_database_status.status_code                     REL 
_pdbx_database_status.status_code_sf                  REL 
_pdbx_database_status.status_code_mr                  ? 
_pdbx_database_status.SG_entry                        ? 
_pdbx_database_status.pdb_format_compatible           Y 
_pdbx_database_status.status_code_cs                  ? 
_pdbx_database_status.methods_development_category    ? 
_pdbx_database_status.status_code_nmr_data            ? 
# 
_pdbx_database_related.db_name        PDB 
_pdbx_database_related.db_id          2CSW 
_pdbx_database_related.details        'NMR structure without bound phosphopeptide' 
_pdbx_database_related.content_type   unspecified 
# 
loop_
_audit_author.name 
_audit_author.pdbx_ordinal 
'Grant, R.A.' 1 
'Yaffe, M.B.' 2 
# 
_citation.id                        primary 
_citation.title                     
'RNF8 Transduces the DNA-Damage Signal via Histone Ubiquitylation and Checkpoint Protein Assembly.' 
_citation.journal_abbrev            'Cell(Cambridge,Mass.)' 
_citation.journal_volume            131 
_citation.page_first                901 
_citation.page_last                 914 
_citation.year                      2007 
_citation.journal_id_ASTM           CELLB5 
_citation.country                   US 
_citation.journal_id_ISSN           0092-8674 
_citation.journal_id_CSD            0998 
_citation.book_publisher            ? 
_citation.pdbx_database_id_PubMed   18001825 
_citation.pdbx_database_id_DOI      10.1016/j.cell.2007.09.041 
# 
loop_
_citation_author.citation_id 
_citation_author.name 
_citation_author.ordinal 
_citation_author.identifier_ORCID 
primary 'Huen, M.S.'  1 ? 
primary 'Grant, R.'   2 ? 
primary 'Manke, I.'   3 ? 
primary 'Minn, K.'    4 ? 
primary 'Yu, X.'      5 ? 
primary 'Yaffe, M.B.' 6 ? 
primary 'Chen, J.'    7 ? 
# 
loop_
_entity.id 
_entity.type 
_entity.src_method 
_entity.pdbx_description 
_entity.formula_weight 
_entity.pdbx_number_of_molecules 
_entity.pdbx_ec 
_entity.pdbx_mutation 
_entity.pdbx_fragment 
_entity.details 
1 polymer man 'E3 ubiquitin-protein ligase RNF8' 15791.998 1   6.3.2.- ? 'N terminal FHA domain of RNF8' ? 
2 polymer syn phosphopeptide                     1020.032  1   ?       ? ?                               ? 
3 water   nat water                              18.015    190 ?       ? ?                               ? 
# 
_entity_name_com.entity_id   1 
_entity_name_com.name        'RING finger protein 8' 
# 
loop_
_entity_poly.entity_id 
_entity_poly.type 
_entity_poly.nstd_linkage 
_entity_poly.nstd_monomer 
_entity_poly.pdbx_seq_one_letter_code 
_entity_poly.pdbx_seq_one_letter_code_can 
_entity_poly.pdbx_strand_id 
_entity_poly.pdbx_target_identifier 
1 'polypeptide(L)' no no  
;GAHMAGGRSWCLRRVGMSAGWLLLEDGCEVTVGRGFGVTYQLVSKICPLMISRNHCVLKQNPEGQWTIMDNKSLNGVWLN
RARLEPLRVYSIHQGDYIQLGVPLENKENAEYEYEVTEEDWETIYPCLSPKNDQMIEK
;
;GAHMAGGRSWCLRRVGMSAGWLLLEDGCEVTVGRGFGVTYQLVSKICPLMISRNHCVLKQNPEGQWTIMDNKSLNGVWLN
RARLEPLRVYSIHQGDYIQLGVPLENKENAEYEYEVTEEDWETIYPCLSPKNDQMIEK
;
A ? 
2 'polypeptide(L)' no yes 'ELK(TPO)ERY' ELKTERY F ? 
# 
_pdbx_entity_nonpoly.entity_id   3 
_pdbx_entity_nonpoly.name        water 
_pdbx_entity_nonpoly.comp_id     HOH 
# 
loop_
_entity_poly_seq.entity_id 
_entity_poly_seq.num 
_entity_poly_seq.mon_id 
_entity_poly_seq.hetero 
1 1   GLY n 
1 2   ALA n 
1 3   HIS n 
1 4   MET n 
1 5   ALA n 
1 6   GLY n 
1 7   GLY n 
1 8   ARG n 
1 9   SER n 
1 10  TRP n 
1 11  CYS n 
1 12  LEU n 
1 13  ARG n 
1 14  ARG n 
1 15  VAL n 
1 16  GLY n 
1 17  MET n 
1 18  SER n 
1 19  ALA n 
1 20  GLY n 
1 21  TRP n 
1 22  LEU n 
1 23  LEU n 
1 24  LEU n 
1 25  GLU n 
1 26  ASP n 
1 27  GLY n 
1 28  CYS n 
1 29  GLU n 
1 30  VAL n 
1 31  THR n 
1 32  VAL n 
1 33  GLY n 
1 34  ARG n 
1 35  GLY n 
1 36  PHE n 
1 37  GLY n 
1 38  VAL n 
1 39  THR n 
1 40  TYR n 
1 41  GLN n 
1 42  LEU n 
1 43  VAL n 
1 44  SER n 
1 45  LYS n 
1 46  ILE n 
1 47  CYS n 
1 48  PRO n 
1 49  LEU n 
1 50  MET n 
1 51  ILE n 
1 52  SER n 
1 53  ARG n 
1 54  ASN n 
1 55  HIS n 
1 56  CYS n 
1 57  VAL n 
1 58  LEU n 
1 59  LYS n 
1 60  GLN n 
1 61  ASN n 
1 62  PRO n 
1 63  GLU n 
1 64  GLY n 
1 65  GLN n 
1 66  TRP n 
1 67  THR n 
1 68  ILE n 
1 69  MET n 
1 70  ASP n 
1 71  ASN n 
1 72  LYS n 
1 73  SER n 
1 74  LEU n 
1 75  ASN n 
1 76  GLY n 
1 77  VAL n 
1 78  TRP n 
1 79  LEU n 
1 80  ASN n 
1 81  ARG n 
1 82  ALA n 
1 83  ARG n 
1 84  LEU n 
1 85  GLU n 
1 86  PRO n 
1 87  LEU n 
1 88  ARG n 
1 89  VAL n 
1 90  TYR n 
1 91  SER n 
1 92  ILE n 
1 93  HIS n 
1 94  GLN n 
1 95  GLY n 
1 96  ASP n 
1 97  TYR n 
1 98  ILE n 
1 99  GLN n 
1 100 LEU n 
1 101 GLY n 
1 102 VAL n 
1 103 PRO n 
1 104 LEU n 
1 105 GLU n 
1 106 ASN n 
1 107 LYS n 
1 108 GLU n 
1 109 ASN n 
1 110 ALA n 
1 111 GLU n 
1 112 TYR n 
1 113 GLU n 
1 114 TYR n 
1 115 GLU n 
1 116 VAL n 
1 117 THR n 
1 118 GLU n 
1 119 GLU n 
1 120 ASP n 
1 121 TRP n 
1 122 GLU n 
1 123 THR n 
1 124 ILE n 
1 125 TYR n 
1 126 PRO n 
1 127 CYS n 
1 128 LEU n 
1 129 SER n 
1 130 PRO n 
1 131 LYS n 
1 132 ASN n 
1 133 ASP n 
1 134 GLN n 
1 135 MET n 
1 136 ILE n 
1 137 GLU n 
1 138 LYS n 
2 1   GLU n 
2 2   LEU n 
2 3   LYS n 
2 4   TPO n 
2 5   GLU n 
2 6   ARG n 
2 7   TYR n 
# 
_entity_src_gen.entity_id                          1 
_entity_src_gen.pdbx_src_id                        1 
_entity_src_gen.pdbx_alt_source_flag               sample 
_entity_src_gen.pdbx_seq_type                      ? 
_entity_src_gen.pdbx_beg_seq_num                   ? 
_entity_src_gen.pdbx_end_seq_num                   ? 
_entity_src_gen.gene_src_common_name               human 
_entity_src_gen.gene_src_genus                     Homo 
_entity_src_gen.pdbx_gene_src_gene                 'RNF8, KIAA0646' 
_entity_src_gen.gene_src_species                   ? 
_entity_src_gen.gene_src_strain                    ? 
_entity_src_gen.gene_src_tissue                    ? 
_entity_src_gen.gene_src_tissue_fraction           ? 
_entity_src_gen.gene_src_details                   ? 
_entity_src_gen.pdbx_gene_src_fragment             ? 
_entity_src_gen.pdbx_gene_src_scientific_name      'Homo sapiens' 
_entity_src_gen.pdbx_gene_src_ncbi_taxonomy_id     9606 
_entity_src_gen.pdbx_gene_src_variant              ? 
_entity_src_gen.pdbx_gene_src_cell_line            ? 
_entity_src_gen.pdbx_gene_src_atcc                 ? 
_entity_src_gen.pdbx_gene_src_organ                ? 
_entity_src_gen.pdbx_gene_src_organelle            ? 
_entity_src_gen.pdbx_gene_src_cell                 ? 
_entity_src_gen.pdbx_gene_src_cellular_location    ? 
_entity_src_gen.host_org_common_name               ? 
_entity_src_gen.pdbx_host_org_scientific_name      'Escherichia coli' 
_entity_src_gen.pdbx_host_org_ncbi_taxonomy_id     562 
_entity_src_gen.host_org_genus                     Escherichia 
_entity_src_gen.pdbx_host_org_gene                 ? 
_entity_src_gen.pdbx_host_org_organ                ? 
_entity_src_gen.host_org_species                   ? 
_entity_src_gen.pdbx_host_org_tissue               ? 
_entity_src_gen.pdbx_host_org_tissue_fraction      ? 
_entity_src_gen.pdbx_host_org_strain               'Rosetta 2' 
_entity_src_gen.pdbx_host_org_variant              ? 
_entity_src_gen.pdbx_host_org_cell_line            ? 
_entity_src_gen.pdbx_host_org_atcc                 ? 
_entity_src_gen.pdbx_host_org_culture_collection   ? 
_entity_src_gen.pdbx_host_org_cell                 ? 
_entity_src_gen.pdbx_host_org_organelle            ? 
_entity_src_gen.pdbx_host_org_cellular_location    ? 
_entity_src_gen.pdbx_host_org_vector_type          plasmid 
_entity_src_gen.pdbx_host_org_vector               ? 
_entity_src_gen.host_org_details                   ? 
_entity_src_gen.expression_system_id               ? 
_entity_src_gen.plasmid_name                       pET28a 
_entity_src_gen.plasmid_details                    ? 
_entity_src_gen.pdbx_description                   ? 
# 
_pdbx_entity_src_syn.entity_id              2 
_pdbx_entity_src_syn.pdbx_src_id            1 
_pdbx_entity_src_syn.pdbx_alt_source_flag   sample 
_pdbx_entity_src_syn.pdbx_beg_seq_num       ? 
_pdbx_entity_src_syn.pdbx_end_seq_num       ? 
_pdbx_entity_src_syn.organism_scientific    ? 
_pdbx_entity_src_syn.organism_common_name   ? 
_pdbx_entity_src_syn.ncbi_taxonomy_id       ? 
_pdbx_entity_src_syn.details                'synthetic phosphopeptide' 
# 
loop_
_chem_comp.id 
_chem_comp.type 
_chem_comp.mon_nstd_flag 
_chem_comp.name 
_chem_comp.pdbx_synonyms 
_chem_comp.formula 
_chem_comp.formula_weight 
ALA 'L-peptide linking' y ALANINE          ?                  'C3 H7 N O2'     89.093  
ARG 'L-peptide linking' y ARGININE         ?                  'C6 H15 N4 O2 1' 175.209 
ASN 'L-peptide linking' y ASPARAGINE       ?                  'C4 H8 N2 O3'    132.118 
ASP 'L-peptide linking' y 'ASPARTIC ACID'  ?                  'C4 H7 N O4'     133.103 
CYS 'L-peptide linking' y CYSTEINE         ?                  'C3 H7 N O2 S'   121.158 
GLN 'L-peptide linking' y GLUTAMINE        ?                  'C5 H10 N2 O3'   146.144 
GLU 'L-peptide linking' y 'GLUTAMIC ACID'  ?                  'C5 H9 N O4'     147.129 
GLY 'peptide linking'   y GLYCINE          ?                  'C2 H5 N O2'     75.067  
HIS 'L-peptide linking' y HISTIDINE        ?                  'C6 H10 N3 O2 1' 156.162 
HOH non-polymer         . WATER            ?                  'H2 O'           18.015  
ILE 'L-peptide linking' y ISOLEUCINE       ?                  'C6 H13 N O2'    131.173 
LEU 'L-peptide linking' y LEUCINE          ?                  'C6 H13 N O2'    131.173 
LYS 'L-peptide linking' y LYSINE           ?                  'C6 H15 N2 O2 1' 147.195 
MET 'L-peptide linking' y METHIONINE       ?                  'C5 H11 N O2 S'  149.211 
PHE 'L-peptide linking' y PHENYLALANINE    ?                  'C9 H11 N O2'    165.189 
PRO 'L-peptide linking' y PROLINE          ?                  'C5 H9 N O2'     115.130 
SER 'L-peptide linking' y SERINE           ?                  'C3 H7 N O3'     105.093 
THR 'L-peptide linking' y THREONINE        ?                  'C4 H9 N O3'     119.119 
TPO 'L-peptide linking' n PHOSPHOTHREONINE PHOSPHONOTHREONINE 'C4 H10 N O6 P'  199.099 
TRP 'L-peptide linking' y TRYPTOPHAN       ?                  'C11 H12 N2 O2'  204.225 
TYR 'L-peptide linking' y TYROSINE         ?                  'C9 H11 N O3'    181.189 
VAL 'L-peptide linking' y VALINE           ?                  'C5 H11 N O2'    117.146 
# 
loop_
_pdbx_poly_seq_scheme.asym_id 
_pdbx_poly_seq_scheme.entity_id 
_pdbx_poly_seq_scheme.seq_id 
_pdbx_poly_seq_scheme.mon_id 
_pdbx_poly_seq_scheme.ndb_seq_num 
_pdbx_poly_seq_scheme.pdb_seq_num 
_pdbx_poly_seq_scheme.auth_seq_num 
_pdbx_poly_seq_scheme.pdb_mon_id 
_pdbx_poly_seq_scheme.auth_mon_id 
_pdbx_poly_seq_scheme.pdb_strand_id 
_pdbx_poly_seq_scheme.pdb_ins_code 
_pdbx_poly_seq_scheme.hetero 
A 1 1   GLY 1   9   9   GLY GLY A . n 
A 1 2   ALA 2   10  10  ALA ALA A . n 
A 1 3   HIS 3   11  11  HIS HIS A . n 
A 1 4   MET 4   12  12  MET MET A . n 
A 1 5   ALA 5   13  13  ALA ALA A . n 
A 1 6   GLY 6   14  14  GLY GLY A . n 
A 1 7   GLY 7   15  15  GLY GLY A . n 
A 1 8   ARG 8   16  16  ARG ARG A . n 
A 1 9   SER 9   17  17  SER SER A . n 
A 1 10  TRP 10  18  18  TRP TRP A . n 
A 1 11  CYS 11  19  19  CYS CYS A . n 
A 1 12  LEU 12  20  20  LEU LEU A . n 
A 1 13  ARG 13  21  21  ARG ARG A . n 
A 1 14  ARG 14  22  22  ARG ARG A . n 
A 1 15  VAL 15  23  23  VAL VAL A . n 
A 1 16  GLY 16  24  24  GLY GLY A . n 
A 1 17  MET 17  25  25  MET MET A . n 
A 1 18  SER 18  26  26  SER SER A . n 
A 1 19  ALA 19  27  27  ALA ALA A . n 
A 1 20  GLY 20  28  28  GLY GLY A . n 
A 1 21  TRP 21  29  29  TRP TRP A . n 
A 1 22  LEU 22  30  30  LEU LEU A . n 
A 1 23  LEU 23  31  31  LEU LEU A . n 
A 1 24  LEU 24  32  32  LEU LEU A . n 
A 1 25  GLU 25  33  33  GLU GLU A . n 
A 1 26  ASP 26  34  34  ASP ASP A . n 
A 1 27  GLY 27  35  35  GLY GLY A . n 
A 1 28  CYS 28  36  36  CYS CYS A . n 
A 1 29  GLU 29  37  37  GLU GLU A . n 
A 1 30  VAL 30  38  38  VAL VAL A . n 
A 1 31  THR 31  39  39  THR THR A . n 
A 1 32  VAL 32  40  40  VAL VAL A . n 
A 1 33  GLY 33  41  41  GLY GLY A . n 
A 1 34  ARG 34  42  42  ARG ARG A . n 
A 1 35  GLY 35  43  43  GLY GLY A . n 
A 1 36  PHE 36  44  44  PHE PHE A . n 
A 1 37  GLY 37  45  45  GLY GLY A . n 
A 1 38  VAL 38  46  46  VAL VAL A . n 
A 1 39  THR 39  47  47  THR THR A . n 
A 1 40  TYR 40  48  48  TYR TYR A . n 
A 1 41  GLN 41  49  49  GLN GLN A . n 
A 1 42  LEU 42  50  50  LEU LEU A . n 
A 1 43  VAL 43  51  51  VAL VAL A . n 
A 1 44  SER 44  52  52  SER SER A . n 
A 1 45  LYS 45  53  53  LYS LYS A . n 
A 1 46  ILE 46  54  54  ILE ILE A . n 
A 1 47  CYS 47  55  55  CYS CYS A . n 
A 1 48  PRO 48  56  56  PRO PRO A . n 
A 1 49  LEU 49  57  57  LEU LEU A . n 
A 1 50  MET 50  58  58  MET MET A . n 
A 1 51  ILE 51  59  59  ILE ILE A . n 
A 1 52  SER 52  60  60  SER SER A . n 
A 1 53  ARG 53  61  61  ARG ARG A . n 
A 1 54  ASN 54  62  62  ASN ASN A . n 
A 1 55  HIS 55  63  63  HIS HIS A . n 
A 1 56  CYS 56  64  64  CYS CYS A . n 
A 1 57  VAL 57  65  65  VAL VAL A . n 
A 1 58  LEU 58  66  66  LEU LEU A . n 
A 1 59  LYS 59  67  67  LYS LYS A . n 
A 1 60  GLN 60  68  68  GLN GLN A . n 
A 1 61  ASN 61  69  69  ASN ASN A . n 
A 1 62  PRO 62  70  70  PRO PRO A . n 
A 1 63  GLU 63  71  71  GLU GLU A . n 
A 1 64  GLY 64  72  72  GLY GLY A . n 
A 1 65  GLN 65  73  73  GLN GLN A . n 
A 1 66  TRP 66  74  74  TRP TRP A . n 
A 1 67  THR 67  75  75  THR THR A . n 
A 1 68  ILE 68  76  76  ILE ILE A . n 
A 1 69  MET 69  77  77  MET MET A . n 
A 1 70  ASP 70  78  78  ASP ASP A . n 
A 1 71  ASN 71  79  79  ASN ASN A . n 
A 1 72  LYS 72  80  80  LYS LYS A . n 
A 1 73  SER 73  81  81  SER SER A . n 
A 1 74  LEU 74  82  82  LEU LEU A . n 
A 1 75  ASN 75  83  83  ASN ASN A . n 
A 1 76  GLY 76  84  84  GLY GLY A . n 
A 1 77  VAL 77  85  85  VAL VAL A . n 
A 1 78  TRP 78  86  86  TRP TRP A . n 
A 1 79  LEU 79  87  87  LEU LEU A . n 
A 1 80  ASN 80  88  88  ASN ASN A . n 
A 1 81  ARG 81  89  89  ARG ARG A . n 
A 1 82  ALA 82  90  90  ALA ALA A . n 
A 1 83  ARG 83  91  91  ARG ARG A . n 
A 1 84  LEU 84  92  92  LEU LEU A . n 
A 1 85  GLU 85  93  93  GLU GLU A . n 
A 1 86  PRO 86  94  94  PRO PRO A . n 
A 1 87  LEU 87  95  95  LEU LEU A . n 
A 1 88  ARG 88  96  96  ARG ARG A . n 
A 1 89  VAL 89  97  97  VAL VAL A . n 
A 1 90  TYR 90  98  98  TYR TYR A . n 
A 1 91  SER 91  99  99  SER SER A . n 
A 1 92  ILE 92  100 100 ILE ILE A . n 
A 1 93  HIS 93  101 101 HIS HIS A . n 
A 1 94  GLN 94  102 102 GLN GLN A . n 
A 1 95  GLY 95  103 103 GLY GLY A . n 
A 1 96  ASP 96  104 104 ASP ASP A . n 
A 1 97  TYR 97  105 105 TYR TYR A . n 
A 1 98  ILE 98  106 106 ILE ILE A . n 
A 1 99  GLN 99  107 107 GLN GLN A . n 
A 1 100 LEU 100 108 108 LEU LEU A . n 
A 1 101 GLY 101 109 109 GLY GLY A . n 
A 1 102 VAL 102 110 110 VAL VAL A . n 
A 1 103 PRO 103 111 111 PRO PRO A . n 
A 1 104 LEU 104 112 112 LEU LEU A . n 
A 1 105 GLU 105 113 113 GLU GLU A . n 
A 1 106 ASN 106 114 114 ASN ASN A . n 
A 1 107 LYS 107 115 115 LYS LYS A . n 
A 1 108 GLU 108 116 116 GLU GLU A . n 
A 1 109 ASN 109 117 117 ASN ASN A . n 
A 1 110 ALA 110 118 118 ALA ALA A . n 
A 1 111 GLU 111 119 119 GLU GLU A . n 
A 1 112 TYR 112 120 120 TYR TYR A . n 
A 1 113 GLU 113 121 121 GLU GLU A . n 
A 1 114 TYR 114 122 122 TYR TYR A . n 
A 1 115 GLU 115 123 123 GLU GLU A . n 
A 1 116 VAL 116 124 124 VAL VAL A . n 
A 1 117 THR 117 125 125 THR THR A . n 
A 1 118 GLU 118 126 126 GLU GLU A . n 
A 1 119 GLU 119 127 127 GLU GLU A . n 
A 1 120 ASP 120 128 128 ASP ASP A . n 
A 1 121 TRP 121 129 129 TRP TRP A . n 
A 1 122 GLU 122 130 130 GLU GLU A . n 
A 1 123 THR 123 131 131 THR THR A . n 
A 1 124 ILE 124 132 132 ILE ILE A . n 
A 1 125 TYR 125 133 133 TYR TYR A . n 
A 1 126 PRO 126 134 134 PRO PRO A . n 
A 1 127 CYS 127 135 135 CYS CYS A . n 
A 1 128 LEU 128 136 136 LEU LEU A . n 
A 1 129 SER 129 137 137 SER SER A . n 
A 1 130 PRO 130 138 138 PRO PRO A . n 
A 1 131 LYS 131 139 139 LYS LYS A . n 
A 1 132 ASN 132 140 140 ASN ASN A . n 
A 1 133 ASP 133 141 ?   ?   ?   A . n 
A 1 134 GLN 134 142 ?   ?   ?   A . n 
A 1 135 MET 135 143 ?   ?   ?   A . n 
A 1 136 ILE 136 144 ?   ?   ?   A . n 
A 1 137 GLU 137 145 ?   ?   ?   A . n 
A 1 138 LYS 138 146 ?   ?   ?   A . n 
B 2 1   GLU 1   1   1   GLU GLU F . n 
B 2 2   LEU 2   2   2   LEU LEU F . n 
B 2 3   LYS 3   3   3   LYS LYS F . n 
B 2 4   TPO 4   4   4   TPO TPO F . n 
B 2 5   GLU 5   5   5   GLU GLU F . n 
B 2 6   ARG 6   6   6   ARG ARG F . n 
B 2 7   TYR 7   7   7   TYR TYR F . n 
# 
loop_
_pdbx_nonpoly_scheme.asym_id 
_pdbx_nonpoly_scheme.entity_id 
_pdbx_nonpoly_scheme.mon_id 
_pdbx_nonpoly_scheme.ndb_seq_num 
_pdbx_nonpoly_scheme.pdb_seq_num 
_pdbx_nonpoly_scheme.auth_seq_num 
_pdbx_nonpoly_scheme.pdb_mon_id 
_pdbx_nonpoly_scheme.auth_mon_id 
_pdbx_nonpoly_scheme.pdb_strand_id 
_pdbx_nonpoly_scheme.pdb_ins_code 
C 3 HOH 1   147 1   HOH HOH A . 
C 3 HOH 2   148 3   HOH HOH A . 
C 3 HOH 3   149 4   HOH HOH A . 
C 3 HOH 4   150 5   HOH HOH A . 
C 3 HOH 5   151 6   HOH HOH A . 
C 3 HOH 6   152 7   HOH HOH A . 
C 3 HOH 7   153 8   HOH HOH A . 
C 3 HOH 8   154 9   HOH HOH A . 
C 3 HOH 9   155 10  HOH HOH A . 
C 3 HOH 10  156 11  HOH HOH A . 
C 3 HOH 11  157 12  HOH HOH A . 
C 3 HOH 12  158 13  HOH HOH A . 
C 3 HOH 13  159 15  HOH HOH A . 
C 3 HOH 14  160 16  HOH HOH A . 
C 3 HOH 15  161 18  HOH HOH A . 
C 3 HOH 16  162 19  HOH HOH A . 
C 3 HOH 17  163 20  HOH HOH A . 
C 3 HOH 18  164 21  HOH HOH A . 
C 3 HOH 19  165 22  HOH HOH A . 
C 3 HOH 20  166 23  HOH HOH A . 
C 3 HOH 21  167 24  HOH HOH A . 
C 3 HOH 22  168 25  HOH HOH A . 
C 3 HOH 23  169 26  HOH HOH A . 
C 3 HOH 24  170 28  HOH HOH A . 
C 3 HOH 25  171 29  HOH HOH A . 
C 3 HOH 26  172 30  HOH HOH A . 
C 3 HOH 27  173 31  HOH HOH A . 
C 3 HOH 28  174 32  HOH HOH A . 
C 3 HOH 29  175 34  HOH HOH A . 
C 3 HOH 30  176 35  HOH HOH A . 
C 3 HOH 31  177 36  HOH HOH A . 
C 3 HOH 32  178 37  HOH HOH A . 
C 3 HOH 33  179 38  HOH HOH A . 
C 3 HOH 34  180 39  HOH HOH A . 
C 3 HOH 35  181 40  HOH HOH A . 
C 3 HOH 36  182 41  HOH HOH A . 
C 3 HOH 37  183 42  HOH HOH A . 
C 3 HOH 38  184 43  HOH HOH A . 
C 3 HOH 39  185 44  HOH HOH A . 
C 3 HOH 40  186 45  HOH HOH A . 
C 3 HOH 41  187 46  HOH HOH A . 
C 3 HOH 42  188 48  HOH HOH A . 
C 3 HOH 43  189 49  HOH HOH A . 
C 3 HOH 44  190 50  HOH HOH A . 
C 3 HOH 45  191 51  HOH HOH A . 
C 3 HOH 46  192 53  HOH HOH A . 
C 3 HOH 47  193 54  HOH HOH A . 
C 3 HOH 48  194 55  HOH HOH A . 
C 3 HOH 49  195 56  HOH HOH A . 
C 3 HOH 50  196 57  HOH HOH A . 
C 3 HOH 51  197 58  HOH HOH A . 
C 3 HOH 52  198 59  HOH HOH A . 
C 3 HOH 53  199 60  HOH HOH A . 
C 3 HOH 54  200 61  HOH HOH A . 
C 3 HOH 55  201 62  HOH HOH A . 
C 3 HOH 56  202 63  HOH HOH A . 
C 3 HOH 57  203 64  HOH HOH A . 
C 3 HOH 58  204 65  HOH HOH A . 
C 3 HOH 59  205 66  HOH HOH A . 
C 3 HOH 60  206 67  HOH HOH A . 
C 3 HOH 61  207 68  HOH HOH A . 
C 3 HOH 62  208 69  HOH HOH A . 
C 3 HOH 63  209 70  HOH HOH A . 
C 3 HOH 64  210 71  HOH HOH A . 
C 3 HOH 65  211 72  HOH HOH A . 
C 3 HOH 66  212 73  HOH HOH A . 
C 3 HOH 67  213 74  HOH HOH A . 
C 3 HOH 68  214 75  HOH HOH A . 
C 3 HOH 69  215 77  HOH HOH A . 
C 3 HOH 70  216 78  HOH HOH A . 
C 3 HOH 71  217 79  HOH HOH A . 
C 3 HOH 72  218 80  HOH HOH A . 
C 3 HOH 73  219 81  HOH HOH A . 
C 3 HOH 74  220 83  HOH HOH A . 
C 3 HOH 75  221 85  HOH HOH A . 
C 3 HOH 76  222 86  HOH HOH A . 
C 3 HOH 77  223 87  HOH HOH A . 
C 3 HOH 78  224 88  HOH HOH A . 
C 3 HOH 79  225 89  HOH HOH A . 
C 3 HOH 80  226 91  HOH HOH A . 
C 3 HOH 81  227 92  HOH HOH A . 
C 3 HOH 82  228 93  HOH HOH A . 
C 3 HOH 83  229 94  HOH HOH A . 
C 3 HOH 84  230 96  HOH HOH A . 
C 3 HOH 85  231 97  HOH HOH A . 
C 3 HOH 86  232 99  HOH HOH A . 
C 3 HOH 87  233 100 HOH HOH A . 
C 3 HOH 88  234 102 HOH HOH A . 
C 3 HOH 89  235 103 HOH HOH A . 
C 3 HOH 90  236 104 HOH HOH A . 
C 3 HOH 91  237 105 HOH HOH A . 
C 3 HOH 92  238 107 HOH HOH A . 
C 3 HOH 93  239 108 HOH HOH A . 
C 3 HOH 94  240 109 HOH HOH A . 
C 3 HOH 95  241 110 HOH HOH A . 
C 3 HOH 96  242 111 HOH HOH A . 
C 3 HOH 97  243 112 HOH HOH A . 
C 3 HOH 98  244 113 HOH HOH A . 
C 3 HOH 99  245 114 HOH HOH A . 
C 3 HOH 100 246 115 HOH HOH A . 
C 3 HOH 101 247 117 HOH HOH A . 
C 3 HOH 102 248 118 HOH HOH A . 
C 3 HOH 103 249 119 HOH HOH A . 
C 3 HOH 104 250 120 HOH HOH A . 
C 3 HOH 105 251 122 HOH HOH A . 
C 3 HOH 106 252 123 HOH HOH A . 
C 3 HOH 107 253 124 HOH HOH A . 
C 3 HOH 108 254 125 HOH HOH A . 
C 3 HOH 109 255 126 HOH HOH A . 
C 3 HOH 110 256 127 HOH HOH A . 
C 3 HOH 111 257 128 HOH HOH A . 
C 3 HOH 112 258 129 HOH HOH A . 
C 3 HOH 113 259 130 HOH HOH A . 
C 3 HOH 114 260 131 HOH HOH A . 
C 3 HOH 115 261 132 HOH HOH A . 
C 3 HOH 116 262 133 HOH HOH A . 
C 3 HOH 117 263 134 HOH HOH A . 
C 3 HOH 118 264 135 HOH HOH A . 
C 3 HOH 119 265 136 HOH HOH A . 
C 3 HOH 120 266 137 HOH HOH A . 
C 3 HOH 121 267 138 HOH HOH A . 
C 3 HOH 122 268 139 HOH HOH A . 
C 3 HOH 123 269 140 HOH HOH A . 
C 3 HOH 124 270 141 HOH HOH A . 
C 3 HOH 125 271 142 HOH HOH A . 
C 3 HOH 126 272 143 HOH HOH A . 
C 3 HOH 127 273 144 HOH HOH A . 
C 3 HOH 128 274 145 HOH HOH A . 
C 3 HOH 129 275 146 HOH HOH A . 
C 3 HOH 130 276 148 HOH HOH A . 
C 3 HOH 131 277 152 HOH HOH A . 
C 3 HOH 132 278 154 HOH HOH A . 
C 3 HOH 133 279 155 HOH HOH A . 
C 3 HOH 134 280 156 HOH HOH A . 
C 3 HOH 135 281 157 HOH HOH A . 
C 3 HOH 136 282 158 HOH HOH A . 
C 3 HOH 137 283 159 HOH HOH A . 
C 3 HOH 138 284 160 HOH HOH A . 
C 3 HOH 139 285 161 HOH HOH A . 
C 3 HOH 140 286 162 HOH HOH A . 
C 3 HOH 141 287 163 HOH HOH A . 
C 3 HOH 142 288 164 HOH HOH A . 
C 3 HOH 143 289 165 HOH HOH A . 
C 3 HOH 144 290 167 HOH HOH A . 
C 3 HOH 145 291 168 HOH HOH A . 
C 3 HOH 146 292 169 HOH HOH A . 
C 3 HOH 147 293 170 HOH HOH A . 
C 3 HOH 148 294 171 HOH HOH A . 
C 3 HOH 149 295 172 HOH HOH A . 
C 3 HOH 150 296 173 HOH HOH A . 
C 3 HOH 151 297 177 HOH HOH A . 
C 3 HOH 152 298 180 HOH HOH A . 
C 3 HOH 153 299 182 HOH HOH A . 
C 3 HOH 154 300 184 HOH HOH A . 
C 3 HOH 155 301 185 HOH HOH A . 
C 3 HOH 156 302 186 HOH HOH A . 
C 3 HOH 157 303 196 HOH HOH A . 
C 3 HOH 158 304 200 HOH HOH A . 
C 3 HOH 159 305 203 HOH HOH A . 
C 3 HOH 160 306 204 HOH HOH A . 
C 3 HOH 161 307 205 HOH HOH A . 
C 3 HOH 162 308 209 HOH HOH A . 
C 3 HOH 163 309 210 HOH HOH A . 
C 3 HOH 164 310 212 HOH HOH A . 
C 3 HOH 165 311 213 HOH HOH A . 
C 3 HOH 166 312 214 HOH HOH A . 
C 3 HOH 167 313 219 HOH HOH A . 
C 3 HOH 168 314 220 HOH HOH A . 
C 3 HOH 169 315 227 HOH HOH A . 
C 3 HOH 170 316 228 HOH HOH A . 
C 3 HOH 171 317 230 HOH HOH A . 
C 3 HOH 172 318 231 HOH HOH A . 
C 3 HOH 173 319 232 HOH HOH A . 
C 3 HOH 174 320 233 HOH HOH A . 
C 3 HOH 175 321 234 HOH HOH A . 
C 3 HOH 176 322 235 HOH HOH A . 
C 3 HOH 177 323 236 HOH HOH A . 
C 3 HOH 178 324 237 HOH HOH A . 
C 3 HOH 179 325 238 HOH HOH A . 
D 3 HOH 1   8   2   HOH HOH F . 
D 3 HOH 2   9   14  HOH HOH F . 
D 3 HOH 3   10  17  HOH HOH F . 
D 3 HOH 4   11  47  HOH HOH F . 
D 3 HOH 5   12  76  HOH HOH F . 
D 3 HOH 6   13  82  HOH HOH F . 
D 3 HOH 7   14  90  HOH HOH F . 
D 3 HOH 8   15  95  HOH HOH F . 
D 3 HOH 9   16  101 HOH HOH F . 
D 3 HOH 10  17  151 HOH HOH F . 
D 3 HOH 11  18  229 HOH HOH F . 
# 
loop_
_software.name 
_software.version 
_software.date 
_software.type 
_software.contact_author 
_software.contact_author_email 
_software.classification 
_software.location 
_software.language 
_software.citation_id 
_software.pdbx_ordinal 
DENZO       .       ?                package 'Zbyszek Otwinowski' zbyszek@mix.swmed.edu       'data reduction'  
http://www.lnls.br/infra/linhasluz/denzo-hkl.htm ?          ? 1 
SCALEPACK   .       ?                package 'Zbyszek Otwinowski' zbyszek@mix.swmed.edu       'data scaling'    
http://www.lnls.br/infra/linhasluz/denzo-hkl.htm ?          ? 2 
PHASER      .       ?                other   'R. J. Read'         cimr-phaser@lists.cam.ac.uk phasing           
http://www-structmed.cimr.cam.ac.uk/phaser/      ?          ? 3 
REFMAC      .       ?                program 'Murshudov, G.N.'    ccp4@dl.ac.uk               refinement        
http://www.ccp4.ac.uk/main.html                  Fortran_77 ? 4 
PDB_EXTRACT 2.000   'April. 3, 2006' package PDB                  sw-help@rcsb.rutgers.edu    'data extraction' 
http://pdb.rutgers.edu/software/                 C++        ? 5 
ADSC        Quantum ?                ?       ?                    ?                           'data collection' ? ?          ? 6 
HKL-2000    .       ?                ?       ?                    ?                           'data reduction'  ? ?          ? 7 
# 
_cell.length_a           34.632 
_cell.length_b           76.865 
_cell.length_c           120.744 
_cell.angle_alpha        90.000 
_cell.angle_beta         90.000 
_cell.angle_gamma        90.000 
_cell.entry_id           2PIE 
_cell.pdbx_unique_axis   ? 
_cell.Z_PDB              8 
_cell.length_a_esd       ? 
_cell.length_b_esd       ? 
_cell.length_c_esd       ? 
_cell.angle_alpha_esd    ? 
_cell.angle_beta_esd     ? 
_cell.angle_gamma_esd    ? 
# 
_symmetry.space_group_name_H-M             'C 2 2 21' 
_symmetry.entry_id                         2PIE 
_symmetry.Int_Tables_number                20 
_symmetry.pdbx_full_space_group_name_H-M   ? 
_symmetry.cell_setting                     ? 
_symmetry.space_group_name_Hall            ? 
# 
_exptl.crystals_number   1 
_exptl.entry_id          2PIE 
_exptl.method            'X-RAY DIFFRACTION' 
# 
_exptl_crystal.id                    1 
_exptl_crystal.density_Matthews      2.39 
_exptl_crystal.density_meas          ? 
_exptl_crystal.density_percent_sol   48.51 
_exptl_crystal.description           ? 
_exptl_crystal.F_000                 ? 
_exptl_crystal.preparation           ? 
# 
_exptl_crystal_grow.crystal_id      1 
_exptl_crystal_grow.method          'batch crystallization' 
_exptl_crystal_grow.pH              8.0 
_exptl_crystal_grow.temp            277 
_exptl_crystal_grow.temp_details    ? 
_exptl_crystal_grow.pdbx_details    '4 mM Tris pH 8, 4 mM NaCl, 0.4 mM DTT, pH 8.0, batch crystallization, temperature 277K' 
_exptl_crystal_grow.pdbx_pH_range   . 
# 
_diffrn.id                     1 
_diffrn.ambient_temp           100 
_diffrn.ambient_temp_details   ? 
_diffrn.crystal_id             1 
# 
_diffrn_detector.diffrn_id              1 
_diffrn_detector.detector               CCD 
_diffrn_detector.type                   'ADSC QUANTUM 315' 
_diffrn_detector.pdbx_collection_date   2006-07-11 
_diffrn_detector.details                ? 
# 
_diffrn_radiation.diffrn_id                        1 
_diffrn_radiation.wavelength_id                    1 
_diffrn_radiation.pdbx_diffrn_protocol             'SINGLE WAVELENGTH' 
_diffrn_radiation.monochromator                    'silicon crystal' 
_diffrn_radiation.pdbx_monochromatic_or_laue_m_l   M 
_diffrn_radiation.pdbx_scattering_type             x-ray 
# 
_diffrn_radiation_wavelength.id           1 
_diffrn_radiation_wavelength.wavelength   0.979462 
_diffrn_radiation_wavelength.wt           1.0 
# 
_diffrn_source.diffrn_id                   1 
_diffrn_source.source                      SYNCHROTRON 
_diffrn_source.type                        'SSRL BEAMLINE BL9-2' 
_diffrn_source.pdbx_wavelength             ? 
_diffrn_source.pdbx_wavelength_list        0.979462 
_diffrn_source.pdbx_synchrotron_site       SSRL 
_diffrn_source.pdbx_synchrotron_beamline   BL9-2 
# 
_reflns.entry_id                     2PIE 
_reflns.d_resolution_high            1.350 
_reflns.d_resolution_low             50.000 
_reflns.number_obs                   35871 
_reflns.pdbx_Rmerge_I_obs            0.067 
_reflns.pdbx_netI_over_sigmaI        12.200 
_reflns.pdbx_chi_squared             1.719 
_reflns.pdbx_redundancy              9.000 
_reflns.percent_possible_obs         99.900 
_reflns.observed_criterion_sigma_F   0 
_reflns.observed_criterion_sigma_I   0 
_reflns.number_all                   ? 
_reflns.pdbx_Rsym_value              ? 
_reflns.B_iso_Wilson_estimate        ? 
_reflns.R_free_details               ? 
_reflns.limit_h_max                  ? 
_reflns.limit_h_min                  ? 
_reflns.limit_k_max                  ? 
_reflns.limit_k_min                  ? 
_reflns.limit_l_max                  ? 
_reflns.limit_l_min                  ? 
_reflns.observed_criterion_F_max     ? 
_reflns.observed_criterion_F_min     ? 
_reflns.pdbx_scaling_rejects         ? 
_reflns.pdbx_diffrn_id               1 
_reflns.pdbx_ordinal                 1 
# 
_reflns_shell.d_res_high             1.35 
_reflns_shell.d_res_low              1.40 
_reflns_shell.number_measured_obs    ? 
_reflns_shell.number_measured_all    ? 
_reflns_shell.number_unique_obs      ? 
_reflns_shell.Rmerge_I_obs           0.354 
_reflns_shell.meanI_over_sigI_obs    ? 
_reflns_shell.pdbx_Rsym_value        ? 
_reflns_shell.pdbx_chi_squared       0.507 
_reflns_shell.pdbx_redundancy        6.10 
_reflns_shell.percent_possible_obs   ? 
_reflns_shell.number_unique_all      3534 
_reflns_shell.percent_possible_all   100.00 
_reflns_shell.pdbx_diffrn_id         ? 
_reflns_shell.pdbx_ordinal           1 
# 
_refine.entry_id                                 2PIE 
_refine.ls_d_res_high                            1.350 
_refine.ls_d_res_low                             50 
_refine.pdbx_ls_sigma_F                          0.00 
_refine.ls_percent_reflns_obs                    99.790 
_refine.ls_number_reflns_obs                     35808 
_refine.pdbx_ls_cross_valid_method               THROUGHOUT 
_refine.pdbx_R_Free_selection_details            RANDOM 
_refine.details                                  'HYDROGENS HAVE BEEN ADDED IN THE RIDING POSITIONS' 
_refine.ls_R_factor_obs                          0.182 
_refine.ls_R_factor_R_work                       0.181 
_refine.ls_R_factor_R_free                       0.198 
_refine.ls_percent_reflns_R_free                 5.100 
_refine.ls_number_reflns_R_free                  1812 
_refine.B_iso_mean                               15.494 
_refine.aniso_B[1][1]                            -0.650 
_refine.aniso_B[2][2]                            0.850 
_refine.aniso_B[3][3]                            -0.200 
_refine.aniso_B[1][2]                            0.000 
_refine.aniso_B[1][3]                            0.000 
_refine.aniso_B[2][3]                            0.000 
_refine.correlation_coeff_Fo_to_Fc               0.967 
_refine.correlation_coeff_Fo_to_Fc_free          0.961 
_refine.pdbx_overall_ESU_R                       0.056 
_refine.pdbx_overall_ESU_R_Free                  0.056 
_refine.overall_SU_ML                            0.032 
_refine.overall_SU_B                             1.507 
_refine.solvent_model_details                    'BABINET MODEL WITH MASK' 
_refine.pdbx_solvent_vdw_probe_radii             1.400 
_refine.pdbx_solvent_ion_probe_radii             0.800 
_refine.pdbx_solvent_shrinkage_radii             0.800 
_refine.pdbx_stereochemistry_target_values       'MAXIMUM LIKELIHOOD' 
_refine.pdbx_ls_sigma_I                          ? 
_refine.ls_number_reflns_all                     ? 
_refine.ls_R_factor_all                          ? 
_refine.ls_redundancy_reflns_obs                 ? 
_refine.pdbx_data_cutoff_high_absF               ? 
_refine.pdbx_data_cutoff_low_absF                ? 
_refine.ls_number_parameters                     ? 
_refine.ls_number_restraints                     ? 
_refine.ls_R_factor_R_free_error                 ? 
_refine.ls_R_factor_R_free_error_details         ? 
_refine.pdbx_method_to_determine_struct          'MOLECULAR REPLACEMENT' 
_refine.pdbx_starting_model                      2CSW 
_refine.pdbx_stereochem_target_val_spec_case     ? 
_refine.solvent_model_param_bsol                 ? 
_refine.solvent_model_param_ksol                 ? 
_refine.occupancy_max                            ? 
_refine.occupancy_min                            ? 
_refine.pdbx_isotropic_thermal_model             isotropic 
_refine.B_iso_min                                ? 
_refine.B_iso_max                                ? 
_refine.overall_SU_R_Cruickshank_DPI             ? 
_refine.overall_SU_R_free                        ? 
_refine.pdbx_data_cutoff_high_rms_absF           ? 
_refine.ls_wR_factor_R_free                      ? 
_refine.ls_wR_factor_R_work                      ? 
_refine.overall_FOM_free_R_set                   ? 
_refine.overall_FOM_work_R_set                   ? 
_refine.pdbx_refine_id                           'X-RAY DIFFRACTION' 
_refine.pdbx_diffrn_id                           1 
_refine.pdbx_TLS_residual_ADP_flag               ? 
_refine.pdbx_overall_phase_error                 ? 
_refine.pdbx_overall_SU_R_free_Cruickshank_DPI   ? 
_refine.pdbx_overall_SU_R_Blow_DPI               ? 
_refine.pdbx_overall_SU_R_free_Blow_DPI          ? 
# 
_refine_hist.pdbx_refine_id                   'X-RAY DIFFRACTION' 
_refine_hist.cycle_id                         LAST 
_refine_hist.pdbx_number_atoms_protein        1239 
_refine_hist.pdbx_number_atoms_nucleic_acid   0 
_refine_hist.pdbx_number_atoms_ligand         0 
_refine_hist.number_atoms_solvent             190 
_refine_hist.number_atoms_total               1429 
_refine_hist.d_res_high                       1.350 
_refine_hist.d_res_low                        50 
# 
loop_
_refine_ls_restr.type 
_refine_ls_restr.number 
_refine_ls_restr.dev_ideal 
_refine_ls_restr.dev_ideal_target 
_refine_ls_restr.weight 
_refine_ls_restr.pdbx_refine_id 
_refine_ls_restr.pdbx_restraint_function 
r_bond_refined_d         1282 0.011  0.022  ? 'X-RAY DIFFRACTION' ? 
r_bond_other_d           891  0.002  0.020  ? 'X-RAY DIFFRACTION' ? 
r_angle_refined_deg      1757 1.539  1.962  ? 'X-RAY DIFFRACTION' ? 
r_angle_other_deg        2173 0.908  3.000  ? 'X-RAY DIFFRACTION' ? 
r_dihedral_angle_1_deg   167  6.760  5.000  ? 'X-RAY DIFFRACTION' ? 
r_dihedral_angle_2_deg   63   34.279 23.651 ? 'X-RAY DIFFRACTION' ? 
r_dihedral_angle_3_deg   230  12.624 15.000 ? 'X-RAY DIFFRACTION' ? 
r_dihedral_angle_4_deg   11   15.289 15.000 ? 'X-RAY DIFFRACTION' ? 
r_chiral_restr           181  0.093  0.200  ? 'X-RAY DIFFRACTION' ? 
r_gen_planes_refined     1463 0.008  0.020  ? 'X-RAY DIFFRACTION' ? 
r_gen_planes_other       270  0.002  0.020  ? 'X-RAY DIFFRACTION' ? 
r_nbd_refined            182  0.197  0.200  ? 'X-RAY DIFFRACTION' ? 
r_nbd_other              878  0.192  0.200  ? 'X-RAY DIFFRACTION' ? 
r_nbtor_refined          591  0.177  0.200  ? 'X-RAY DIFFRACTION' ? 
r_nbtor_other            711  0.083  0.200  ? 'X-RAY DIFFRACTION' ? 
r_xyhbond_nbd_refined    103  0.100  0.200  ? 'X-RAY DIFFRACTION' ? 
r_symmetry_vdw_refined   23   0.427  0.200  ? 'X-RAY DIFFRACTION' ? 
r_symmetry_vdw_other     57   0.403  0.200  ? 'X-RAY DIFFRACTION' ? 
r_symmetry_hbond_refined 17   0.112  0.200  ? 'X-RAY DIFFRACTION' ? 
r_mcbond_it              1000 1.177  1.500  ? 'X-RAY DIFFRACTION' ? 
r_mcbond_other           309  0.226  1.500  ? 'X-RAY DIFFRACTION' ? 
r_mcangle_it             1236 1.322  2.000  ? 'X-RAY DIFFRACTION' ? 
r_scbond_it              630  2.037  3.000  ? 'X-RAY DIFFRACTION' ? 
r_scangle_it             512  2.835  4.500  ? 'X-RAY DIFFRACTION' ? 
# 
_refine_ls_shell.d_res_high                       1.351 
_refine_ls_shell.d_res_low                        1.386 
_refine_ls_shell.pdbx_total_number_of_bins_used   20 
_refine_ls_shell.percent_reflns_obs               97.900 
_refine_ls_shell.number_reflns_R_work             2435 
_refine_ls_shell.R_factor_all                     ? 
_refine_ls_shell.R_factor_R_work                  0.202 
_refine_ls_shell.R_factor_R_free                  0.242 
_refine_ls_shell.percent_reflns_R_free            ? 
_refine_ls_shell.number_reflns_R_free             126 
_refine_ls_shell.R_factor_R_free_error            ? 
_refine_ls_shell.number_reflns_all                ? 
_refine_ls_shell.number_reflns_obs                2561 
_refine_ls_shell.redundancy_reflns_obs            ? 
_refine_ls_shell.pdbx_refine_id                   'X-RAY DIFFRACTION' 
# 
_struct.entry_id                  2PIE 
_struct.title                     'Crystal structure of the FHA domain of RNF8 in complex with its optimal phosphopeptide' 
_struct.pdbx_model_details        ? 
_struct.pdbx_CASP_flag            ? 
_struct.pdbx_model_type_details   ? 
# 
_struct_keywords.entry_id        2PIE 
_struct_keywords.pdbx_keywords   LIGASE 
_struct_keywords.text            'FHA domain, phosphopeptide, complex, LIGASE, SIGNALING PROTEIN' 
# 
loop_
_struct_asym.id 
_struct_asym.pdbx_blank_PDB_chainid_flag 
_struct_asym.pdbx_modified 
_struct_asym.entity_id 
_struct_asym.details 
A N N 1 ? 
B N N 2 ? 
C N N 3 ? 
D N N 3 ? 
# 
loop_
_struct_ref.id 
_struct_ref.db_name 
_struct_ref.db_code 
_struct_ref.pdbx_db_accession 
_struct_ref.entity_id 
_struct_ref.pdbx_seq_one_letter_code 
_struct_ref.pdbx_align_begin 
_struct_ref.pdbx_db_isoform 
1 UNP RNF8_HUMAN O76064 1 
;AGGRSWCLRRVGMSAGWLLLEDGCEVTVGRGFGVTYQLVSKICPLMISRNHCVLKQNPEGQWTIMDNKSLNGVWLNRARL
EPLRVYSIHQGDYIQLGVPLENKENAEYEYEVTEEDWETIYPCLSPKNDQMIEK
;
13 ? 
2 PDB 2PIE       2PIE   2 ? ?  ? 
# 
loop_
_struct_ref_seq.align_id 
_struct_ref_seq.ref_id 
_struct_ref_seq.pdbx_PDB_id_code 
_struct_ref_seq.pdbx_strand_id 
_struct_ref_seq.seq_align_beg 
_struct_ref_seq.pdbx_seq_align_beg_ins_code 
_struct_ref_seq.seq_align_end 
_struct_ref_seq.pdbx_seq_align_end_ins_code 
_struct_ref_seq.pdbx_db_accession 
_struct_ref_seq.db_align_beg 
_struct_ref_seq.pdbx_db_align_beg_ins_code 
_struct_ref_seq.db_align_end 
_struct_ref_seq.pdbx_db_align_end_ins_code 
_struct_ref_seq.pdbx_auth_seq_align_beg 
_struct_ref_seq.pdbx_auth_seq_align_end 
1 1 2PIE A 5 ? 138 ? O76064 13 ? 146 ? 13 146 
2 2 2PIE F 1 ? 7   ? 2PIE   1  ? 7   ? 1  7   
# 
loop_
_struct_ref_seq_dif.align_id 
_struct_ref_seq_dif.pdbx_pdb_id_code 
_struct_ref_seq_dif.mon_id 
_struct_ref_seq_dif.pdbx_pdb_strand_id 
_struct_ref_seq_dif.seq_num 
_struct_ref_seq_dif.pdbx_pdb_ins_code 
_struct_ref_seq_dif.pdbx_seq_db_name 
_struct_ref_seq_dif.pdbx_seq_db_accession_code 
_struct_ref_seq_dif.db_mon_id 
_struct_ref_seq_dif.pdbx_seq_db_seq_num 
_struct_ref_seq_dif.details 
_struct_ref_seq_dif.pdbx_auth_seq_num 
_struct_ref_seq_dif.pdbx_ordinal 
1 2PIE GLY A 1 ? UNP O76064 ? ? 'expression tag' 9  1 
1 2PIE ALA A 2 ? UNP O76064 ? ? 'expression tag' 10 2 
1 2PIE HIS A 3 ? UNP O76064 ? ? 'expression tag' 11 3 
1 2PIE MET A 4 ? UNP O76064 ? ? 'expression tag' 12 4 
# 
_pdbx_struct_assembly.id                   1 
_pdbx_struct_assembly.details              author_defined_assembly 
_pdbx_struct_assembly.method_details       ? 
_pdbx_struct_assembly.oligomeric_details   dimeric 
_pdbx_struct_assembly.oligomeric_count     2 
# 
_pdbx_struct_assembly_gen.assembly_id       1 
_pdbx_struct_assembly_gen.oper_expression   1 
_pdbx_struct_assembly_gen.asym_id_list      A,B,C,D 
# 
_pdbx_struct_oper_list.id                   1 
_pdbx_struct_oper_list.type                 'identity operation' 
_pdbx_struct_oper_list.name                 1_555 
_pdbx_struct_oper_list.symmetry_operation   x,y,z 
_pdbx_struct_oper_list.matrix[1][1]         1.0000000000 
_pdbx_struct_oper_list.matrix[1][2]         0.0000000000 
_pdbx_struct_oper_list.matrix[1][3]         0.0000000000 
_pdbx_struct_oper_list.vector[1]            0.0000000000 
_pdbx_struct_oper_list.matrix[2][1]         0.0000000000 
_pdbx_struct_oper_list.matrix[2][2]         1.0000000000 
_pdbx_struct_oper_list.matrix[2][3]         0.0000000000 
_pdbx_struct_oper_list.vector[2]            0.0000000000 
_pdbx_struct_oper_list.matrix[3][1]         0.0000000000 
_pdbx_struct_oper_list.matrix[3][2]         0.0000000000 
_pdbx_struct_oper_list.matrix[3][3]         1.0000000000 
_pdbx_struct_oper_list.vector[3]            0.0000000000 
# 
loop_
_struct_conf.conf_type_id 
_struct_conf.id 
_struct_conf.pdbx_PDB_helix_id 
_struct_conf.beg_label_comp_id 
_struct_conf.beg_label_asym_id 
_struct_conf.beg_label_seq_id 
_struct_conf.pdbx_beg_PDB_ins_code 
_struct_conf.end_label_comp_id 
_struct_conf.end_label_asym_id 
_struct_conf.end_label_seq_id 
_struct_conf.pdbx_end_PDB_ins_code 
_struct_conf.beg_auth_comp_id 
_struct_conf.beg_auth_asym_id 
_struct_conf.beg_auth_seq_id 
_struct_conf.end_auth_comp_id 
_struct_conf.end_auth_asym_id 
_struct_conf.end_auth_seq_id 
_struct_conf.pdbx_PDB_helix_class 
_struct_conf.details 
_struct_conf.pdbx_PDB_helix_length 
HELX_P HELX_P1 1 HIS A 3   ? GLY A 6   ? HIS A 11  GLY A 14  5 ? 4 
HELX_P HELX_P2 2 TRP A 121 ? TYR A 125 ? TRP A 129 TYR A 133 1 ? 5 
HELX_P HELX_P3 3 PRO A 126 ? LEU A 128 ? PRO A 134 LEU A 136 5 ? 3 
# 
_struct_conf_type.id          HELX_P 
_struct_conf_type.criteria    ? 
_struct_conf_type.reference   ? 
# 
loop_
_struct_conn.id 
_struct_conn.conn_type_id 
_struct_conn.pdbx_leaving_atom_flag 
_struct_conn.pdbx_PDB_id 
_struct_conn.ptnr1_label_asym_id 
_struct_conn.ptnr1_label_comp_id 
_struct_conn.ptnr1_label_seq_id 
_struct_conn.ptnr1_label_atom_id 
_struct_conn.pdbx_ptnr1_label_alt_id 
_struct_conn.pdbx_ptnr1_PDB_ins_code 
_struct_conn.pdbx_ptnr1_standard_comp_id 
_struct_conn.ptnr1_symmetry 
_struct_conn.ptnr2_label_asym_id 
_struct_conn.ptnr2_label_comp_id 
_struct_conn.ptnr2_label_seq_id 
_struct_conn.ptnr2_label_atom_id 
_struct_conn.pdbx_ptnr2_label_alt_id 
_struct_conn.pdbx_ptnr2_PDB_ins_code 
_struct_conn.ptnr1_auth_asym_id 
_struct_conn.ptnr1_auth_comp_id 
_struct_conn.ptnr1_auth_seq_id 
_struct_conn.ptnr2_auth_asym_id 
_struct_conn.ptnr2_auth_comp_id 
_struct_conn.ptnr2_auth_seq_id 
_struct_conn.ptnr2_symmetry 
_struct_conn.pdbx_ptnr3_label_atom_id 
_struct_conn.pdbx_ptnr3_label_seq_id 
_struct_conn.pdbx_ptnr3_label_comp_id 
_struct_conn.pdbx_ptnr3_label_asym_id 
_struct_conn.pdbx_ptnr3_label_alt_id 
_struct_conn.pdbx_ptnr3_PDB_ins_code 
_struct_conn.details 
_struct_conn.pdbx_dist_value 
_struct_conn.pdbx_value_order 
_struct_conn.pdbx_role 
covale1 covale both ? B LYS 3 C ? ? ? 1_555 B TPO 4 N ? ? F LYS 3 F TPO 4 1_555 ? ? ? ? ? ? ? 1.319 ? ? 
covale2 covale both ? B TPO 4 C ? ? ? 1_555 B GLU 5 N ? ? F TPO 4 F GLU 5 1_555 ? ? ? ? ? ? ? 1.338 ? ? 
# 
_struct_conn_type.id          covale 
_struct_conn_type.criteria    ? 
_struct_conn_type.reference   ? 
# 
_pdbx_modification_feature.ordinal                            1 
_pdbx_modification_feature.label_comp_id                      TPO 
_pdbx_modification_feature.label_asym_id                      B 
_pdbx_modification_feature.label_seq_id                       4 
_pdbx_modification_feature.label_alt_id                       ? 
_pdbx_modification_feature.modified_residue_label_comp_id     . 
_pdbx_modification_feature.modified_residue_label_asym_id     . 
_pdbx_modification_feature.modified_residue_label_seq_id      . 
_pdbx_modification_feature.modified_residue_label_alt_id      . 
_pdbx_modification_feature.auth_comp_id                       TPO 
_pdbx_modification_feature.auth_asym_id                       F 
_pdbx_modification_feature.auth_seq_id                        4 
_pdbx_modification_feature.PDB_ins_code                       ? 
_pdbx_modification_feature.symmetry                           1_555 
_pdbx_modification_feature.modified_residue_auth_comp_id      . 
_pdbx_modification_feature.modified_residue_auth_asym_id      . 
_pdbx_modification_feature.modified_residue_auth_seq_id       . 
_pdbx_modification_feature.modified_residue_PDB_ins_code      . 
_pdbx_modification_feature.modified_residue_symmetry          . 
_pdbx_modification_feature.comp_id_linking_atom               . 
_pdbx_modification_feature.modified_residue_id_linking_atom   . 
_pdbx_modification_feature.modified_residue_id                THR 
_pdbx_modification_feature.ref_pcm_id                         1 
_pdbx_modification_feature.ref_comp_id                        TPO 
_pdbx_modification_feature.type                               Phosphorylation 
_pdbx_modification_feature.category                           'Named protein modification' 
# 
loop_
_struct_sheet.id 
_struct_sheet.type 
_struct_sheet.number_strands 
_struct_sheet.details 
A ? 6 ? 
B ? 5 ? 
# 
loop_
_struct_sheet_order.sheet_id 
_struct_sheet_order.range_id_1 
_struct_sheet_order.range_id_2 
_struct_sheet_order.offset 
_struct_sheet_order.sense 
A 1 2 ? anti-parallel 
A 2 3 ? anti-parallel 
A 3 4 ? anti-parallel 
A 4 5 ? anti-parallel 
A 5 6 ? anti-parallel 
B 1 2 ? parallel      
B 2 3 ? anti-parallel 
B 3 4 ? anti-parallel 
B 4 5 ? anti-parallel 
# 
loop_
_struct_sheet_range.sheet_id 
_struct_sheet_range.id 
_struct_sheet_range.beg_label_comp_id 
_struct_sheet_range.beg_label_asym_id 
_struct_sheet_range.beg_label_seq_id 
_struct_sheet_range.pdbx_beg_PDB_ins_code 
_struct_sheet_range.end_label_comp_id 
_struct_sheet_range.end_label_asym_id 
_struct_sheet_range.end_label_seq_id 
_struct_sheet_range.pdbx_end_PDB_ins_code 
_struct_sheet_range.beg_auth_comp_id 
_struct_sheet_range.beg_auth_asym_id 
_struct_sheet_range.beg_auth_seq_id 
_struct_sheet_range.end_auth_comp_id 
_struct_sheet_range.end_auth_asym_id 
_struct_sheet_range.end_auth_seq_id 
A 1 LEU A 22  ? LEU A 24  ? LEU A 30  LEU A 32  
A 2 ARG A 8   ? ARG A 14  ? ARG A 16  ARG A 22  
A 3 TYR A 112 ? ASP A 120 ? TYR A 120 ASP A 128 
A 4 TYR A 97  ? LEU A 100 ? TYR A 105 LEU A 108 
A 5 VAL A 77  ? LEU A 79  ? VAL A 85  LEU A 87  
A 6 ALA A 82  ? ARG A 83  ? ALA A 90  ARG A 91  
B 1 TYR A 40  ? GLN A 41  ? TYR A 48  GLN A 49  
B 2 VAL A 30  ? GLY A 33  ? VAL A 38  GLY A 41  
B 3 CYS A 56  ? GLN A 60  ? CYS A 64  GLN A 68  
B 4 TRP A 66  ? ASP A 70  ? TRP A 74  ASP A 78  
B 5 TYR A 90  ? SER A 91  ? TYR A 98  SER A 99  
# 
loop_
_pdbx_struct_sheet_hbond.sheet_id 
_pdbx_struct_sheet_hbond.range_id_1 
_pdbx_struct_sheet_hbond.range_id_2 
_pdbx_struct_sheet_hbond.range_1_label_atom_id 
_pdbx_struct_sheet_hbond.range_1_label_comp_id 
_pdbx_struct_sheet_hbond.range_1_label_asym_id 
_pdbx_struct_sheet_hbond.range_1_label_seq_id 
_pdbx_struct_sheet_hbond.range_1_PDB_ins_code 
_pdbx_struct_sheet_hbond.range_1_auth_atom_id 
_pdbx_struct_sheet_hbond.range_1_auth_comp_id 
_pdbx_struct_sheet_hbond.range_1_auth_asym_id 
_pdbx_struct_sheet_hbond.range_1_auth_seq_id 
_pdbx_struct_sheet_hbond.range_2_label_atom_id 
_pdbx_struct_sheet_hbond.range_2_label_comp_id 
_pdbx_struct_sheet_hbond.range_2_label_asym_id 
_pdbx_struct_sheet_hbond.range_2_label_seq_id 
_pdbx_struct_sheet_hbond.range_2_PDB_ins_code 
_pdbx_struct_sheet_hbond.range_2_auth_atom_id 
_pdbx_struct_sheet_hbond.range_2_auth_comp_id 
_pdbx_struct_sheet_hbond.range_2_auth_asym_id 
_pdbx_struct_sheet_hbond.range_2_auth_seq_id 
A 1 2 O LEU A 22  ? O LEU A 30  N LEU A 12  ? N LEU A 20  
A 2 3 N ARG A 13  ? N ARG A 21  O GLU A 115 ? O GLU A 123 
A 3 4 O TYR A 114 ? O TYR A 122 N ILE A 98  ? N ILE A 106 
A 4 5 O GLN A 99  ? O GLN A 107 N TRP A 78  ? N TRP A 86  
A 5 6 N LEU A 79  ? N LEU A 87  O ALA A 82  ? O ALA A 90  
B 1 2 O TYR A 40  ? O TYR A 48  N THR A 31  ? N THR A 39  
B 2 3 N VAL A 30  ? N VAL A 38  O LEU A 58  ? O LEU A 66  
B 3 4 N VAL A 57  ? N VAL A 65  O MET A 69  ? O MET A 77  
B 4 5 N ILE A 68  ? N ILE A 76  O TYR A 90  ? O TYR A 98  
# 
_pdbx_entry_details.entry_id                   2PIE 
_pdbx_entry_details.compound_details           ? 
_pdbx_entry_details.source_details             ? 
_pdbx_entry_details.nonpolymer_details         ? 
_pdbx_entry_details.sequence_details           ? 
_pdbx_entry_details.has_ligand_of_interest     ? 
_pdbx_entry_details.has_protein_modification   Y 
# 
loop_
_pdbx_validate_torsion.id 
_pdbx_validate_torsion.PDB_model_num 
_pdbx_validate_torsion.auth_comp_id 
_pdbx_validate_torsion.auth_asym_id 
_pdbx_validate_torsion.auth_seq_id 
_pdbx_validate_torsion.PDB_ins_code 
_pdbx_validate_torsion.label_alt_id 
_pdbx_validate_torsion.phi 
_pdbx_validate_torsion.psi 
1 1 SER A 26 ? ? -101.64 41.09  
2 1 CYS A 55 ? ? -150.13 81.77  
3 1 ARG A 89 ? A 83.11   -28.53 
4 1 LEU A 95 ? ? 71.80   -4.60  
# 
_pdbx_struct_mod_residue.id               1 
_pdbx_struct_mod_residue.label_asym_id    B 
_pdbx_struct_mod_residue.label_comp_id    TPO 
_pdbx_struct_mod_residue.label_seq_id     4 
_pdbx_struct_mod_residue.auth_asym_id     F 
_pdbx_struct_mod_residue.auth_comp_id     TPO 
_pdbx_struct_mod_residue.auth_seq_id      4 
_pdbx_struct_mod_residue.PDB_ins_code     ? 
_pdbx_struct_mod_residue.parent_comp_id   THR 
_pdbx_struct_mod_residue.details          PHOSPHOTHREONINE 
# 
_pdbx_phasing_MR.entry_id                     2PIE 
_pdbx_phasing_MR.method_rotation              ? 
_pdbx_phasing_MR.method_translation           ? 
_pdbx_phasing_MR.model_details                ? 
_pdbx_phasing_MR.R_factor                     ? 
_pdbx_phasing_MR.R_rigid_body                 ? 
_pdbx_phasing_MR.correlation_coeff_Fo_to_Fc   ? 
_pdbx_phasing_MR.correlation_coeff_Io_to_Ic   ? 
_pdbx_phasing_MR.d_res_high_rotation          4.500 
_pdbx_phasing_MR.d_res_low_rotation           31.550 
_pdbx_phasing_MR.d_res_high_translation       4.500 
_pdbx_phasing_MR.d_res_low_translation        31.550 
_pdbx_phasing_MR.packing                      ? 
_pdbx_phasing_MR.reflns_percent_rotation      ? 
_pdbx_phasing_MR.reflns_percent_translation   ? 
_pdbx_phasing_MR.sigma_F_rotation             ? 
_pdbx_phasing_MR.sigma_F_translation          ? 
_pdbx_phasing_MR.sigma_I_rotation             ? 
_pdbx_phasing_MR.sigma_I_translation          ? 
# 
loop_
_pdbx_unobs_or_zero_occ_residues.id 
_pdbx_unobs_or_zero_occ_residues.PDB_model_num 
_pdbx_unobs_or_zero_occ_residues.polymer_flag 
_pdbx_unobs_or_zero_occ_residues.occupancy_flag 
_pdbx_unobs_or_zero_occ_residues.auth_asym_id 
_pdbx_unobs_or_zero_occ_residues.auth_comp_id 
_pdbx_unobs_or_zero_occ_residues.auth_seq_id 
_pdbx_unobs_or_zero_occ_residues.PDB_ins_code 
_pdbx_unobs_or_zero_occ_residues.label_asym_id 
_pdbx_unobs_or_zero_occ_residues.label_comp_id 
_pdbx_unobs_or_zero_occ_residues.label_seq_id 
1 1 Y 1 A ASP 141 ? A ASP 133 
2 1 Y 1 A GLN 142 ? A GLN 134 
3 1 Y 1 A MET 143 ? A MET 135 
4 1 Y 1 A ILE 144 ? A ILE 136 
5 1 Y 1 A GLU 145 ? A GLU 137 
6 1 Y 1 A LYS 146 ? A LYS 138 
# 
loop_
_chem_comp_atom.comp_id 
_chem_comp_atom.atom_id 
_chem_comp_atom.type_symbol 
_chem_comp_atom.pdbx_aromatic_flag 
_chem_comp_atom.pdbx_stereo_config 
_chem_comp_atom.pdbx_ordinal 
ALA N    N N N 1   
ALA CA   C N S 2   
ALA C    C N N 3   
ALA O    O N N 4   
ALA CB   C N N 5   
ALA OXT  O N N 6   
ALA H    H N N 7   
ALA H2   H N N 8   
ALA HA   H N N 9   
ALA HB1  H N N 10  
ALA HB2  H N N 11  
ALA HB3  H N N 12  
ALA HXT  H N N 13  
ARG N    N N N 14  
ARG CA   C N S 15  
ARG C    C N N 16  
ARG O    O N N 17  
ARG CB   C N N 18  
ARG CG   C N N 19  
ARG CD   C N N 20  
ARG NE   N N N 21  
ARG CZ   C N N 22  
ARG NH1  N N N 23  
ARG NH2  N N N 24  
ARG OXT  O N N 25  
ARG H    H N N 26  
ARG H2   H N N 27  
ARG HA   H N N 28  
ARG HB2  H N N 29  
ARG HB3  H N N 30  
ARG HG2  H N N 31  
ARG HG3  H N N 32  
ARG HD2  H N N 33  
ARG HD3  H N N 34  
ARG HE   H N N 35  
ARG HH11 H N N 36  
ARG HH12 H N N 37  
ARG HH21 H N N 38  
ARG HH22 H N N 39  
ARG HXT  H N N 40  
ASN N    N N N 41  
ASN CA   C N S 42  
ASN C    C N N 43  
ASN O    O N N 44  
ASN CB   C N N 45  
ASN CG   C N N 46  
ASN OD1  O N N 47  
ASN ND2  N N N 48  
ASN OXT  O N N 49  
ASN H    H N N 50  
ASN H2   H N N 51  
ASN HA   H N N 52  
ASN HB2  H N N 53  
ASN HB3  H N N 54  
ASN HD21 H N N 55  
ASN HD22 H N N 56  
ASN HXT  H N N 57  
ASP N    N N N 58  
ASP CA   C N S 59  
ASP C    C N N 60  
ASP O    O N N 61  
ASP CB   C N N 62  
ASP CG   C N N 63  
ASP OD1  O N N 64  
ASP OD2  O N N 65  
ASP OXT  O N N 66  
ASP H    H N N 67  
ASP H2   H N N 68  
ASP HA   H N N 69  
ASP HB2  H N N 70  
ASP HB3  H N N 71  
ASP HD2  H N N 72  
ASP HXT  H N N 73  
CYS N    N N N 74  
CYS CA   C N R 75  
CYS C    C N N 76  
CYS O    O N N 77  
CYS CB   C N N 78  
CYS SG   S N N 79  
CYS OXT  O N N 80  
CYS H    H N N 81  
CYS H2   H N N 82  
CYS HA   H N N 83  
CYS HB2  H N N 84  
CYS HB3  H N N 85  
CYS HG   H N N 86  
CYS HXT  H N N 87  
GLN N    N N N 88  
GLN CA   C N S 89  
GLN C    C N N 90  
GLN O    O N N 91  
GLN CB   C N N 92  
GLN CG   C N N 93  
GLN CD   C N N 94  
GLN OE1  O N N 95  
GLN NE2  N N N 96  
GLN OXT  O N N 97  
GLN H    H N N 98  
GLN H2   H N N 99  
GLN HA   H N N 100 
GLN HB2  H N N 101 
GLN HB3  H N N 102 
GLN HG2  H N N 103 
GLN HG3  H N N 104 
GLN HE21 H N N 105 
GLN HE22 H N N 106 
GLN HXT  H N N 107 
GLU N    N N N 108 
GLU CA   C N S 109 
GLU C    C N N 110 
GLU O    O N N 111 
GLU CB   C N N 112 
GLU CG   C N N 113 
GLU CD   C N N 114 
GLU OE1  O N N 115 
GLU OE2  O N N 116 
GLU OXT  O N N 117 
GLU H    H N N 118 
GLU H2   H N N 119 
GLU HA   H N N 120 
GLU HB2  H N N 121 
GLU HB3  H N N 122 
GLU HG2  H N N 123 
GLU HG3  H N N 124 
GLU HE2  H N N 125 
GLU HXT  H N N 126 
GLY N    N N N 127 
GLY CA   C N N 128 
GLY C    C N N 129 
GLY O    O N N 130 
GLY OXT  O N N 131 
GLY H    H N N 132 
GLY H2   H N N 133 
GLY HA2  H N N 134 
GLY HA3  H N N 135 
GLY HXT  H N N 136 
HIS N    N N N 137 
HIS CA   C N S 138 
HIS C    C N N 139 
HIS O    O N N 140 
HIS CB   C N N 141 
HIS CG   C Y N 142 
HIS ND1  N Y N 143 
HIS CD2  C Y N 144 
HIS CE1  C Y N 145 
HIS NE2  N Y N 146 
HIS OXT  O N N 147 
HIS H    H N N 148 
HIS H2   H N N 149 
HIS HA   H N N 150 
HIS HB2  H N N 151 
HIS HB3  H N N 152 
HIS HD1  H N N 153 
HIS HD2  H N N 154 
HIS HE1  H N N 155 
HIS HE2  H N N 156 
HIS HXT  H N N 157 
HOH O    O N N 158 
HOH H1   H N N 159 
HOH H2   H N N 160 
ILE N    N N N 161 
ILE CA   C N S 162 
ILE C    C N N 163 
ILE O    O N N 164 
ILE CB   C N S 165 
ILE CG1  C N N 166 
ILE CG2  C N N 167 
ILE CD1  C N N 168 
ILE OXT  O N N 169 
ILE H    H N N 170 
ILE H2   H N N 171 
ILE HA   H N N 172 
ILE HB   H N N 173 
ILE HG12 H N N 174 
ILE HG13 H N N 175 
ILE HG21 H N N 176 
ILE HG22 H N N 177 
ILE HG23 H N N 178 
ILE HD11 H N N 179 
ILE HD12 H N N 180 
ILE HD13 H N N 181 
ILE HXT  H N N 182 
LEU N    N N N 183 
LEU CA   C N S 184 
LEU C    C N N 185 
LEU O    O N N 186 
LEU CB   C N N 187 
LEU CG   C N N 188 
LEU CD1  C N N 189 
LEU CD2  C N N 190 
LEU OXT  O N N 191 
LEU H    H N N 192 
LEU H2   H N N 193 
LEU HA   H N N 194 
LEU HB2  H N N 195 
LEU HB3  H N N 196 
LEU HG   H N N 197 
LEU HD11 H N N 198 
LEU HD12 H N N 199 
LEU HD13 H N N 200 
LEU HD21 H N N 201 
LEU HD22 H N N 202 
LEU HD23 H N N 203 
LEU HXT  H N N 204 
LYS N    N N N 205 
LYS CA   C N S 206 
LYS C    C N N 207 
LYS O    O N N 208 
LYS CB   C N N 209 
LYS CG   C N N 210 
LYS CD   C N N 211 
LYS CE   C N N 212 
LYS NZ   N N N 213 
LYS OXT  O N N 214 
LYS H    H N N 215 
LYS H2   H N N 216 
LYS HA   H N N 217 
LYS HB2  H N N 218 
LYS HB3  H N N 219 
LYS HG2  H N N 220 
LYS HG3  H N N 221 
LYS HD2  H N N 222 
LYS HD3  H N N 223 
LYS HE2  H N N 224 
LYS HE3  H N N 225 
LYS HZ1  H N N 226 
LYS HZ2  H N N 227 
LYS HZ3  H N N 228 
LYS HXT  H N N 229 
MET N    N N N 230 
MET CA   C N S 231 
MET C    C N N 232 
MET O    O N N 233 
MET CB   C N N 234 
MET CG   C N N 235 
MET SD   S N N 236 
MET CE   C N N 237 
MET OXT  O N N 238 
MET H    H N N 239 
MET H2   H N N 240 
MET HA   H N N 241 
MET HB2  H N N 242 
MET HB3  H N N 243 
MET HG2  H N N 244 
MET HG3  H N N 245 
MET HE1  H N N 246 
MET HE2  H N N 247 
MET HE3  H N N 248 
MET HXT  H N N 249 
PHE N    N N N 250 
PHE CA   C N S 251 
PHE C    C N N 252 
PHE O    O N N 253 
PHE CB   C N N 254 
PHE CG   C Y N 255 
PHE CD1  C Y N 256 
PHE CD2  C Y N 257 
PHE CE1  C Y N 258 
PHE CE2  C Y N 259 
PHE CZ   C Y N 260 
PHE OXT  O N N 261 
PHE H    H N N 262 
PHE H2   H N N 263 
PHE HA   H N N 264 
PHE HB2  H N N 265 
PHE HB3  H N N 266 
PHE HD1  H N N 267 
PHE HD2  H N N 268 
PHE HE1  H N N 269 
PHE HE2  H N N 270 
PHE HZ   H N N 271 
PHE HXT  H N N 272 
PRO N    N N N 273 
PRO CA   C N S 274 
PRO C    C N N 275 
PRO O    O N N 276 
PRO CB   C N N 277 
PRO CG   C N N 278 
PRO CD   C N N 279 
PRO OXT  O N N 280 
PRO H    H N N 281 
PRO HA   H N N 282 
PRO HB2  H N N 283 
PRO HB3  H N N 284 
PRO HG2  H N N 285 
PRO HG3  H N N 286 
PRO HD2  H N N 287 
PRO HD3  H N N 288 
PRO HXT  H N N 289 
SER N    N N N 290 
SER CA   C N S 291 
SER C    C N N 292 
SER O    O N N 293 
SER CB   C N N 294 
SER OG   O N N 295 
SER OXT  O N N 296 
SER H    H N N 297 
SER H2   H N N 298 
SER HA   H N N 299 
SER HB2  H N N 300 
SER HB3  H N N 301 
SER HG   H N N 302 
SER HXT  H N N 303 
THR N    N N N 304 
THR CA   C N S 305 
THR C    C N N 306 
THR O    O N N 307 
THR CB   C N R 308 
THR OG1  O N N 309 
THR CG2  C N N 310 
THR OXT  O N N 311 
THR H    H N N 312 
THR H2   H N N 313 
THR HA   H N N 314 
THR HB   H N N 315 
THR HG1  H N N 316 
THR HG21 H N N 317 
THR HG22 H N N 318 
THR HG23 H N N 319 
THR HXT  H N N 320 
TPO N    N N N 321 
TPO CA   C N S 322 
TPO CB   C N R 323 
TPO CG2  C N N 324 
TPO OG1  O N N 325 
TPO P    P N N 326 
TPO O1P  O N N 327 
TPO O2P  O N N 328 
TPO O3P  O N N 329 
TPO C    C N N 330 
TPO O    O N N 331 
TPO OXT  O N N 332 
TPO H    H N N 333 
TPO H2   H N N 334 
TPO HA   H N N 335 
TPO HB   H N N 336 
TPO HG21 H N N 337 
TPO HG22 H N N 338 
TPO HG23 H N N 339 
TPO HOP2 H N N 340 
TPO HOP3 H N N 341 
TPO HXT  H N N 342 
TRP N    N N N 343 
TRP CA   C N S 344 
TRP C    C N N 345 
TRP O    O N N 346 
TRP CB   C N N 347 
TRP CG   C Y N 348 
TRP CD1  C Y N 349 
TRP CD2  C Y N 350 
TRP NE1  N Y N 351 
TRP CE2  C Y N 352 
TRP CE3  C Y N 353 
TRP CZ2  C Y N 354 
TRP CZ3  C Y N 355 
TRP CH2  C Y N 356 
TRP OXT  O N N 357 
TRP H    H N N 358 
TRP H2   H N N 359 
TRP HA   H N N 360 
TRP HB2  H N N 361 
TRP HB3  H N N 362 
TRP HD1  H N N 363 
TRP HE1  H N N 364 
TRP HE3  H N N 365 
TRP HZ2  H N N 366 
TRP HZ3  H N N 367 
TRP HH2  H N N 368 
TRP HXT  H N N 369 
TYR N    N N N 370 
TYR CA   C N S 371 
TYR C    C N N 372 
TYR O    O N N 373 
TYR CB   C N N 374 
TYR CG   C Y N 375 
TYR CD1  C Y N 376 
TYR CD2  C Y N 377 
TYR CE1  C Y N 378 
TYR CE2  C Y N 379 
TYR CZ   C Y N 380 
TYR OH   O N N 381 
TYR OXT  O N N 382 
TYR H    H N N 383 
TYR H2   H N N 384 
TYR HA   H N N 385 
TYR HB2  H N N 386 
TYR HB3  H N N 387 
TYR HD1  H N N 388 
TYR HD2  H N N 389 
TYR HE1  H N N 390 
TYR HE2  H N N 391 
TYR HH   H N N 392 
TYR HXT  H N N 393 
VAL N    N N N 394 
VAL CA   C N S 395 
VAL C    C N N 396 
VAL O    O N N 397 
VAL CB   C N N 398 
VAL CG1  C N N 399 
VAL CG2  C N N 400 
VAL OXT  O N N 401 
VAL H    H N N 402 
VAL H2   H N N 403 
VAL HA   H N N 404 
VAL HB   H N N 405 
VAL HG11 H N N 406 
VAL HG12 H N N 407 
VAL HG13 H N N 408 
VAL HG21 H N N 409 
VAL HG22 H N N 410 
VAL HG23 H N N 411 
VAL HXT  H N N 412 
# 
loop_
_chem_comp_bond.comp_id 
_chem_comp_bond.atom_id_1 
_chem_comp_bond.atom_id_2 
_chem_comp_bond.value_order 
_chem_comp_bond.pdbx_aromatic_flag 
_chem_comp_bond.pdbx_stereo_config 
_chem_comp_bond.pdbx_ordinal 
ALA N   CA   sing N N 1   
ALA N   H    sing N N 2   
ALA N   H2   sing N N 3   
ALA CA  C    sing N N 4   
ALA CA  CB   sing N N 5   
ALA CA  HA   sing N N 6   
ALA C   O    doub N N 7   
ALA C   OXT  sing N N 8   
ALA CB  HB1  sing N N 9   
ALA CB  HB2  sing N N 10  
ALA CB  HB3  sing N N 11  
ALA OXT HXT  sing N N 12  
ARG N   CA   sing N N 13  
ARG N   H    sing N N 14  
ARG N   H2   sing N N 15  
ARG CA  C    sing N N 16  
ARG CA  CB   sing N N 17  
ARG CA  HA   sing N N 18  
ARG C   O    doub N N 19  
ARG C   OXT  sing N N 20  
ARG CB  CG   sing N N 21  
ARG CB  HB2  sing N N 22  
ARG CB  HB3  sing N N 23  
ARG CG  CD   sing N N 24  
ARG CG  HG2  sing N N 25  
ARG CG  HG3  sing N N 26  
ARG CD  NE   sing N N 27  
ARG CD  HD2  sing N N 28  
ARG CD  HD3  sing N N 29  
ARG NE  CZ   sing N N 30  
ARG NE  HE   sing N N 31  
ARG CZ  NH1  sing N N 32  
ARG CZ  NH2  doub N N 33  
ARG NH1 HH11 sing N N 34  
ARG NH1 HH12 sing N N 35  
ARG NH2 HH21 sing N N 36  
ARG NH2 HH22 sing N N 37  
ARG OXT HXT  sing N N 38  
ASN N   CA   sing N N 39  
ASN N   H    sing N N 40  
ASN N   H2   sing N N 41  
ASN CA  C    sing N N 42  
ASN CA  CB   sing N N 43  
ASN CA  HA   sing N N 44  
ASN C   O    doub N N 45  
ASN C   OXT  sing N N 46  
ASN CB  CG   sing N N 47  
ASN CB  HB2  sing N N 48  
ASN CB  HB3  sing N N 49  
ASN CG  OD1  doub N N 50  
ASN CG  ND2  sing N N 51  
ASN ND2 HD21 sing N N 52  
ASN ND2 HD22 sing N N 53  
ASN OXT HXT  sing N N 54  
ASP N   CA   sing N N 55  
ASP N   H    sing N N 56  
ASP N   H2   sing N N 57  
ASP CA  C    sing N N 58  
ASP CA  CB   sing N N 59  
ASP CA  HA   sing N N 60  
ASP C   O    doub N N 61  
ASP C   OXT  sing N N 62  
ASP CB  CG   sing N N 63  
ASP CB  HB2  sing N N 64  
ASP CB  HB3  sing N N 65  
ASP CG  OD1  doub N N 66  
ASP CG  OD2  sing N N 67  
ASP OD2 HD2  sing N N 68  
ASP OXT HXT  sing N N 69  
CYS N   CA   sing N N 70  
CYS N   H    sing N N 71  
CYS N   H2   sing N N 72  
CYS CA  C    sing N N 73  
CYS CA  CB   sing N N 74  
CYS CA  HA   sing N N 75  
CYS C   O    doub N N 76  
CYS C   OXT  sing N N 77  
CYS CB  SG   sing N N 78  
CYS CB  HB2  sing N N 79  
CYS CB  HB3  sing N N 80  
CYS SG  HG   sing N N 81  
CYS OXT HXT  sing N N 82  
GLN N   CA   sing N N 83  
GLN N   H    sing N N 84  
GLN N   H2   sing N N 85  
GLN CA  C    sing N N 86  
GLN CA  CB   sing N N 87  
GLN CA  HA   sing N N 88  
GLN C   O    doub N N 89  
GLN C   OXT  sing N N 90  
GLN CB  CG   sing N N 91  
GLN CB  HB2  sing N N 92  
GLN CB  HB3  sing N N 93  
GLN CG  CD   sing N N 94  
GLN CG  HG2  sing N N 95  
GLN CG  HG3  sing N N 96  
GLN CD  OE1  doub N N 97  
GLN CD  NE2  sing N N 98  
GLN NE2 HE21 sing N N 99  
GLN NE2 HE22 sing N N 100 
GLN OXT HXT  sing N N 101 
GLU N   CA   sing N N 102 
GLU N   H    sing N N 103 
GLU N   H2   sing N N 104 
GLU CA  C    sing N N 105 
GLU CA  CB   sing N N 106 
GLU CA  HA   sing N N 107 
GLU C   O    doub N N 108 
GLU C   OXT  sing N N 109 
GLU CB  CG   sing N N 110 
GLU CB  HB2  sing N N 111 
GLU CB  HB3  sing N N 112 
GLU CG  CD   sing N N 113 
GLU CG  HG2  sing N N 114 
GLU CG  HG3  sing N N 115 
GLU CD  OE1  doub N N 116 
GLU CD  OE2  sing N N 117 
GLU OE2 HE2  sing N N 118 
GLU OXT HXT  sing N N 119 
GLY N   CA   sing N N 120 
GLY N   H    sing N N 121 
GLY N   H2   sing N N 122 
GLY CA  C    sing N N 123 
GLY CA  HA2  sing N N 124 
GLY CA  HA3  sing N N 125 
GLY C   O    doub N N 126 
GLY C   OXT  sing N N 127 
GLY OXT HXT  sing N N 128 
HIS N   CA   sing N N 129 
HIS N   H    sing N N 130 
HIS N   H2   sing N N 131 
HIS CA  C    sing N N 132 
HIS CA  CB   sing N N 133 
HIS CA  HA   sing N N 134 
HIS C   O    doub N N 135 
HIS C   OXT  sing N N 136 
HIS CB  CG   sing N N 137 
HIS CB  HB2  sing N N 138 
HIS CB  HB3  sing N N 139 
HIS CG  ND1  sing Y N 140 
HIS CG  CD2  doub Y N 141 
HIS ND1 CE1  doub Y N 142 
HIS ND1 HD1  sing N N 143 
HIS CD2 NE2  sing Y N 144 
HIS CD2 HD2  sing N N 145 
HIS CE1 NE2  sing Y N 146 
HIS CE1 HE1  sing N N 147 
HIS NE2 HE2  sing N N 148 
HIS OXT HXT  sing N N 149 
HOH O   H1   sing N N 150 
HOH O   H2   sing N N 151 
ILE N   CA   sing N N 152 
ILE N   H    sing N N 153 
ILE N   H2   sing N N 154 
ILE CA  C    sing N N 155 
ILE CA  CB   sing N N 156 
ILE CA  HA   sing N N 157 
ILE C   O    doub N N 158 
ILE C   OXT  sing N N 159 
ILE CB  CG1  sing N N 160 
ILE CB  CG2  sing N N 161 
ILE CB  HB   sing N N 162 
ILE CG1 CD1  sing N N 163 
ILE CG1 HG12 sing N N 164 
ILE CG1 HG13 sing N N 165 
ILE CG2 HG21 sing N N 166 
ILE CG2 HG22 sing N N 167 
ILE CG2 HG23 sing N N 168 
ILE CD1 HD11 sing N N 169 
ILE CD1 HD12 sing N N 170 
ILE CD1 HD13 sing N N 171 
ILE OXT HXT  sing N N 172 
LEU N   CA   sing N N 173 
LEU N   H    sing N N 174 
LEU N   H2   sing N N 175 
LEU CA  C    sing N N 176 
LEU CA  CB   sing N N 177 
LEU CA  HA   sing N N 178 
LEU C   O    doub N N 179 
LEU C   OXT  sing N N 180 
LEU CB  CG   sing N N 181 
LEU CB  HB2  sing N N 182 
LEU CB  HB3  sing N N 183 
LEU CG  CD1  sing N N 184 
LEU CG  CD2  sing N N 185 
LEU CG  HG   sing N N 186 
LEU CD1 HD11 sing N N 187 
LEU CD1 HD12 sing N N 188 
LEU CD1 HD13 sing N N 189 
LEU CD2 HD21 sing N N 190 
LEU CD2 HD22 sing N N 191 
LEU CD2 HD23 sing N N 192 
LEU OXT HXT  sing N N 193 
LYS N   CA   sing N N 194 
LYS N   H    sing N N 195 
LYS N   H2   sing N N 196 
LYS CA  C    sing N N 197 
LYS CA  CB   sing N N 198 
LYS CA  HA   sing N N 199 
LYS C   O    doub N N 200 
LYS C   OXT  sing N N 201 
LYS CB  CG   sing N N 202 
LYS CB  HB2  sing N N 203 
LYS CB  HB3  sing N N 204 
LYS CG  CD   sing N N 205 
LYS CG  HG2  sing N N 206 
LYS CG  HG3  sing N N 207 
LYS CD  CE   sing N N 208 
LYS CD  HD2  sing N N 209 
LYS CD  HD3  sing N N 210 
LYS CE  NZ   sing N N 211 
LYS CE  HE2  sing N N 212 
LYS CE  HE3  sing N N 213 
LYS NZ  HZ1  sing N N 214 
LYS NZ  HZ2  sing N N 215 
LYS NZ  HZ3  sing N N 216 
LYS OXT HXT  sing N N 217 
MET N   CA   sing N N 218 
MET N   H    sing N N 219 
MET N   H2   sing N N 220 
MET CA  C    sing N N 221 
MET CA  CB   sing N N 222 
MET CA  HA   sing N N 223 
MET C   O    doub N N 224 
MET C   OXT  sing N N 225 
MET CB  CG   sing N N 226 
MET CB  HB2  sing N N 227 
MET CB  HB3  sing N N 228 
MET CG  SD   sing N N 229 
MET CG  HG2  sing N N 230 
MET CG  HG3  sing N N 231 
MET SD  CE   sing N N 232 
MET CE  HE1  sing N N 233 
MET CE  HE2  sing N N 234 
MET CE  HE3  sing N N 235 
MET OXT HXT  sing N N 236 
PHE N   CA   sing N N 237 
PHE N   H    sing N N 238 
PHE N   H2   sing N N 239 
PHE CA  C    sing N N 240 
PHE CA  CB   sing N N 241 
PHE CA  HA   sing N N 242 
PHE C   O    doub N N 243 
PHE C   OXT  sing N N 244 
PHE CB  CG   sing N N 245 
PHE CB  HB2  sing N N 246 
PHE CB  HB3  sing N N 247 
PHE CG  CD1  doub Y N 248 
PHE CG  CD2  sing Y N 249 
PHE CD1 CE1  sing Y N 250 
PHE CD1 HD1  sing N N 251 
PHE CD2 CE2  doub Y N 252 
PHE CD2 HD2  sing N N 253 
PHE CE1 CZ   doub Y N 254 
PHE CE1 HE1  sing N N 255 
PHE CE2 CZ   sing Y N 256 
PHE CE2 HE2  sing N N 257 
PHE CZ  HZ   sing N N 258 
PHE OXT HXT  sing N N 259 
PRO N   CA   sing N N 260 
PRO N   CD   sing N N 261 
PRO N   H    sing N N 262 
PRO CA  C    sing N N 263 
PRO CA  CB   sing N N 264 
PRO CA  HA   sing N N 265 
PRO C   O    doub N N 266 
PRO C   OXT  sing N N 267 
PRO CB  CG   sing N N 268 
PRO CB  HB2  sing N N 269 
PRO CB  HB3  sing N N 270 
PRO CG  CD   sing N N 271 
PRO CG  HG2  sing N N 272 
PRO CG  HG3  sing N N 273 
PRO CD  HD2  sing N N 274 
PRO CD  HD3  sing N N 275 
PRO OXT HXT  sing N N 276 
SER N   CA   sing N N 277 
SER N   H    sing N N 278 
SER N   H2   sing N N 279 
SER CA  C    sing N N 280 
SER CA  CB   sing N N 281 
SER CA  HA   sing N N 282 
SER C   O    doub N N 283 
SER C   OXT  sing N N 284 
SER CB  OG   sing N N 285 
SER CB  HB2  sing N N 286 
SER CB  HB3  sing N N 287 
SER OG  HG   sing N N 288 
SER OXT HXT  sing N N 289 
THR N   CA   sing N N 290 
THR N   H    sing N N 291 
THR N   H2   sing N N 292 
THR CA  C    sing N N 293 
THR CA  CB   sing N N 294 
THR CA  HA   sing N N 295 
THR C   O    doub N N 296 
THR C   OXT  sing N N 297 
THR CB  OG1  sing N N 298 
THR CB  CG2  sing N N 299 
THR CB  HB   sing N N 300 
THR OG1 HG1  sing N N 301 
THR CG2 HG21 sing N N 302 
THR CG2 HG22 sing N N 303 
THR CG2 HG23 sing N N 304 
THR OXT HXT  sing N N 305 
TPO N   CA   sing N N 306 
TPO N   H    sing N N 307 
TPO N   H2   sing N N 308 
TPO CA  CB   sing N N 309 
TPO CA  C    sing N N 310 
TPO CA  HA   sing N N 311 
TPO CB  CG2  sing N N 312 
TPO CB  OG1  sing N N 313 
TPO CB  HB   sing N N 314 
TPO CG2 HG21 sing N N 315 
TPO CG2 HG22 sing N N 316 
TPO CG2 HG23 sing N N 317 
TPO OG1 P    sing N N 318 
TPO P   O1P  doub N N 319 
TPO P   O2P  sing N N 320 
TPO P   O3P  sing N N 321 
TPO O2P HOP2 sing N N 322 
TPO O3P HOP3 sing N N 323 
TPO C   O    doub N N 324 
TPO C   OXT  sing N N 325 
TPO OXT HXT  sing N N 326 
TRP N   CA   sing N N 327 
TRP N   H    sing N N 328 
TRP N   H2   sing N N 329 
TRP CA  C    sing N N 330 
TRP CA  CB   sing N N 331 
TRP CA  HA   sing N N 332 
TRP C   O    doub N N 333 
TRP C   OXT  sing N N 334 
TRP CB  CG   sing N N 335 
TRP CB  HB2  sing N N 336 
TRP CB  HB3  sing N N 337 
TRP CG  CD1  doub Y N 338 
TRP CG  CD2  sing Y N 339 
TRP CD1 NE1  sing Y N 340 
TRP CD1 HD1  sing N N 341 
TRP CD2 CE2  doub Y N 342 
TRP CD2 CE3  sing Y N 343 
TRP NE1 CE2  sing Y N 344 
TRP NE1 HE1  sing N N 345 
TRP CE2 CZ2  sing Y N 346 
TRP CE3 CZ3  doub Y N 347 
TRP CE3 HE3  sing N N 348 
TRP CZ2 CH2  doub Y N 349 
TRP CZ2 HZ2  sing N N 350 
TRP CZ3 CH2  sing Y N 351 
TRP CZ3 HZ3  sing N N 352 
TRP CH2 HH2  sing N N 353 
TRP OXT HXT  sing N N 354 
TYR N   CA   sing N N 355 
TYR N   H    sing N N 356 
TYR N   H2   sing N N 357 
TYR CA  C    sing N N 358 
TYR CA  CB   sing N N 359 
TYR CA  HA   sing N N 360 
TYR C   O    doub N N 361 
TYR C   OXT  sing N N 362 
TYR CB  CG   sing N N 363 
TYR CB  HB2  sing N N 364 
TYR CB  HB3  sing N N 365 
TYR CG  CD1  doub Y N 366 
TYR CG  CD2  sing Y N 367 
TYR CD1 CE1  sing Y N 368 
TYR CD1 HD1  sing N N 369 
TYR CD2 CE2  doub Y N 370 
TYR CD2 HD2  sing N N 371 
TYR CE1 CZ   doub Y N 372 
TYR CE1 HE1  sing N N 373 
TYR CE2 CZ   sing Y N 374 
TYR CE2 HE2  sing N N 375 
TYR CZ  OH   sing N N 376 
TYR OH  HH   sing N N 377 
TYR OXT HXT  sing N N 378 
VAL N   CA   sing N N 379 
VAL N   H    sing N N 380 
VAL N   H2   sing N N 381 
VAL CA  C    sing N N 382 
VAL CA  CB   sing N N 383 
VAL CA  HA   sing N N 384 
VAL C   O    doub N N 385 
VAL C   OXT  sing N N 386 
VAL CB  CG1  sing N N 387 
VAL CB  CG2  sing N N 388 
VAL CB  HB   sing N N 389 
VAL CG1 HG11 sing N N 390 
VAL CG1 HG12 sing N N 391 
VAL CG1 HG13 sing N N 392 
VAL CG2 HG21 sing N N 393 
VAL CG2 HG22 sing N N 394 
VAL CG2 HG23 sing N N 395 
VAL OXT HXT  sing N N 396 
# 
_pdbx_initial_refinement_model.id               1 
_pdbx_initial_refinement_model.entity_id_list   ? 
_pdbx_initial_refinement_model.type             'experimental model' 
_pdbx_initial_refinement_model.source_name      PDB 
_pdbx_initial_refinement_model.accession_code   2CSW 
_pdbx_initial_refinement_model.details          ? 
# 
_atom_sites.entry_id                    2PIE 
_atom_sites.fract_transf_matrix[1][1]   0.01788754 
_atom_sites.fract_transf_matrix[1][2]   0.01012723 
_atom_sites.fract_transf_matrix[1][3]   -0.02027907 
_atom_sites.fract_transf_matrix[2][1]   0.00986298 
_atom_sites.fract_transf_matrix[2][2]   -0.00649841 
_atom_sites.fract_transf_matrix[2][3]   0.00545457 
_atom_sites.fract_transf_matrix[3][1]   -0.00168747 
_atom_sites.fract_transf_matrix[3][2]   -0.00656056 
_atom_sites.fract_transf_matrix[3][3]   -0.00476476 
_atom_sites.fract_transf_vector[1]      -0.252863 
_atom_sites.fract_transf_vector[2]      0.066312 
_atom_sites.fract_transf_vector[3]      0.121279 
# 
loop_
_atom_type.symbol 
C 
N 
O 
P 
S 
# 
loop_
_atom_site.group_PDB 
_atom_site.id 
_atom_site.type_symbol 
_atom_site.label_atom_id 
_atom_site.label_alt_id 
_atom_site.label_comp_id 
_atom_site.label_asym_id 
_atom_site.label_entity_id 
_atom_site.label_seq_id 
_atom_site.pdbx_PDB_ins_code 
_atom_site.Cartn_x 
_atom_site.Cartn_y 
_atom_site.Cartn_z 
_atom_site.occupancy 
_atom_site.B_iso_or_equiv 
_atom_site.pdbx_formal_charge 
_atom_site.auth_seq_id 
_atom_site.auth_comp_id 
_atom_site.auth_asym_id 
_atom_site.auth_atom_id 
_atom_site.pdbx_PDB_model_num 
ATOM   1    N N   . GLY A 1 1   ? -26.669 -17.432 9.823   1.00 31.92 ? 9   GLY A N   1 
ATOM   2    C CA  . GLY A 1 1   ? -25.516 -16.535 10.174  1.00 31.40 ? 9   GLY A CA  1 
ATOM   3    C C   . GLY A 1 1   ? -24.287 -16.926 9.379   1.00 31.69 ? 9   GLY A C   1 
ATOM   4    O O   . GLY A 1 1   ? -24.354 -17.815 8.519   1.00 31.81 ? 9   GLY A O   1 
ATOM   5    N N   . ALA A 1 2   ? -23.168 -16.262 9.666   1.00 31.03 ? 10  ALA A N   1 
ATOM   6    C CA  . ALA A 1 2   ? -21.924 -16.492 8.942   1.00 30.63 ? 10  ALA A CA  1 
ATOM   7    C C   . ALA A 1 2   ? -20.729 -16.221 9.848   1.00 30.46 ? 10  ALA A C   1 
ATOM   8    O O   . ALA A 1 2   ? -20.675 -15.211 10.496  1.00 28.11 ? 10  ALA A O   1 
ATOM   9    C CB  . ALA A 1 2   ? -21.865 -15.583 7.731   1.00 31.47 ? 10  ALA A CB  1 
ATOM   10   N N   . HIS A 1 3   ? -19.763 -17.125 9.866   1.00 30.44 ? 11  HIS A N   1 
ATOM   11   C CA  . HIS A 1 3   ? -18.511 -16.923 10.605  1.00 30.94 ? 11  HIS A CA  1 
ATOM   12   C C   . HIS A 1 3   ? -17.664 -15.829 9.968   1.00 30.90 ? 11  HIS A C   1 
ATOM   13   O O   . HIS A 1 3   ? -17.526 -15.786 8.737   1.00 30.27 ? 11  HIS A O   1 
ATOM   14   C CB  . HIS A 1 3   ? -17.679 -18.207 10.562  1.00 31.26 ? 11  HIS A CB  1 
ATOM   15   C CG  . HIS A 1 3   ? -18.185 -19.300 11.446  1.00 31.85 ? 11  HIS A CG  1 
ATOM   16   N ND1 . HIS A 1 3   ? -18.732 -20.467 10.953  1.00 32.19 ? 11  HIS A ND1 1 
ATOM   17   C CD2 . HIS A 1 3   ? -18.182 -19.426 12.793  1.00 31.87 ? 11  HIS A CD2 1 
ATOM   18   C CE1 . HIS A 1 3   ? -19.067 -21.252 11.960  1.00 30.97 ? 11  HIS A CE1 1 
ATOM   19   N NE2 . HIS A 1 3   ? -18.734 -20.648 13.087  1.00 34.39 ? 11  HIS A NE2 1 
ATOM   20   N N   . MET A 1 4   ? -17.061 -14.979 10.796  1.00 30.50 ? 12  MET A N   1 
ATOM   21   C CA  . MET A 1 4   ? -16.071 -14.003 10.321  1.00 30.37 ? 12  MET A CA  1 
ATOM   22   C C   . MET A 1 4   ? -14.918 -14.662 9.561   1.00 29.73 ? 12  MET A C   1 
ATOM   23   O O   . MET A 1 4   ? -14.427 -14.110 8.575   1.00 30.02 ? 12  MET A O   1 
ATOM   24   C CB  . MET A 1 4   ? -15.524 -13.160 11.488  1.00 31.22 ? 12  MET A CB  1 
ATOM   25   C CG  . MET A 1 4   ? -16.402 -11.989 11.842  1.00 33.76 ? 12  MET A CG  1 
ATOM   26   S SD  . MET A 1 4   ? -16.235 -10.706 10.588  1.00 38.53 ? 12  MET A SD  1 
ATOM   27   C CE  . MET A 1 4   ? -14.756 -9.866  11.138  1.00 35.08 ? 12  MET A CE  1 
ATOM   28   N N   . ALA A 1 5   ? -14.507 -15.848 10.007  1.00 28.72 ? 13  ALA A N   1 
ATOM   29   C CA  . ALA A 1 5   ? -13.365 -16.535 9.404   1.00 27.53 ? 13  ALA A CA  1 
ATOM   30   C C   . ALA A 1 5   ? -13.586 -16.914 7.943   1.00 26.39 ? 13  ALA A C   1 
ATOM   31   O O   . ALA A 1 5   ? -12.621 -17.015 7.183   1.00 25.32 ? 13  ALA A O   1 
ATOM   32   C CB  . ALA A 1 5   ? -12.996 -17.775 10.209  1.00 27.97 ? 13  ALA A CB  1 
ATOM   33   N N   . GLY A 1 6   ? -14.847 -17.167 7.570   1.00 24.65 ? 14  GLY A N   1 
ATOM   34   C CA  . GLY A 1 6   ? -15.225 -17.460 6.173   1.00 23.97 ? 14  GLY A CA  1 
ATOM   35   C C   . GLY A 1 6   ? -15.462 -16.225 5.320   1.00 22.83 ? 14  GLY A C   1 
ATOM   36   O O   . GLY A 1 6   ? -15.984 -16.320 4.186   1.00 24.73 ? 14  GLY A O   1 
ATOM   37   N N   . GLY A 1 7   ? -15.075 -15.072 5.845   1.00 21.98 ? 15  GLY A N   1 
ATOM   38   C CA  . GLY A 1 7   ? -15.274 -13.820 5.186   1.00 20.82 ? 15  GLY A CA  1 
ATOM   39   C C   . GLY A 1 7   ? -14.301 -13.562 4.065   1.00 18.85 ? 15  GLY A C   1 
ATOM   40   O O   . GLY A 1 7   ? -13.436 -14.391 3.725   1.00 18.91 ? 15  GLY A O   1 
ATOM   41   N N   . ARG A 1 8   ? -14.524 -12.409 3.474   1.00 17.57 ? 16  ARG A N   1 
ATOM   42   C CA  . ARG A 1 8   ? -13.727 -11.923 2.376   1.00 16.40 ? 16  ARG A CA  1 
ATOM   43   C C   . ARG A 1 8   ? -13.284 -10.527 2.709   1.00 16.25 ? 16  ARG A C   1 
ATOM   44   O O   . ARG A 1 8   ? -13.969 -9.813  3.472   1.00 16.68 ? 16  ARG A O   1 
ATOM   45   C CB  . ARG A 1 8   ? -14.595 -11.836 1.129   1.00 17.78 ? 16  ARG A CB  1 
ATOM   46   C CG  . ARG A 1 8   ? -15.099 -13.146 0.602   1.00 18.42 ? 16  ARG A CG  1 
ATOM   47   C CD  . ARG A 1 8   ? -14.127 -13.797 -0.345  1.00 17.86 ? 16  ARG A CD  1 
ATOM   48   N NE  . ARG A 1 8   ? -14.158 -13.214 -1.696  1.00 16.46 ? 16  ARG A NE  1 
ATOM   49   C CZ  . ARG A 1 8   ? -13.443 -13.729 -2.696  1.00 15.62 ? 16  ARG A CZ  1 
ATOM   50   N NH1 . ARG A 1 8   ? -12.619 -14.736 -2.463  1.00 15.49 ? 16  ARG A NH1 1 
ATOM   51   N NH2 . ARG A 1 8   ? -13.468 -13.228 -3.905  1.00 14.77 ? 16  ARG A NH2 1 
ATOM   52   N N   . SER A 1 9   ? -12.197 -10.082 2.107   1.00 15.22 ? 17  SER A N   1 
ATOM   53   C CA  A SER A 1 9   ? -11.760 -8.703  2.254   0.80 15.42 ? 17  SER A CA  1 
ATOM   54   C CA  B SER A 1 9   ? -11.767 -8.708  2.260   0.20 15.79 ? 17  SER A CA  1 
ATOM   55   C C   . SER A 1 9   ? -10.919 -8.266  1.082   1.00 15.50 ? 17  SER A C   1 
ATOM   56   O O   . SER A 1 9   ? -10.212 -9.063  0.483   1.00 15.69 ? 17  SER A O   1 
ATOM   57   C CB  A SER A 1 9   ? -10.946 -8.510  3.534   0.80 15.40 ? 17  SER A CB  1 
ATOM   58   C CB  B SER A 1 9   ? -10.975 -8.551  3.559   0.20 15.76 ? 17  SER A CB  1 
ATOM   59   O OG  A SER A 1 9   ? -10.650 -7.123  3.739   0.80 15.32 ? 17  SER A OG  1 
ATOM   60   O OG  B SER A 1 9   ? -11.795 -8.796  4.687   0.20 17.41 ? 17  SER A OG  1 
ATOM   61   N N   . TRP A 1 10  ? -10.987 -6.986  0.778   1.00 14.94 ? 18  TRP A N   1 
ATOM   62   C CA  . TRP A 1 10  ? -9.995  -6.372  -0.068  1.00 15.19 ? 18  TRP A CA  1 
ATOM   63   C C   . TRP A 1 10  ? -8.681  -6.288  0.713   1.00 15.00 ? 18  TRP A C   1 
ATOM   64   O O   . TRP A 1 10  ? -8.669  -6.179  1.946   1.00 15.30 ? 18  TRP A O   1 
ATOM   65   C CB  . TRP A 1 10  ? -10.450 -4.973  -0.514  1.00 15.67 ? 18  TRP A CB  1 
ATOM   66   C CG  . TRP A 1 10  ? -11.549 -5.008  -1.498  1.00 15.63 ? 18  TRP A CG  1 
ATOM   67   C CD1 . TRP A 1 10  ? -12.870 -4.942  -1.243  1.00 16.72 ? 18  TRP A CD1 1 
ATOM   68   C CD2 . TRP A 1 10  ? -11.408 -5.191  -2.908  1.00 15.44 ? 18  TRP A CD2 1 
ATOM   69   N NE1 . TRP A 1 10  ? -13.589 -5.050  -2.435  1.00 16.58 ? 18  TRP A NE1 1 
ATOM   70   C CE2 . TRP A 1 10  ? -12.700 -5.176  -3.465  1.00 15.58 ? 18  TRP A CE2 1 
ATOM   71   C CE3 . TRP A 1 10  ? -10.311 -5.315  -3.766  1.00 17.47 ? 18  TRP A CE3 1 
ATOM   72   C CZ2 . TRP A 1 10  ? -12.914 -5.321  -4.818  1.00 16.66 ? 18  TRP A CZ2 1 
ATOM   73   C CZ3 . TRP A 1 10  ? -10.538 -5.459  -5.107  1.00 17.07 ? 18  TRP A CZ3 1 
ATOM   74   C CH2 . TRP A 1 10  ? -11.814 -5.451  -5.616  1.00 16.89 ? 18  TRP A CH2 1 
ATOM   75   N N   . CYS A 1 11  ? -7.592  -6.312  -0.039  1.00 15.22 ? 19  CYS A N   1 
ATOM   76   C CA  . CYS A 1 11  ? -6.273  -6.192  0.537   1.00 15.10 ? 19  CYS A CA  1 
ATOM   77   C C   . CYS A 1 11  ? -5.286  -5.751  -0.537  1.00 15.51 ? 19  CYS A C   1 
ATOM   78   O O   . CYS A 1 11  ? -5.590  -5.810  -1.730  1.00 16.18 ? 19  CYS A O   1 
ATOM   79   C CB  . CYS A 1 11  ? -5.811  -7.518  1.168   1.00 15.48 ? 19  CYS A CB  1 
ATOM   80   S SG  . CYS A 1 11  ? -5.422  -8.868  0.033   1.00 17.51 ? 19  CYS A SG  1 
ATOM   81   N N   . LEU A 1 12  ? -4.094  -5.368  -0.075  1.00 15.84 ? 20  LEU A N   1 
ATOM   82   C CA  . LEU A 1 12  ? -2.956  -5.168  -0.939  1.00 16.03 ? 20  LEU A CA  1 
ATOM   83   C C   . LEU A 1 12  ? -2.050  -6.373  -0.715  1.00 15.90 ? 20  LEU A C   1 
ATOM   84   O O   . LEU A 1 12  ? -1.436  -6.539  0.337   1.00 16.62 ? 20  LEU A O   1 
ATOM   85   C CB  . LEU A 1 12  ? -2.211  -3.886  -0.618  1.00 16.83 ? 20  LEU A CB  1 
ATOM   86   C CG  . LEU A 1 12  ? -3.031  -2.609  -0.777  1.00 18.55 ? 20  LEU A CG  1 
ATOM   87   C CD1 . LEU A 1 12  ? -2.191  -1.395  -0.518  1.00 21.68 ? 20  LEU A CD1 1 
ATOM   88   C CD2 . LEU A 1 12  ? -3.691  -2.484  -2.147  1.00 21.30 ? 20  LEU A CD2 1 
ATOM   89   N N   . ARG A 1 13  ? -2.022  -7.249  -1.705  1.00 15.77 ? 21  ARG A N   1 
ATOM   90   C CA  . ARG A 1 13  ? -1.230  -8.486  -1.644  1.00 16.36 ? 21  ARG A CA  1 
ATOM   91   C C   . ARG A 1 13  ? 0.194   -8.137  -2.043  1.00 16.79 ? 21  ARG A C   1 
ATOM   92   O O   . ARG A 1 13  ? 0.437   -7.656  -3.143  1.00 17.43 ? 21  ARG A O   1 
ATOM   93   C CB  . ARG A 1 13  ? -1.852  -9.507  -2.599  1.00 16.71 ? 21  ARG A CB  1 
ATOM   94   C CG  . ARG A 1 13  ? -1.022  -10.730 -2.789  1.00 17.44 ? 21  ARG A CG  1 
ATOM   95   C CD  . ARG A 1 13  ? -1.745  -11.790 -3.609  1.00 20.71 ? 21  ARG A CD  1 
ATOM   96   N NE  . ARG A 1 13  ? -1.007  -13.039 -3.498  1.00 21.70 ? 21  ARG A NE  1 
ATOM   97   C CZ  . ARG A 1 13  ? -1.567  -14.222 -3.482  1.00 19.84 ? 21  ARG A CZ  1 
ATOM   98   N NH1 . ARG A 1 13  ? -2.898  -14.358 -3.597  1.00 21.63 ? 21  ARG A NH1 1 
ATOM   99   N NH2 . ARG A 1 13  ? -0.798  -15.289 -3.347  1.00 22.48 ? 21  ARG A NH2 1 
ATOM   100  N N   . ARG A 1 14  ? 1.157   -8.393  -1.162  1.00 16.01 ? 22  ARG A N   1 
ATOM   101  C CA  . ARG A 1 14  ? 2.538   -8.091  -1.458  1.00 16.51 ? 22  ARG A CA  1 
ATOM   102  C C   . ARG A 1 14  ? 3.028   -9.039  -2.539  1.00 16.12 ? 22  ARG A C   1 
ATOM   103  O O   . ARG A 1 14  ? 3.024   -10.270 -2.380  1.00 16.73 ? 22  ARG A O   1 
ATOM   104  C CB  . ARG A 1 14  ? 3.386   -8.235  -0.188  1.00 16.27 ? 22  ARG A CB  1 
ATOM   105  C CG  . ARG A 1 14  ? 4.857   -7.867  -0.385  1.00 16.41 ? 22  ARG A CG  1 
ATOM   106  C CD  . ARG A 1 14  ? 5.100   -6.339  -0.525  1.00 15.39 ? 22  ARG A CD  1 
ATOM   107  N NE  . ARG A 1 14  ? 6.549   -6.168  -0.590  1.00 16.23 ? 22  ARG A NE  1 
ATOM   108  C CZ  . ARG A 1 14  ? 7.366   -6.168  0.453   1.00 16.04 ? 22  ARG A CZ  1 
ATOM   109  N NH1 . ARG A 1 14  ? 6.888   -6.063  1.679   1.00 16.30 ? 22  ARG A NH1 1 
ATOM   110  N NH2 . ARG A 1 14  ? 8.674   -6.239  0.245   1.00 17.47 ? 22  ARG A NH2 1 
ATOM   111  N N   . VAL A 1 15  ? 3.472   -8.491  -3.658  1.00 15.52 ? 23  VAL A N   1 
ATOM   112  C CA  . VAL A 1 15  ? 3.877   -9.317  -4.795  1.00 17.19 ? 23  VAL A CA  1 
ATOM   113  C C   . VAL A 1 15  ? 5.123   -10.128 -4.439  1.00 16.81 ? 23  VAL A C   1 
ATOM   114  O O   . VAL A 1 15  ? 6.105   -9.580  -3.934  1.00 18.18 ? 23  VAL A O   1 
ATOM   115  C CB  . VAL A 1 15  ? 4.144   -8.448  -6.040  1.00 18.00 ? 23  VAL A CB  1 
ATOM   116  C CG1 . VAL A 1 15  ? 4.673   -9.318  -7.174  1.00 20.48 ? 23  VAL A CG1 1 
ATOM   117  C CG2 . VAL A 1 15  ? 2.892   -7.690  -6.475  1.00 20.79 ? 23  VAL A CG2 1 
ATOM   118  N N   . GLY A 1 16  ? 5.080   -11.426 -4.709  1.00 17.25 ? 24  GLY A N   1 
ATOM   119  C CA  . GLY A 1 16  ? 6.227   -12.289 -4.498  1.00 17.80 ? 24  GLY A CA  1 
ATOM   120  C C   . GLY A 1 16  ? 6.461   -12.809 -3.100  1.00 18.40 ? 24  GLY A C   1 
ATOM   121  O O   . GLY A 1 16  ? 7.452   -13.520 -2.863  1.00 19.54 ? 24  GLY A O   1 
ATOM   122  N N   A MET A 1 17  ? 5.562   -12.500 -2.165  0.80 18.51 ? 25  MET A N   1 
ATOM   123  N N   B MET A 1 17  ? 5.567   -12.503 -2.170  0.20 17.87 ? 25  MET A N   1 
ATOM   124  C CA  A MET A 1 17  ? 5.724   -12.794 -0.731  0.80 18.92 ? 25  MET A CA  1 
ATOM   125  C CA  B MET A 1 17  ? 5.737   -12.945 -0.795  0.20 17.31 ? 25  MET A CA  1 
ATOM   126  C C   A MET A 1 17  ? 4.432   -13.268 -0.105  0.80 17.55 ? 25  MET A C   1 
ATOM   127  C C   B MET A 1 17  ? 4.403   -13.368 -0.182  0.20 17.39 ? 25  MET A C   1 
ATOM   128  O O   A MET A 1 17  ? 3.397   -12.671 -0.433  0.80 17.51 ? 25  MET A O   1 
ATOM   129  O O   B MET A 1 17  ? 3.336   -12.979 -0.656  0.20 17.67 ? 25  MET A O   1 
ATOM   130  C CB  A MET A 1 17  ? 6.083   -11.493 0.001   0.80 19.73 ? 25  MET A CB  1 
ATOM   131  C CB  B MET A 1 17  ? 6.381   -11.827 0.032   0.20 17.64 ? 25  MET A CB  1 
ATOM   132  C CG  A MET A 1 17  ? 7.394   -10.973 -0.370  0.80 21.70 ? 25  MET A CG  1 
ATOM   133  C CG  B MET A 1 17  ? 7.802   -11.408 -0.429  0.20 16.37 ? 25  MET A CG  1 
ATOM   134  S SD  A MET A 1 17  ? 7.946   -9.867  0.900   0.80 22.76 ? 25  MET A SD  1 
ATOM   135  S SD  B MET A 1 17  ? 8.244   -9.735  0.106   0.20 14.88 ? 25  MET A SD  1 
ATOM   136  C CE  A MET A 1 17  ? 9.661   -9.720  0.350   0.80 23.21 ? 25  MET A CE  1 
ATOM   137  C CE  B MET A 1 17  ? 7.544   -9.862  1.748   0.20 11.76 ? 25  MET A CE  1 
ATOM   138  N N   . SER A 1 18  ? 4.497   -14.206 0.841   1.00 17.63 ? 26  SER A N   1 
ATOM   139  C CA  A SER A 1 18  ? 3.339   -14.568 1.660   0.50 17.77 ? 26  SER A CA  1 
ATOM   140  C CA  B SER A 1 18  ? 3.387   -14.622 1.690   0.50 17.64 ? 26  SER A CA  1 
ATOM   141  C C   . SER A 1 18  ? 3.479   -13.899 3.035   1.00 17.62 ? 26  SER A C   1 
ATOM   142  O O   . SER A 1 18  ? 3.158   -14.456 4.075   1.00 17.95 ? 26  SER A O   1 
ATOM   143  C CB  A SER A 1 18  ? 3.183   -16.081 1.750   0.50 18.19 ? 26  SER A CB  1 
ATOM   144  C CB  B SER A 1 18  ? 3.445   -16.138 1.911   0.50 18.14 ? 26  SER A CB  1 
ATOM   145  O OG  A SER A 1 18  ? 2.875   -16.607 0.467   0.50 19.19 ? 26  SER A OG  1 
ATOM   146  O OG  B SER A 1 18  ? 4.701   -16.530 2.444   0.50 20.47 ? 26  SER A OG  1 
ATOM   147  N N   . ALA A 1 19  ? 3.930   -12.640 3.009   1.00 17.20 ? 27  ALA A N   1 
ATOM   148  C CA  . ALA A 1 19  ? 4.112   -11.787 4.174   1.00 16.15 ? 27  ALA A CA  1 
ATOM   149  C C   . ALA A 1 19  ? 3.970   -10.337 3.701   1.00 16.19 ? 27  ALA A C   1 
ATOM   150  O O   . ALA A 1 19  ? 4.148   -10.064 2.520   1.00 16.62 ? 27  ALA A O   1 
ATOM   151  C CB  . ALA A 1 19  ? 5.506   -12.039 4.836   1.00 17.20 ? 27  ALA A CB  1 
ATOM   152  N N   . GLY A 1 20  ? 3.746   -9.427  4.645   1.00 15.91 ? 28  GLY A N   1 
ATOM   153  C CA  . GLY A 1 20  ? 3.654   -7.987  4.328   1.00 16.18 ? 28  GLY A CA  1 
ATOM   154  C C   . GLY A 1 20  ? 2.409   -7.534  3.577   1.00 15.81 ? 28  GLY A C   1 
ATOM   155  O O   . GLY A 1 20  ? 2.393   -6.454  3.008   1.00 16.12 ? 28  GLY A O   1 
ATOM   156  N N   . TRP A 1 21  ? 1.356   -8.351  3.578   1.00 15.47 ? 29  TRP A N   1 
ATOM   157  C CA  . TRP A 1 21  ? 0.129   -7.912  2.939   1.00 14.98 ? 29  TRP A CA  1 
ATOM   158  C C   . TRP A 1 21  ? -0.543  -6.858  3.817   1.00 15.90 ? 29  TRP A C   1 
ATOM   159  O O   . TRP A 1 21  ? -0.417  -6.885  5.036   1.00 15.82 ? 29  TRP A O   1 
ATOM   160  C CB  . TRP A 1 21  ? -0.832  -9.064  2.659   1.00 15.07 ? 29  TRP A CB  1 
ATOM   161  C CG  . TRP A 1 21  ? -0.365  -10.191 1.783   1.00 15.23 ? 29  TRP A CG  1 
ATOM   162  C CD1 . TRP A 1 21  ? 0.923   -10.538 1.471   1.00 16.10 ? 29  TRP A CD1 1 
ATOM   163  C CD2 . TRP A 1 21  ? -1.200  -11.179 1.193   1.00 15.52 ? 29  TRP A CD2 1 
ATOM   164  N NE1 . TRP A 1 21  ? 0.923   -11.643 0.689   1.00 15.93 ? 29  TRP A NE1 1 
ATOM   165  C CE2 . TRP A 1 21  ? -0.361  -12.083 0.518   1.00 15.64 ? 29  TRP A CE2 1 
ATOM   166  C CE3 . TRP A 1 21  ? -2.590  -11.352 1.117   1.00 15.98 ? 29  TRP A CE3 1 
ATOM   167  C CZ2 . TRP A 1 21  ? -0.856  -13.190 -0.182  1.00 16.11 ? 29  TRP A CZ2 1 
ATOM   168  C CZ3 . TRP A 1 21  ? -3.082  -12.474 0.447   1.00 16.48 ? 29  TRP A CZ3 1 
ATOM   169  C CH2 . TRP A 1 21  ? -2.223  -13.364 -0.201  1.00 17.20 ? 29  TRP A CH2 1 
ATOM   170  N N   . LEU A 1 22  ? -1.317  -5.967  3.182   1.00 16.36 ? 30  LEU A N   1 
ATOM   171  C CA  . LEU A 1 22  ? -1.980  -4.876  3.926   1.00 16.67 ? 30  LEU A CA  1 
ATOM   172  C C   . LEU A 1 22  ? -3.487  -5.050  3.809   1.00 15.75 ? 30  LEU A C   1 
ATOM   173  O O   . LEU A 1 22  ? -4.012  -5.140  2.705   1.00 17.07 ? 30  LEU A O   1 
ATOM   174  C CB  . LEU A 1 22  ? -1.543  -3.510  3.390   1.00 17.36 ? 30  LEU A CB  1 
ATOM   175  C CG  . LEU A 1 22  ? -0.031  -3.317  3.207   1.00 17.56 ? 30  LEU A CG  1 
ATOM   176  C CD1 . LEU A 1 22  ? 0.270   -1.896  2.750   1.00 19.69 ? 30  LEU A CD1 1 
ATOM   177  C CD2 . LEU A 1 22  ? 0.765   -3.610  4.493   1.00 19.33 ? 30  LEU A CD2 1 
ATOM   178  N N   . LEU A 1 23  ? -4.189  -5.131  4.934   1.00 15.81 ? 31  LEU A N   1 
ATOM   179  C CA  . LEU A 1 23  ? -5.645  -5.298  4.907   1.00 16.02 ? 31  LEU A CA  1 
ATOM   180  C C   . LEU A 1 23  ? -6.339  -3.993  4.563   1.00 15.99 ? 31  LEU A C   1 
ATOM   181  O O   . LEU A 1 23  ? -5.989  -2.950  5.113   1.00 16.90 ? 31  LEU A O   1 
ATOM   182  C CB  . LEU A 1 23  ? -6.153  -5.843  6.250   1.00 15.87 ? 31  LEU A CB  1 
ATOM   183  C CG  . LEU A 1 23  ? -7.589  -6.350  6.304   1.00 16.75 ? 31  LEU A CG  1 
ATOM   184  C CD1 . LEU A 1 23  ? -7.713  -7.601  5.415   1.00 17.93 ? 31  LEU A CD1 1 
ATOM   185  C CD2 . LEU A 1 23  ? -8.035  -6.637  7.721   1.00 17.52 ? 31  LEU A CD2 1 
ATOM   186  N N   . LEU A 1 24  ? -7.334  -4.035  3.682   1.00 16.22 ? 32  LEU A N   1 
ATOM   187  C CA  . LEU A 1 24  ? -8.203  -2.873  3.418   1.00 16.42 ? 32  LEU A CA  1 
ATOM   188  C C   . LEU A 1 24  ? -9.536  -3.184  4.105   1.00 17.00 ? 32  LEU A C   1 
ATOM   189  O O   . LEU A 1 24  ? -10.459 -3.732  3.503   1.00 16.60 ? 32  LEU A O   1 
ATOM   190  C CB  . LEU A 1 24  ? -8.342  -2.624  1.917   1.00 16.98 ? 32  LEU A CB  1 
ATOM   191  C CG  . LEU A 1 24  ? -7.023  -2.357  1.195   1.00 16.90 ? 32  LEU A CG  1 
ATOM   192  C CD1 . LEU A 1 24  ? -7.265  -2.127  -0.286  1.00 19.37 ? 32  LEU A CD1 1 
ATOM   193  C CD2 . LEU A 1 24  ? -6.258  -1.184  1.831   1.00 18.55 ? 32  LEU A CD2 1 
ATOM   194  N N   . GLU A 1 25  ? -9.621  -2.826  5.380   1.00 17.32 ? 33  GLU A N   1 
ATOM   195  C CA  . GLU A 1 25  ? -10.735 -3.198  6.213   1.00 18.47 ? 33  GLU A CA  1 
ATOM   196  C C   . GLU A 1 25  ? -11.912 -2.306  5.871   1.00 18.35 ? 33  GLU A C   1 
ATOM   197  O O   . GLU A 1 25  ? -11.811 -1.086  5.859   1.00 17.91 ? 33  GLU A O   1 
ATOM   198  C CB  . GLU A 1 25  ? -10.345 -3.081  7.681   1.00 19.49 ? 33  GLU A CB  1 
ATOM   199  C CG  . GLU A 1 25  ? -11.411 -3.474  8.650   1.00 21.25 ? 33  GLU A CG  1 
ATOM   200  C CD  . GLU A 1 25  ? -10.933 -3.442  10.080  1.00 23.21 ? 33  GLU A CD  1 
ATOM   201  O OE1 . GLU A 1 25  ? -9.713  -3.403  10.313  1.00 29.69 ? 33  GLU A OE1 1 
ATOM   202  O OE2 . GLU A 1 25  ? -11.789 -3.464  10.979  1.00 29.44 ? 33  GLU A OE2 1 
ATOM   203  N N   . ASP A 1 26  ? -13.063 -2.922  5.665   1.00 19.00 ? 34  ASP A N   1 
ATOM   204  C CA  . ASP A 1 26  ? -14.245 -2.192  5.271   1.00 18.79 ? 34  ASP A CA  1 
ATOM   205  C C   . ASP A 1 26  ? -14.540 -1.059  6.249   1.00 19.12 ? 34  ASP A C   1 
ATOM   206  O O   . ASP A 1 26  ? -14.531 -1.252  7.467   1.00 18.70 ? 34  ASP A O   1 
ATOM   207  C CB  . ASP A 1 26  ? -15.448 -3.131  5.188   1.00 19.56 ? 34  ASP A CB  1 
ATOM   208  C CG  . ASP A 1 26  ? -16.620 -2.507  4.522   1.00 21.73 ? 34  ASP A CG  1 
ATOM   209  O OD1 . ASP A 1 26  ? -17.689 -2.366  5.160   1.00 27.92 ? 34  ASP A OD1 1 
ATOM   210  O OD2 . ASP A 1 26  ? -16.495 -2.112  3.363   1.00 23.61 ? 34  ASP A OD2 1 
ATOM   211  N N   . GLY A 1 27  ? -14.764 0.139   5.712   1.00 18.12 ? 35  GLY A N   1 
ATOM   212  C CA  . GLY A 1 27  ? -15.091 1.307   6.517   1.00 18.53 ? 35  GLY A CA  1 
ATOM   213  C C   . GLY A 1 27  ? -13.946 2.038   7.176   1.00 18.95 ? 35  GLY A C   1 
ATOM   214  O O   . GLY A 1 27  ? -14.172 2.991   7.909   1.00 21.72 ? 35  GLY A O   1 
ATOM   215  N N   . CYS A 1 28  ? -12.719 1.616   6.894   1.00 17.49 ? 36  CYS A N   1 
ATOM   216  C CA  . CYS A 1 28  ? -11.539 2.173   7.528   1.00 18.14 ? 36  CYS A CA  1 
ATOM   217  C C   . CYS A 1 28  ? -10.658 2.951   6.569   1.00 17.26 ? 36  CYS A C   1 
ATOM   218  O O   . CYS A 1 28  ? -10.661 2.705   5.364   1.00 17.67 ? 36  CYS A O   1 
ATOM   219  C CB  . CYS A 1 28  ? -10.706 1.049   8.147   1.00 18.57 ? 36  CYS A CB  1 
ATOM   220  S SG  . CYS A 1 28  ? -11.552 0.117   9.455   1.00 22.23 ? 36  CYS A SG  1 
ATOM   221  N N   A GLU A 1 29  ? -9.936  3.921   7.106   0.80 17.83 ? 37  GLU A N   1 
ATOM   222  N N   B GLU A 1 29  ? -9.892  3.892   7.125   0.20 17.12 ? 37  GLU A N   1 
ATOM   223  C CA  A GLU A 1 29  ? -8.868  4.590   6.391   0.80 17.98 ? 37  GLU A CA  1 
ATOM   224  C CA  B GLU A 1 29  ? -8.856  4.634   6.398   0.20 16.96 ? 37  GLU A CA  1 
ATOM   225  C C   A GLU A 1 29  ? -7.594  3.819   6.712   0.80 18.05 ? 37  GLU A C   1 
ATOM   226  C C   B GLU A 1 29  ? -7.481  4.067   6.729   0.20 16.63 ? 37  GLU A C   1 
ATOM   227  O O   A GLU A 1 29  ? -7.372  3.409   7.859   0.80 20.14 ? 37  GLU A O   1 
ATOM   228  O O   B GLU A 1 29  ? -7.048  4.145   7.893   0.20 15.31 ? 37  GLU A O   1 
ATOM   229  C CB  A GLU A 1 29  ? -8.746  6.041   6.845   0.80 18.77 ? 37  GLU A CB  1 
ATOM   230  C CB  B GLU A 1 29  ? -8.840  6.103   6.816   0.20 17.20 ? 37  GLU A CB  1 
ATOM   231  C CG  A GLU A 1 29  ? -7.736  6.860   6.041   0.80 19.77 ? 37  GLU A CG  1 
ATOM   232  C CG  B GLU A 1 29  ? -10.010 6.941   6.365   0.20 17.67 ? 37  GLU A CG  1 
ATOM   233  C CD  A GLU A 1 29  ? -7.686  8.300   6.439   0.80 22.48 ? 37  GLU A CD  1 
ATOM   234  C CD  B GLU A 1 29  ? -9.844  8.402   6.759   0.20 17.88 ? 37  GLU A CD  1 
ATOM   235  O OE1 A GLU A 1 29  ? -8.189  9.136   5.667   0.80 26.56 ? 37  GLU A OE1 1 
ATOM   236  O OE1 B GLU A 1 29  ? -8.716  8.785   7.146   0.20 20.00 ? 37  GLU A OE1 1 
ATOM   237  O OE2 A GLU A 1 29  ? -7.132  8.589   7.516   0.80 28.39 ? 37  GLU A OE2 1 
ATOM   238  O OE2 B GLU A 1 29  ? -10.833 9.167   6.681   0.20 19.67 ? 37  GLU A OE2 1 
ATOM   239  N N   . VAL A 1 30  ? -6.771  3.584   5.704   1.00 16.42 ? 38  VAL A N   1 
ATOM   240  C CA  . VAL A 1 30  ? -5.514  2.862   5.873   1.00 16.75 ? 38  VAL A CA  1 
ATOM   241  C C   . VAL A 1 30  ? -4.390  3.762   5.357   1.00 16.63 ? 38  VAL A C   1 
ATOM   242  O O   . VAL A 1 30  ? -4.285  4.055   4.152   1.00 17.75 ? 38  VAL A O   1 
ATOM   243  C CB  . VAL A 1 30  ? -5.538  1.543   5.096   1.00 17.14 ? 38  VAL A CB  1 
ATOM   244  C CG1 . VAL A 1 30  ? -4.218  0.806   5.292   1.00 18.44 ? 38  VAL A CG1 1 
ATOM   245  C CG2 . VAL A 1 30  ? -6.708  0.670   5.518   1.00 19.48 ? 38  VAL A CG2 1 
ATOM   246  N N   . THR A 1 31  ? -3.518  4.182   6.264   1.00 17.34 ? 39  THR A N   1 
ATOM   247  C CA  . THR A 1 31  ? -2.352  4.980   5.890   1.00 16.67 ? 39  THR A CA  1 
ATOM   248  C C   . THR A 1 31  ? -1.102  4.102   5.900   1.00 16.49 ? 39  THR A C   1 
ATOM   249  O O   . THR A 1 31  ? -0.985  3.165   6.723   1.00 17.12 ? 39  THR A O   1 
ATOM   250  C CB  . THR A 1 31  ? -2.202  6.200   6.789   1.00 18.33 ? 39  THR A CB  1 
ATOM   251  O OG1 . THR A 1 31  ? -2.048  5.760   8.134   1.00 19.37 ? 39  THR A OG1 1 
ATOM   252  C CG2 . THR A 1 31  ? -3.439  7.121   6.696   1.00 18.31 ? 39  THR A CG2 1 
ATOM   253  N N   . VAL A 1 32  ? -0.177  4.409   5.004   1.00 15.97 ? 40  VAL A N   1 
ATOM   254  C CA  . VAL A 1 32  ? 1.026   3.591   4.813   1.00 16.43 ? 40  VAL A CA  1 
ATOM   255  C C   . VAL A 1 32  ? 2.229   4.519   4.701   1.00 16.08 ? 40  VAL A C   1 
ATOM   256  O O   . VAL A 1 32  ? 2.186   5.521   3.994   1.00 16.54 ? 40  VAL A O   1 
ATOM   257  C CB  . VAL A 1 32  ? 0.908   2.730   3.540   1.00 16.40 ? 40  VAL A CB  1 
ATOM   258  C CG1 . VAL A 1 32  ? 2.139   1.820   3.429   1.00 17.50 ? 40  VAL A CG1 1 
ATOM   259  C CG2 . VAL A 1 32  ? -0.385  1.904   3.522   1.00 17.31 ? 40  VAL A CG2 1 
ATOM   260  N N   . GLY A 1 33  ? 3.316   4.178   5.379   1.00 16.30 ? 41  GLY A N   1 
ATOM   261  C CA  . GLY A 1 33  ? 4.536   4.973   5.308   1.00 16.46 ? 41  GLY A CA  1 
ATOM   262  C C   . GLY A 1 33  ? 5.572   4.382   6.229   1.00 16.58 ? 41  GLY A C   1 
ATOM   263  O O   . GLY A 1 33  ? 5.304   3.373   6.879   1.00 17.01 ? 41  GLY A O   1 
ATOM   264  N N   . ARG A 1 34  ? 6.719   5.037   6.363   1.00 16.59 ? 42  ARG A N   1 
ATOM   265  C CA  . ARG A 1 34  ? 7.748   4.533   7.280   1.00 17.28 ? 42  ARG A CA  1 
ATOM   266  C C   . ARG A 1 34  ? 7.736   5.248   8.631   1.00 17.82 ? 42  ARG A C   1 
ATOM   267  O O   . ARG A 1 34  ? 8.486   4.856   9.524   1.00 17.93 ? 42  ARG A O   1 
ATOM   268  C CB  . ARG A 1 34  ? 9.132   4.592   6.642   1.00 18.79 ? 42  ARG A CB  1 
ATOM   269  C CG  . ARG A 1 34  ? 9.643   5.961   6.359   1.00 18.74 ? 42  ARG A CG  1 
ATOM   270  C CD  . ARG A 1 34  ? 11.124  5.930   5.927   1.00 17.21 ? 42  ARG A CD  1 
ATOM   271  N NE  . ARG A 1 34  ? 11.432  7.258   5.480   1.00 17.72 ? 42  ARG A NE  1 
ATOM   272  C CZ  . ARG A 1 34  ? 11.884  8.240   6.242   1.00 17.10 ? 42  ARG A CZ  1 
ATOM   273  N NH1 . ARG A 1 34  ? 12.351  8.028   7.469   1.00 17.25 ? 42  ARG A NH1 1 
ATOM   274  N NH2 . ARG A 1 34  ? 11.975  9.441   5.709   1.00 17.17 ? 42  ARG A NH2 1 
ATOM   275  N N   . GLY A 1 35  ? 6.882   6.259   8.794   1.00 17.54 ? 43  GLY A N   1 
ATOM   276  C CA  A GLY A 1 35  ? 6.816   7.049   10.033  0.50 19.39 ? 43  GLY A CA  1 
ATOM   277  C CA  B GLY A 1 35  ? 6.822   7.033   10.030  0.50 19.48 ? 43  GLY A CA  1 
ATOM   278  C C   . GLY A 1 35  ? 5.975   6.354   11.087  1.00 20.70 ? 43  GLY A C   1 
ATOM   279  O O   . GLY A 1 35  ? 5.446   5.271   10.869  1.00 22.22 ? 43  GLY A O   1 
ATOM   280  N N   A PHE A 1 36  ? 5.860   6.922   12.278  0.50 22.28 ? 44  PHE A N   1 
ATOM   281  N N   B PHE A 1 36  ? 5.831   7.056   12.211  0.50 22.60 ? 44  PHE A N   1 
ATOM   282  C CA  A PHE A 1 36  ? 5.147   6.180   13.324  0.50 22.75 ? 44  PHE A CA  1 
ATOM   283  C CA  B PHE A 1 36  ? 5.249   6.500   13.433  0.50 23.17 ? 44  PHE A CA  1 
ATOM   284  C C   A PHE A 1 36  ? 3.632   6.438   13.438  0.50 23.38 ? 44  PHE A C   1 
ATOM   285  C C   B PHE A 1 36  ? 3.731   6.652   13.604  0.50 23.81 ? 44  PHE A C   1 
ATOM   286  O O   A PHE A 1 36  ? 2.942   5.676   14.111  0.50 24.58 ? 44  PHE A O   1 
ATOM   287  O O   B PHE A 1 36  ? 3.169   6.108   14.562  0.50 24.67 ? 44  PHE A O   1 
ATOM   288  C CB  A PHE A 1 36  ? 5.881   6.302   14.668  0.50 23.57 ? 44  PHE A CB  1 
ATOM   289  C CB  B PHE A 1 36  ? 5.956   7.121   14.651  0.50 24.56 ? 44  PHE A CB  1 
ATOM   290  C CG  A PHE A 1 36  ? 7.202   5.573   14.690  0.50 24.39 ? 44  PHE A CG  1 
ATOM   291  C CG  B PHE A 1 36  ? 7.354   6.603   14.880  0.50 25.54 ? 44  PHE A CG  1 
ATOM   292  C CD1 A PHE A 1 36  ? 7.292   4.262   15.160  0.50 24.99 ? 44  PHE A CD1 1 
ATOM   293  C CD1 B PHE A 1 36  ? 7.572   5.249   15.127  0.50 26.83 ? 44  PHE A CD1 1 
ATOM   294  C CD2 A PHE A 1 36  ? 8.358   6.189   14.219  0.50 25.20 ? 44  PHE A CD2 1 
ATOM   295  C CD2 B PHE A 1 36  ? 8.448   7.464   14.869  0.50 26.53 ? 44  PHE A CD2 1 
ATOM   296  C CE1 A PHE A 1 36  ? 8.511   3.582   15.165  0.50 24.61 ? 44  PHE A CE1 1 
ATOM   297  C CE1 B PHE A 1 36  ? 8.849   4.756   15.337  0.50 26.44 ? 44  PHE A CE1 1 
ATOM   298  C CE2 A PHE A 1 36  ? 9.579   5.518   14.222  0.50 24.84 ? 44  PHE A CE2 1 
ATOM   299  C CE2 B PHE A 1 36  ? 9.740   6.978   15.093  0.50 26.74 ? 44  PHE A CE2 1 
ATOM   300  C CZ  A PHE A 1 36  ? 9.656   4.213   14.699  0.50 24.54 ? 44  PHE A CZ  1 
ATOM   301  C CZ  B PHE A 1 36  ? 9.939   5.620   15.327  0.50 26.50 ? 44  PHE A CZ  1 
ATOM   302  N N   . GLY A 1 37  ? 3.083   7.429   12.745  1.00 23.36 ? 45  GLY A N   1 
ATOM   303  C CA  . GLY A 1 37  ? 1.616   7.655   12.829  1.00 22.94 ? 45  GLY A CA  1 
ATOM   304  C C   . GLY A 1 37  ? 0.685   6.734   12.020  1.00 22.93 ? 45  GLY A C   1 
ATOM   305  O O   . GLY A 1 37  ? -0.544  6.717   12.221  1.00 25.12 ? 45  GLY A O   1 
ATOM   306  N N   . VAL A 1 38  ? 1.260   5.917   11.156  1.00 20.62 ? 46  VAL A N   1 
ATOM   307  C CA  A VAL A 1 38  ? 0.499   5.270   10.090  0.50 19.81 ? 46  VAL A CA  1 
ATOM   308  C CA  B VAL A 1 38  ? 0.520   5.256   10.082  0.50 19.79 ? 46  VAL A CA  1 
ATOM   309  C C   . VAL A 1 38  ? -0.109  3.927   10.492  1.00 18.66 ? 46  VAL A C   1 
ATOM   310  O O   . VAL A 1 38  ? 0.332   3.282   11.455  1.00 19.46 ? 46  VAL A O   1 
ATOM   311  C CB  A VAL A 1 38  ? 1.362   5.108   8.827   0.50 19.39 ? 46  VAL A CB  1 
ATOM   312  C CB  B VAL A 1 38  ? 1.446   5.013   8.887   0.50 19.34 ? 46  VAL A CB  1 
ATOM   313  C CG1 A VAL A 1 38  ? 1.623   6.490   8.178   0.50 20.20 ? 46  VAL A CG1 1 
ATOM   314  C CG1 B VAL A 1 38  ? 1.967   6.356   8.336   0.50 20.61 ? 46  VAL A CG1 1 
ATOM   315  C CG2 A VAL A 1 38  ? 2.673   4.407   9.158   0.50 19.47 ? 46  VAL A CG2 1 
ATOM   316  C CG2 B VAL A 1 38  ? 2.603   4.097   9.300   0.50 19.14 ? 46  VAL A CG2 1 
ATOM   317  N N   . THR A 1 39  ? -1.107  3.480   9.729   1.00 18.22 ? 47  THR A N   1 
ATOM   318  C CA  . THR A 1 39  ? -1.726  2.178   9.993   1.00 18.00 ? 47  THR A CA  1 
ATOM   319  C C   . THR A 1 39  ? -0.722  1.040   9.832   1.00 17.63 ? 47  THR A C   1 
ATOM   320  O O   . THR A 1 39  ? -0.632  0.132   10.677  1.00 17.31 ? 47  THR A O   1 
ATOM   321  C CB  . THR A 1 39  ? -2.877  1.912   9.036   1.00 17.74 ? 47  THR A CB  1 
ATOM   322  O OG1 . THR A 1 39  ? -3.753  3.044   8.988   1.00 18.47 ? 47  THR A OG1 1 
ATOM   323  C CG2 . THR A 1 39  ? -3.666  0.681   9.443   1.00 18.76 ? 47  THR A CG2 1 
ATOM   324  N N   . TYR A 1 40  ? 0.023   1.089   8.728   1.00 16.66 ? 48  TYR A N   1 
ATOM   325  C CA  . TYR A 1 40  ? 1.054   0.088   8.419   1.00 16.98 ? 48  TYR A CA  1 
ATOM   326  C C   . TYR A 1 40  ? 2.374   0.793   8.232   1.00 17.00 ? 48  TYR A C   1 
ATOM   327  O O   . TYR A 1 40  ? 2.537   1.610   7.320   1.00 17.25 ? 48  TYR A O   1 
ATOM   328  C CB  . TYR A 1 40  ? 0.704   -0.691  7.142   1.00 16.97 ? 48  TYR A CB  1 
ATOM   329  C CG  . TYR A 1 40  ? -0.425  -1.661  7.328   1.00 16.26 ? 48  TYR A CG  1 
ATOM   330  C CD1 . TYR A 1 40  ? -0.239  -2.809  8.063   1.00 17.48 ? 48  TYR A CD1 1 
ATOM   331  C CD2 . TYR A 1 40  ? -1.675  -1.434  6.734   1.00 16.61 ? 48  TYR A CD2 1 
ATOM   332  C CE1 . TYR A 1 40  ? -1.249  -3.733  8.200   1.00 17.29 ? 48  TYR A CE1 1 
ATOM   333  C CE2 . TYR A 1 40  ? -2.694  -2.348  6.884   1.00 17.20 ? 48  TYR A CE2 1 
ATOM   334  C CZ  . TYR A 1 40  ? -2.475  -3.484  7.620   1.00 16.86 ? 48  TYR A CZ  1 
ATOM   335  O OH  . TYR A 1 40  ? -3.464  -4.427  7.749   1.00 17.98 ? 48  TYR A OH  1 
ATOM   336  N N   . GLN A 1 41  ? 3.309   0.508   9.134   1.00 17.08 ? 49  GLN A N   1 
ATOM   337  C CA  . GLN A 1 41  ? 4.657   1.073   9.052   1.00 18.34 ? 49  GLN A CA  1 
ATOM   338  C C   . GLN A 1 41  ? 5.523   0.132   8.226   1.00 18.20 ? 49  GLN A C   1 
ATOM   339  O O   . GLN A 1 41  ? 5.735   -1.041  8.588   1.00 20.69 ? 49  GLN A O   1 
ATOM   340  C CB  . GLN A 1 41  ? 5.258   1.286   10.448  1.00 18.66 ? 49  GLN A CB  1 
ATOM   341  C CG  . GLN A 1 41  ? 6.540   2.051   10.411  1.00 18.65 ? 49  GLN A CG  1 
ATOM   342  C CD  . GLN A 1 41  ? 7.194   2.171   11.754  1.00 21.86 ? 49  GLN A CD  1 
ATOM   343  O OE1 . GLN A 1 41  ? 7.353   1.191   12.477  1.00 25.18 ? 49  GLN A OE1 1 
ATOM   344  N NE2 . GLN A 1 41  ? 7.623   3.385   12.081  1.00 26.68 ? 49  GLN A NE2 1 
ATOM   345  N N   . LEU A 1 42  ? 6.031   0.630   7.121   1.00 17.41 ? 50  LEU A N   1 
ATOM   346  C CA  . LEU A 1 42  ? 6.945   -0.115  6.278   1.00 18.31 ? 50  LEU A CA  1 
ATOM   347  C C   . LEU A 1 42  ? 8.336   0.143   6.845   1.00 19.11 ? 50  LEU A C   1 
ATOM   348  O O   . LEU A 1 42  ? 8.636   1.251   7.285   1.00 21.18 ? 50  LEU A O   1 
ATOM   349  C CB  . LEU A 1 42  ? 6.835   0.350   4.828   1.00 17.42 ? 50  LEU A CB  1 
ATOM   350  C CG  . LEU A 1 42  ? 5.438   0.202   4.217   1.00 17.15 ? 50  LEU A CG  1 
ATOM   351  C CD1 . LEU A 1 42  ? 5.504   0.544   2.752   1.00 18.96 ? 50  LEU A CD1 1 
ATOM   352  C CD2 . LEU A 1 42  ? 4.905   -1.236  4.417   1.00 18.31 ? 50  LEU A CD2 1 
ATOM   353  N N   . VAL A 1 43  ? 9.119   -0.913  6.962   1.00 18.48 ? 51  VAL A N   1 
ATOM   354  C CA  . VAL A 1 43  ? 10.524  -0.845  7.398   1.00 19.11 ? 51  VAL A CA  1 
ATOM   355  C C   . VAL A 1 43  ? 11.351  -1.618  6.384   1.00 18.63 ? 51  VAL A C   1 
ATOM   356  O O   . VAL A 1 43  ? 11.150  -2.832  6.192   1.00 19.54 ? 51  VAL A O   1 
ATOM   357  C CB  . VAL A 1 43  ? 10.727  -1.436  8.812   1.00 18.93 ? 51  VAL A CB  1 
ATOM   358  C CG1 . VAL A 1 43  ? 12.191  -1.398  9.255   1.00 20.89 ? 51  VAL A CG1 1 
ATOM   359  C CG2 . VAL A 1 43  ? 9.889   -0.695  9.825   1.00 21.64 ? 51  VAL A CG2 1 
ATOM   360  N N   . SER A 1 44  ? 12.227  -0.894  5.685   1.00 17.36 ? 52  SER A N   1 
ATOM   361  C CA  . SER A 1 44  ? 13.092  -1.492  4.683   1.00 17.44 ? 52  SER A CA  1 
ATOM   362  C C   . SER A 1 44  ? 14.505  -1.520  5.210   1.00 17.09 ? 52  SER A C   1 
ATOM   363  O O   . SER A 1 44  ? 14.999  -0.506  5.644   1.00 17.76 ? 52  SER A O   1 
ATOM   364  C CB  . SER A 1 44  ? 13.082  -0.688  3.384   1.00 15.93 ? 52  SER A CB  1 
ATOM   365  O OG  . SER A 1 44  ? 14.009  -1.248  2.451   1.00 16.60 ? 52  SER A OG  1 
ATOM   366  N N   . LYS A 1 45  ? 15.114  -2.698  5.196   1.00 17.89 ? 53  LYS A N   1 
ATOM   367  C CA  A LYS A 1 45  ? 16.563  -2.817  5.429   0.50 18.58 ? 53  LYS A CA  1 
ATOM   368  C CA  B LYS A 1 45  ? 16.543  -2.922  5.402   0.50 18.09 ? 53  LYS A CA  1 
ATOM   369  C C   . LYS A 1 45  ? 17.337  -2.514  4.139   1.00 17.33 ? 53  LYS A C   1 
ATOM   370  O O   . LYS A 1 45  ? 18.433  -1.935  4.181   1.00 17.60 ? 53  LYS A O   1 
ATOM   371  C CB  A LYS A 1 45  ? 16.975  -4.203  5.941   0.50 19.63 ? 53  LYS A CB  1 
ATOM   372  C CB  B LYS A 1 45  ? 16.739  -4.425  5.693   0.50 19.17 ? 53  LYS A CB  1 
ATOM   373  C CG  A LYS A 1 45  ? 16.371  -4.637  7.266   0.50 21.48 ? 53  LYS A CG  1 
ATOM   374  C CG  B LYS A 1 45  ? 18.173  -4.904  5.840   0.50 19.21 ? 53  LYS A CG  1 
ATOM   375  C CD  A LYS A 1 45  ? 16.546  -6.150  7.447   0.50 21.32 ? 53  LYS A CD  1 
ATOM   376  C CD  B LYS A 1 45  ? 18.191  -6.413  6.105   0.50 19.30 ? 53  LYS A CD  1 
ATOM   377  C CE  A LYS A 1 45  ? 16.087  -6.627  8.828   0.50 22.87 ? 53  LYS A CE  1 
ATOM   378  C CE  B LYS A 1 45  ? 19.617  -6.949  6.206   0.50 20.07 ? 53  LYS A CE  1 
ATOM   379  N NZ  A LYS A 1 45  ? 15.744  -8.080  8.843   0.50 24.04 ? 53  LYS A NZ  1 
ATOM   380  N NZ  B LYS A 1 45  ? 19.718  -8.427  6.425   0.50 21.29 ? 53  LYS A NZ  1 
ATOM   381  N N   . ILE A 1 46  ? 16.758  -2.867  2.988   1.00 16.97 ? 54  ILE A N   1 
ATOM   382  C CA  . ILE A 1 46  ? 17.419  -2.664  1.717   1.00 17.92 ? 54  ILE A CA  1 
ATOM   383  C C   . ILE A 1 46  ? 17.633  -1.179  1.381   1.00 18.26 ? 54  ILE A C   1 
ATOM   384  O O   . ILE A 1 46  ? 18.690  -0.764  0.928   1.00 18.87 ? 54  ILE A O   1 
ATOM   385  C CB  . ILE A 1 46  ? 16.625  -3.364  0.581   1.00 18.28 ? 54  ILE A CB  1 
ATOM   386  C CG1 . ILE A 1 46  ? 16.587  -4.895  0.780   1.00 19.61 ? 54  ILE A CG1 1 
ATOM   387  C CG2 . ILE A 1 46  ? 17.267  -3.068  -0.762  1.00 20.06 ? 54  ILE A CG2 1 
ATOM   388  C CD1 . ILE A 1 46  ? 15.576  -5.630  -0.103  1.00 20.16 ? 54  ILE A CD1 1 
ATOM   389  N N   . CYS A 1 47  ? 16.598  -0.379  1.612   1.00 17.16 ? 55  CYS A N   1 
ATOM   390  C CA  . CYS A 1 47  ? 16.652  1.047   1.317   1.00 17.48 ? 55  CYS A CA  1 
ATOM   391  C C   . CYS A 1 47  ? 15.747  1.780   2.286   1.00 17.16 ? 55  CYS A C   1 
ATOM   392  O O   . CYS A 1 47  ? 14.615  2.109   1.950   1.00 16.83 ? 55  CYS A O   1 
ATOM   393  C CB  . CYS A 1 47  ? 16.236  1.314   -0.133  1.00 16.56 ? 55  CYS A CB  1 
ATOM   394  S SG  . CYS A 1 47  ? 16.472  3.013   -0.630  1.00 18.00 ? 55  CYS A SG  1 
ATOM   395  N N   . PRO A 1 48  ? 16.236  2.054   3.507   1.00 16.66 ? 56  PRO A N   1 
ATOM   396  C CA  . PRO A 1 48  ? 15.418  2.636   4.571   1.00 18.04 ? 56  PRO A CA  1 
ATOM   397  C C   . PRO A 1 48  ? 14.645  3.895   4.195   1.00 17.84 ? 56  PRO A C   1 
ATOM   398  O O   . PRO A 1 48  ? 13.508  4.045   4.640   1.00 18.90 ? 56  PRO A O   1 
ATOM   399  C CB  . PRO A 1 48  ? 16.443  2.899   5.681   1.00 18.31 ? 56  PRO A CB  1 
ATOM   400  C CG  . PRO A 1 48  ? 17.469  1.846   5.478   1.00 19.07 ? 56  PRO A CG  1 
ATOM   401  C CD  . PRO A 1 48  ? 17.587  1.687   3.985   1.00 17.09 ? 56  PRO A CD  1 
ATOM   402  N N   . LEU A 1 49  ? 15.218  4.744   3.350   1.00 16.92 ? 57  LEU A N   1 
ATOM   403  C CA  . LEU A 1 49  ? 14.658  6.078   3.114   1.00 16.93 ? 57  LEU A CA  1 
ATOM   404  C C   . LEU A 1 49  ? 14.005  6.259   1.744   1.00 16.97 ? 57  LEU A C   1 
ATOM   405  O O   . LEU A 1 49  ? 13.787  7.389   1.290   1.00 17.25 ? 57  LEU A O   1 
ATOM   406  C CB  . LEU A 1 49  ? 15.729  7.131   3.357   1.00 17.44 ? 57  LEU A CB  1 
ATOM   407  C CG  . LEU A 1 49  ? 16.429  7.058   4.719   1.00 17.13 ? 57  LEU A CG  1 
ATOM   408  C CD1 . LEU A 1 49  ? 17.534  8.111   4.794   1.00 18.49 ? 57  LEU A CD1 1 
ATOM   409  C CD2 . LEU A 1 49  ? 15.405  7.265   5.846   1.00 19.36 ? 57  LEU A CD2 1 
ATOM   410  N N   . MET A 1 50  ? 13.641  5.157   1.101   1.00 16.56 ? 58  MET A N   1 
ATOM   411  C CA  . MET A 1 50  ? 12.856  5.214   -0.146  1.00 17.03 ? 58  MET A CA  1 
ATOM   412  C C   . MET A 1 50  ? 11.421  5.651   0.113   1.00 16.26 ? 58  MET A C   1 
ATOM   413  O O   . MET A 1 50  ? 10.906  6.520   -0.600  1.00 17.01 ? 58  MET A O   1 
ATOM   414  C CB  . MET A 1 50  ? 12.843  3.832   -0.829  1.00 16.74 ? 58  MET A CB  1 
ATOM   415  C CG  . MET A 1 50  ? 11.897  3.686   -2.024  1.00 17.43 ? 58  MET A CG  1 
ATOM   416  S SD  . MET A 1 50  ? 12.447  4.573   -3.478  1.00 17.86 ? 58  MET A SD  1 
ATOM   417  C CE  . MET A 1 50  ? 13.915  3.605   -3.906  1.00 16.44 ? 58  MET A CE  1 
ATOM   418  N N   . ILE A 1 51  ? 10.779  5.030   1.088   1.00 15.87 ? 59  ILE A N   1 
ATOM   419  C CA  . ILE A 1 51  ? 9.379   5.284   1.415   1.00 15.97 ? 59  ILE A CA  1 
ATOM   420  C C   . ILE A 1 51  ? 9.298   6.528   2.286   1.00 14.96 ? 59  ILE A C   1 
ATOM   421  O O   . ILE A 1 51  ? 10.131  6.760   3.177   1.00 16.32 ? 59  ILE A O   1 
ATOM   422  C CB  . ILE A 1 51  ? 8.777   4.045   2.117   1.00 15.29 ? 59  ILE A CB  1 
ATOM   423  C CG1 . ILE A 1 51  ? 8.734   2.849   1.151   1.00 16.52 ? 59  ILE A CG1 1 
ATOM   424  C CG2 . ILE A 1 51  ? 7.372   4.334   2.657   1.00 16.69 ? 59  ILE A CG2 1 
ATOM   425  C CD1 . ILE A 1 51  ? 7.796   3.036   -0.033  1.00 17.67 ? 59  ILE A CD1 1 
ATOM   426  N N   . SER A 1 52  ? 8.290   7.359   1.996   1.00 14.48 ? 60  SER A N   1 
ATOM   427  C CA  . SER A 1 52  ? 8.083   8.553   2.805   1.00 14.29 ? 60  SER A CA  1 
ATOM   428  C C   . SER A 1 52  ? 7.471   8.197   4.160   1.00 14.91 ? 60  SER A C   1 
ATOM   429  O O   . SER A 1 52  ? 6.786   7.183   4.317   1.00 15.68 ? 60  SER A O   1 
ATOM   430  C CB  . SER A 1 52  ? 7.179   9.546   2.051   1.00 14.16 ? 60  SER A CB  1 
ATOM   431  O OG  . SER A 1 52  ? 7.896   10.150  0.978   1.00 15.52 ? 60  SER A OG  1 
ATOM   432  N N   . ARG A 1 53  ? 7.677   9.080   5.132   1.00 14.63 ? 61  ARG A N   1 
ATOM   433  C CA  . ARG A 1 53  ? 7.093   8.879   6.461   1.00 15.14 ? 61  ARG A CA  1 
ATOM   434  C C   . ARG A 1 53  ? 5.573   8.685   6.408   1.00 15.24 ? 61  ARG A C   1 
ATOM   435  O O   . ARG A 1 53  ? 5.013   7.826   7.095   1.00 15.96 ? 61  ARG A O   1 
ATOM   436  C CB  . ARG A 1 53  ? 7.472   10.046  7.366   1.00 15.32 ? 61  ARG A CB  1 
ATOM   437  C CG  . ARG A 1 53  ? 8.918   9.973   7.810   1.00 16.49 ? 61  ARG A CG  1 
ATOM   438  C CD  . ARG A 1 53  ? 9.429   11.283  8.378   1.00 16.68 ? 61  ARG A CD  1 
ATOM   439  N NE  . ARG A 1 53  ? 9.838   12.179  7.313   1.00 16.49 ? 61  ARG A NE  1 
ATOM   440  C CZ  . ARG A 1 53  ? 10.480  13.331  7.494   1.00 16.58 ? 61  ARG A CZ  1 
ATOM   441  N NH1 . ARG A 1 53  ? 10.780  13.774  8.709   1.00 18.76 ? 61  ARG A NH1 1 
ATOM   442  N NH2 . ARG A 1 53  ? 10.814  14.048  6.432   1.00 15.88 ? 61  ARG A NH2 1 
ATOM   443  N N   . ASN A 1 54  ? 4.893   9.509   5.613   1.00 15.98 ? 62  ASN A N   1 
ATOM   444  C CA  . ASN A 1 54  ? 3.473   9.319   5.322   1.00 17.01 ? 62  ASN A CA  1 
ATOM   445  C C   . ASN A 1 54  ? 3.350   9.285   3.805   1.00 16.68 ? 62  ASN A C   1 
ATOM   446  O O   . ASN A 1 54  ? 3.387   10.318  3.146   1.00 17.92 ? 62  ASN A O   1 
ATOM   447  C CB  . ASN A 1 54  ? 2.660   10.459  5.938   1.00 17.86 ? 62  ASN A CB  1 
ATOM   448  C CG  . ASN A 1 54  ? 2.625   10.404  7.467   1.00 21.61 ? 62  ASN A CG  1 
ATOM   449  O OD1 . ASN A 1 54  ? 3.498   10.951  8.137   1.00 27.46 ? 62  ASN A OD1 1 
ATOM   450  N ND2 . ASN A 1 54  ? 1.600   9.768   8.018   1.00 27.25 ? 62  ASN A ND2 1 
ATOM   451  N N   . HIS A 1 55  ? 3.249   8.084   3.241   1.00 15.55 ? 63  HIS A N   1 
ATOM   452  C CA  . HIS A 1 55  ? 3.441   7.872   1.813   1.00 15.77 ? 63  HIS A CA  1 
ATOM   453  C C   . HIS A 1 55  ? 2.128   7.881   1.030   1.00 15.61 ? 63  HIS A C   1 
ATOM   454  O O   . HIS A 1 55  ? 2.018   8.572   0.011   1.00 16.37 ? 63  HIS A O   1 
ATOM   455  C CB  . HIS A 1 55  ? 4.239   6.576   1.585   1.00 16.44 ? 63  HIS A CB  1 
ATOM   456  C CG  . HIS A 1 55  ? 4.819   6.479   0.220   1.00 15.32 ? 63  HIS A CG  1 
ATOM   457  N ND1 . HIS A 1 55  ? 6.173   6.597   -0.018  1.00 16.11 ? 63  HIS A ND1 1 
ATOM   458  C CD2 . HIS A 1 55  ? 4.236   6.288   -0.988  1.00 16.33 ? 63  HIS A CD2 1 
ATOM   459  C CE1 . HIS A 1 55  ? 6.401   6.470   -1.310  1.00 16.56 ? 63  HIS A CE1 1 
ATOM   460  N NE2 . HIS A 1 55  ? 5.238   6.319   -1.929  1.00 16.62 ? 63  HIS A NE2 1 
ATOM   461  N N   . CYS A 1 56  ? 1.147   7.129   1.494   1.00 16.29 ? 64  CYS A N   1 
ATOM   462  C CA  . CYS A 1 56  ? -0.133  7.084   0.798   1.00 15.49 ? 64  CYS A CA  1 
ATOM   463  C C   . CYS A 1 56  ? -1.251  6.789   1.756   1.00 15.41 ? 64  CYS A C   1 
ATOM   464  O O   . CYS A 1 56  ? -1.051  6.419   2.906   1.00 15.82 ? 64  CYS A O   1 
ATOM   465  C CB  . CYS A 1 56  ? -0.132  6.083   -0.342  1.00 16.17 ? 64  CYS A CB  1 
ATOM   466  S SG  . CYS A 1 56  ? 0.100   4.343   0.149   1.00 18.18 ? 64  CYS A SG  1 
ATOM   467  N N   . VAL A 1 57  ? -2.469  7.021   1.254   1.00 15.94 ? 65  VAL A N   1 
ATOM   468  C CA  . VAL A 1 57  ? -3.692  6.799   2.024   1.00 16.56 ? 65  VAL A CA  1 
ATOM   469  C C   . VAL A 1 57  ? -4.681  6.003   1.151   1.00 16.58 ? 65  VAL A C   1 
ATOM   470  O O   . VAL A 1 57  ? -4.898  6.359   -0.018  1.00 16.10 ? 65  VAL A O   1 
ATOM   471  C CB  . VAL A 1 57  ? -4.354  8.128   2.474   1.00 18.20 ? 65  VAL A CB  1 
ATOM   472  C CG1 . VAL A 1 57  ? -5.570  7.819   3.357   1.00 19.63 ? 65  VAL A CG1 1 
ATOM   473  C CG2 . VAL A 1 57  ? -3.338  9.041   3.165   1.00 21.12 ? 65  VAL A CG2 1 
ATOM   474  N N   . LEU A 1 58  ? -5.276  4.958   1.721   1.00 15.61 ? 66  LEU A N   1 
ATOM   475  C CA  . LEU A 1 58  ? -6.334  4.180   1.082   1.00 16.32 ? 66  LEU A CA  1 
ATOM   476  C C   . LEU A 1 58  ? -7.622  4.318   1.880   1.00 16.41 ? 66  LEU A C   1 
ATOM   477  O O   . LEU A 1 58  ? -7.618  4.276   3.119   1.00 17.45 ? 66  LEU A O   1 
ATOM   478  C CB  . LEU A 1 58  ? -5.949  2.710   0.986   1.00 17.71 ? 66  LEU A CB  1 
ATOM   479  C CG  . LEU A 1 58  ? -4.671  2.513   0.161   1.00 16.77 ? 66  LEU A CG  1 
ATOM   480  C CD1 . LEU A 1 58  ? -3.497  2.009   1.003   1.00 19.67 ? 66  LEU A CD1 1 
ATOM   481  C CD2 . LEU A 1 58  ? -4.903  1.556   -0.974  1.00 18.66 ? 66  LEU A CD2 1 
ATOM   482  N N   . LYS A 1 59  ? -8.736  4.517   1.174   1.00 16.28 ? 67  LYS A N   1 
ATOM   483  C CA  A LYS A 1 59  ? -10.024 4.719   1.806   0.50 16.48 ? 67  LYS A CA  1 
ATOM   484  C CA  B LYS A 1 59  ? -10.026 4.636   1.820   0.50 16.99 ? 67  LYS A CA  1 
ATOM   485  C C   . LYS A 1 59  ? -11.107 4.471   0.764   1.00 16.31 ? 67  LYS A C   1 
ATOM   486  O O   . LYS A 1 59  ? -10.883 4.693   -0.425  1.00 16.31 ? 67  LYS A O   1 
ATOM   487  C CB  A LYS A 1 59  ? -10.120 6.159   2.327   0.50 17.03 ? 67  LYS A CB  1 
ATOM   488  C CB  B LYS A 1 59  ? -10.161 5.974   2.572   0.50 18.22 ? 67  LYS A CB  1 
ATOM   489  C CG  A LYS A 1 59  ? -11.246 6.371   3.343   0.50 17.38 ? 67  LYS A CG  1 
ATOM   490  C CG  B LYS A 1 59  ? -10.527 7.193   1.742   0.50 20.08 ? 67  LYS A CG  1 
ATOM   491  C CD  A LYS A 1 59  ? -11.233 7.768   3.939   0.50 18.63 ? 67  LYS A CD  1 
ATOM   492  C CD  B LYS A 1 59  ? -10.684 8.423   2.636   0.50 20.11 ? 67  LYS A CD  1 
ATOM   493  C CE  A LYS A 1 59  ? -11.918 8.738   3.018   0.50 22.01 ? 67  LYS A CE  1 
ATOM   494  C CE  B LYS A 1 59  ? -11.217 9.627   1.886   0.50 22.79 ? 67  LYS A CE  1 
ATOM   495  N NZ  A LYS A 1 59  ? -13.388 8.538   3.047   0.50 25.23 ? 67  LYS A NZ  1 
ATOM   496  N NZ  B LYS A 1 59  ? -11.306 10.828  2.766   0.50 24.59 ? 67  LYS A NZ  1 
ATOM   497  N N   . GLN A 1 60  ? -12.268 4.028   1.204   1.00 15.69 ? 68  GLN A N   1 
ATOM   498  C CA  . GLN A 1 60  ? -13.411 3.970   0.300   1.00 16.43 ? 68  GLN A CA  1 
ATOM   499  C C   . GLN A 1 60  ? -14.002 5.368   0.101   1.00 16.58 ? 68  GLN A C   1 
ATOM   500  O O   . GLN A 1 60  ? -14.127 6.165   1.059   1.00 17.20 ? 68  GLN A O   1 
ATOM   501  C CB  . GLN A 1 60  ? -14.460 3.014   0.832   1.00 16.22 ? 68  GLN A CB  1 
ATOM   502  C CG  . GLN A 1 60  ? -13.958 1.568   0.860   1.00 17.22 ? 68  GLN A CG  1 
ATOM   503  C CD  . GLN A 1 60  ? -14.619 0.726   1.916   1.00 18.07 ? 68  GLN A CD  1 
ATOM   504  O OE1 . GLN A 1 60  ? -14.538 1.013   3.104   1.00 19.16 ? 68  GLN A OE1 1 
ATOM   505  N NE2 . GLN A 1 60  ? -15.295 -0.315  1.483   1.00 21.88 ? 68  GLN A NE2 1 
ATOM   506  N N   . ASN A 1 61  ? -14.381 5.655   -1.149  1.00 17.44 ? 69  ASN A N   1 
ATOM   507  C CA  . ASN A 1 61  ? -15.014 6.943   -1.486  1.00 18.63 ? 69  ASN A CA  1 
ATOM   508  C C   . ASN A 1 61  ? -16.466 6.948   -1.050  1.00 19.99 ? 69  ASN A C   1 
ATOM   509  O O   . ASN A 1 61  ? -16.953 5.920   -0.571  1.00 19.16 ? 69  ASN A O   1 
ATOM   510  C CB  . ASN A 1 61  ? -14.825 7.269   -2.975  1.00 18.22 ? 69  ASN A CB  1 
ATOM   511  C CG  . ASN A 1 61  ? -15.541 6.325   -3.903  1.00 17.31 ? 69  ASN A CG  1 
ATOM   512  O OD1 . ASN A 1 61  ? -16.409 5.562   -3.511  1.00 16.84 ? 69  ASN A OD1 1 
ATOM   513  N ND2 . ASN A 1 61  ? -15.156 6.387   -5.186  1.00 20.47 ? 69  ASN A ND2 1 
ATOM   514  N N   . PRO A 1 62  ? -17.165 8.112   -1.195  1.00 22.01 ? 70  PRO A N   1 
ATOM   515  C CA  . PRO A 1 62  ? -18.567 8.170   -0.879  1.00 23.10 ? 70  PRO A CA  1 
ATOM   516  C C   . PRO A 1 62  ? -19.477 7.138   -1.592  1.00 23.69 ? 70  PRO A C   1 
ATOM   517  O O   . PRO A 1 62  ? -20.582 6.909   -1.121  1.00 25.77 ? 70  PRO A O   1 
ATOM   518  C CB  . PRO A 1 62  ? -18.928 9.607   -1.243  1.00 23.23 ? 70  PRO A CB  1 
ATOM   519  C CG  . PRO A 1 62  ? -17.698 10.383  -1.020  1.00 23.18 ? 70  PRO A CG  1 
ATOM   520  C CD  . PRO A 1 62  ? -16.642 9.447   -1.540  1.00 22.19 ? 70  PRO A CD  1 
ATOM   521  N N   . GLU A 1 63  ? -19.032 6.534   -2.700  1.00 23.24 ? 71  GLU A N   1 
ATOM   522  C CA  . GLU A 1 63  ? -19.742 5.408   -3.344  1.00 23.27 ? 71  GLU A CA  1 
ATOM   523  C C   . GLU A 1 63  ? -19.348 4.009   -2.857  1.00 23.15 ? 71  GLU A C   1 
ATOM   524  O O   . GLU A 1 63  ? -19.871 3.006   -3.338  1.00 24.78 ? 71  GLU A O   1 
ATOM   525  C CB  . GLU A 1 63  ? -19.551 5.459   -4.867  1.00 22.99 ? 71  GLU A CB  1 
ATOM   526  C CG  . GLU A 1 63  ? -20.438 6.492   -5.541  1.00 24.75 ? 71  GLU A CG  1 
ATOM   527  C CD  . GLU A 1 63  ? -20.276 6.507   -7.032  1.00 25.82 ? 71  GLU A CD  1 
ATOM   528  O OE1 . GLU A 1 63  ? -21.303 6.660   -7.726  1.00 28.09 ? 71  GLU A OE1 1 
ATOM   529  O OE2 . GLU A 1 63  ? -19.133 6.381   -7.513  1.00 30.21 ? 71  GLU A OE2 1 
ATOM   530  N N   . GLY A 1 64  ? -18.386 3.921   -1.941  1.00 21.67 ? 72  GLY A N   1 
ATOM   531  C CA  . GLY A 1 64  ? -18.030 2.634   -1.340  1.00 21.53 ? 72  GLY A CA  1 
ATOM   532  C C   . GLY A 1 64  ? -16.878 1.905   -2.041  1.00 20.93 ? 72  GLY A C   1 
ATOM   533  O O   . GLY A 1 64  ? -16.555 0.767   -1.733  1.00 22.49 ? 72  GLY A O   1 
ATOM   534  N N   . GLN A 1 65  ? -16.264 2.585   -2.995  1.00 19.24 ? 73  GLN A N   1 
ATOM   535  C CA  . GLN A 1 65  ? -15.186 2.041   -3.830  1.00 18.53 ? 73  GLN A CA  1 
ATOM   536  C C   . GLN A 1 65  ? -13.842 2.369   -3.201  1.00 16.89 ? 73  GLN A C   1 
ATOM   537  O O   . GLN A 1 65  ? -13.601 3.520   -2.855  1.00 16.83 ? 73  GLN A O   1 
ATOM   538  C CB  . GLN A 1 65  ? -15.296 2.708   -5.197  1.00 18.68 ? 73  GLN A CB  1 
ATOM   539  C CG  . GLN A 1 65  ? -14.164 2.492   -6.145  1.00 20.50 ? 73  GLN A CG  1 
ATOM   540  C CD  . GLN A 1 65  ? -14.166 1.133   -6.734  1.00 23.10 ? 73  GLN A CD  1 
ATOM   541  O OE1 . GLN A 1 65  ? -15.195 0.653   -7.211  1.00 26.51 ? 73  GLN A OE1 1 
ATOM   542  N NE2 . GLN A 1 65  ? -13.000 0.480   -6.704  1.00 25.49 ? 73  GLN A NE2 1 
ATOM   543  N N   . TRP A 1 66  ? -12.956 1.382   -3.072  1.00 15.52 ? 74  TRP A N   1 
ATOM   544  C CA  . TRP A 1 66  ? -11.596 1.643   -2.585  1.00 15.61 ? 74  TRP A CA  1 
ATOM   545  C C   . TRP A 1 66  ? -10.829 2.571   -3.526  1.00 15.02 ? 74  TRP A C   1 
ATOM   546  O O   . TRP A 1 66  ? -10.966 2.486   -4.748  1.00 15.87 ? 74  TRP A O   1 
ATOM   547  C CB  . TRP A 1 66  ? -10.782 0.326   -2.348  1.00 15.64 ? 74  TRP A CB  1 
ATOM   548  C CG  . TRP A 1 66  ? -11.181 -0.344  -1.086  1.00 16.05 ? 74  TRP A CG  1 
ATOM   549  C CD1 . TRP A 1 66  ? -12.039 -1.373  -0.950  1.00 17.00 ? 74  TRP A CD1 1 
ATOM   550  C CD2 . TRP A 1 66  ? -10.806 0.055   0.229   1.00 15.08 ? 74  TRP A CD2 1 
ATOM   551  N NE1 . TRP A 1 66  ? -12.204 -1.670  0.377   1.00 17.51 ? 74  TRP A NE1 1 
ATOM   552  C CE2 . TRP A 1 66  ? -11.481 -0.783  1.127   1.00 16.92 ? 74  TRP A CE2 1 
ATOM   553  C CE3 . TRP A 1 66  ? -9.984  1.060   0.737   1.00 16.24 ? 74  TRP A CE3 1 
ATOM   554  C CZ2 . TRP A 1 66  ? -11.329 -0.679  2.500   1.00 16.80 ? 74  TRP A CZ2 1 
ATOM   555  C CZ3 . TRP A 1 66  ? -9.830  1.162   2.107   1.00 16.77 ? 74  TRP A CZ3 1 
ATOM   556  C CH2 . TRP A 1 66  ? -10.523 0.310   2.968   1.00 16.19 ? 74  TRP A CH2 1 
ATOM   557  N N   . THR A 1 67  ? -10.045 3.446   -2.907  1.00 14.92 ? 75  THR A N   1 
ATOM   558  C CA  . THR A 1 67  ? -9.216  4.415   -3.599  1.00 15.24 ? 75  THR A CA  1 
ATOM   559  C C   . THR A 1 67  ? -7.838  4.491   -2.958  1.00 16.07 ? 75  THR A C   1 
ATOM   560  O O   . THR A 1 67  ? -7.668  4.114   -1.792  1.00 15.88 ? 75  THR A O   1 
ATOM   561  C CB  . THR A 1 67  ? -9.843  5.844   -3.563  1.00 14.66 ? 75  THR A CB  1 
ATOM   562  O OG1 . THR A 1 67  ? -9.712  6.396   -2.240  1.00 16.72 ? 75  THR A OG1 1 
ATOM   563  C CG2 . THR A 1 67  ? -11.316 5.894   -4.038  1.00 15.78 ? 75  THR A CG2 1 
ATOM   564  N N   . ILE A 1 68  ? -6.892  5.027   -3.707  1.00 16.02 ? 76  ILE A N   1 
ATOM   565  C CA  . ILE A 1 68  ? -5.576  5.375   -3.197  1.00 16.77 ? 76  ILE A CA  1 
ATOM   566  C C   . ILE A 1 68  ? -5.255  6.828   -3.551  1.00 16.04 ? 76  ILE A C   1 
ATOM   567  O O   . ILE A 1 68  ? -5.753  7.392   -4.555  1.00 15.71 ? 76  ILE A O   1 
ATOM   568  C CB  . ILE A 1 68  ? -4.499  4.443   -3.763  1.00 16.80 ? 76  ILE A CB  1 
ATOM   569  C CG1 . ILE A 1 68  ? -3.155  4.620   -3.011  1.00 17.66 ? 76  ILE A CG1 1 
ATOM   570  C CG2 . ILE A 1 68  ? -4.333  4.645   -5.263  1.00 18.01 ? 76  ILE A CG2 1 
ATOM   571  C CD1 . ILE A 1 68  ? -2.169  3.483   -3.180  1.00 20.05 ? 76  ILE A CD1 1 
ATOM   572  N N   . MET A 1 69  ? -4.431  7.428   -2.716  1.00 16.72 ? 77  MET A N   1 
ATOM   573  C CA  A MET A 1 69  ? -3.956  8.789   -2.915  0.50 17.23 ? 77  MET A CA  1 
ATOM   574  C CA  B MET A 1 69  ? -3.941  8.769   -2.961  0.50 17.04 ? 77  MET A CA  1 
ATOM   575  C C   . MET A 1 69  ? -2.485  8.843   -2.488  1.00 16.62 ? 77  MET A C   1 
ATOM   576  O O   . MET A 1 69  ? -2.138  8.289   -1.434  1.00 17.10 ? 77  MET A O   1 
ATOM   577  C CB  A MET A 1 69  ? -4.786  9.722   -2.032  0.50 18.03 ? 77  MET A CB  1 
ATOM   578  C CB  B MET A 1 69  ? -4.844  9.757   -2.225  0.50 18.17 ? 77  MET A CB  1 
ATOM   579  C CG  A MET A 1 69  ? -4.642  11.190  -2.339  0.50 17.76 ? 77  MET A CG  1 
ATOM   580  C CG  B MET A 1 69  ? -4.223  11.077  -1.859  0.50 19.83 ? 77  MET A CG  1 
ATOM   581  S SD  A MET A 1 69  ? -5.390  12.277  -1.091  0.50 20.34 ? 77  MET A SD  1 
ATOM   582  S SD  B MET A 1 69  ? -3.210  10.981  -0.365  0.50 21.33 ? 77  MET A SD  1 
ATOM   583  C CE  A MET A 1 69  ? -4.398  11.962  0.358   0.50 23.48 ? 77  MET A CE  1 
ATOM   584  C CE  B MET A 1 69  ? -4.135  11.930  0.838   0.50 18.39 ? 77  MET A CE  1 
ATOM   585  N N   . ASP A 1 70  ? -1.638  9.474   -3.296  1.00 15.85 ? 78  ASP A N   1 
ATOM   586  C CA  . ASP A 1 70  ? -0.226  9.780   -3.007  1.00 15.88 ? 78  ASP A CA  1 
ATOM   587  C C   . ASP A 1 70  ? -0.167  10.991  -2.094  1.00 15.70 ? 78  ASP A C   1 
ATOM   588  O O   . ASP A 1 70  ? -0.567  12.089  -2.481  1.00 16.96 ? 78  ASP A O   1 
ATOM   589  C CB  . ASP A 1 70  ? 0.511   10.057  -4.322  1.00 16.40 ? 78  ASP A CB  1 
ATOM   590  C CG  . ASP A 1 70  ? 1.897   10.582  -4.127  1.00 17.88 ? 78  ASP A CG  1 
ATOM   591  O OD1 . ASP A 1 70  ? 2.473   10.314  -3.064  1.00 16.93 ? 78  ASP A OD1 1 
ATOM   592  O OD2 . ASP A 1 70  ? 2.424   11.263  -5.048  1.00 19.68 ? 78  ASP A OD2 1 
ATOM   593  N N   . ASN A 1 71  ? 0.324   10.822  -0.884  1.00 15.44 ? 79  ASN A N   1 
ATOM   594  C CA  . ASN A 1 71  ? 0.349   11.892  0.122   1.00 16.45 ? 79  ASN A CA  1 
ATOM   595  C C   . ASN A 1 71  ? 1.604   12.746  -0.009  1.00 15.56 ? 79  ASN A C   1 
ATOM   596  O O   . ASN A 1 71  ? 2.390   12.864  0.938   1.00 16.47 ? 79  ASN A O   1 
ATOM   597  C CB  . ASN A 1 71  ? 0.279   11.216  1.499   1.00 17.30 ? 79  ASN A CB  1 
ATOM   598  C CG  . ASN A 1 71  ? -0.286  12.077  2.578   1.00 19.75 ? 79  ASN A CG  1 
ATOM   599  O OD1 . ASN A 1 71  ? -0.798  13.150  2.325   1.00 21.11 ? 79  ASN A OD1 1 
ATOM   600  N ND2 . ASN A 1 71  ? -0.327  11.523  3.806   1.00 22.31 ? 79  ASN A ND2 1 
ATOM   601  N N   . LYS A 1 72  ? 1.807   13.337  -1.177  1.00 14.82 ? 80  LYS A N   1 
ATOM   602  C CA  . LYS A 1 72  ? 2.995   14.141  -1.513  1.00 14.81 ? 80  LYS A CA  1 
ATOM   603  C C   . LYS A 1 72  ? 4.279   13.346  -1.237  1.00 15.26 ? 80  LYS A C   1 
ATOM   604  O O   . LYS A 1 72  ? 5.265   13.879  -0.741  1.00 15.44 ? 80  LYS A O   1 
ATOM   605  C CB  . LYS A 1 72  ? 3.008   15.494  -0.785  1.00 14.40 ? 80  LYS A CB  1 
ATOM   606  C CG  . LYS A 1 72  ? 1.911   16.431  -1.221  1.00 14.25 ? 80  LYS A CG  1 
ATOM   607  C CD  . LYS A 1 72  ? 2.216   17.815  -0.711  1.00 13.87 ? 80  LYS A CD  1 
ATOM   608  C CE  . LYS A 1 72  ? 1.168   18.821  -1.149  1.00 14.77 ? 80  LYS A CE  1 
ATOM   609  N NZ  . LYS A 1 72  ? 1.510   20.216  -0.735  1.00 14.25 ? 80  LYS A NZ  1 
ATOM   610  N N   . SER A 1 73  ? 4.280   12.056  -1.544  1.00 15.21 ? 81  SER A N   1 
ATOM   611  C CA  . SER A 1 73  ? 5.475   11.248  -1.291  1.00 15.29 ? 81  SER A CA  1 
ATOM   612  C C   . SER A 1 73  ? 6.617   11.762  -2.150  1.00 15.63 ? 81  SER A C   1 
ATOM   613  O O   . SER A 1 73  ? 6.424   12.294  -3.224  1.00 16.39 ? 81  SER A O   1 
ATOM   614  C CB  . SER A 1 73  ? 5.244   9.774   -1.591  1.00 15.37 ? 81  SER A CB  1 
ATOM   615  O OG  . SER A 1 73  ? 5.069   9.515   -3.000  1.00 16.59 ? 81  SER A OG  1 
ATOM   616  N N   . LEU A 1 74  ? 7.842   11.588  -1.673  1.00 15.47 ? 82  LEU A N   1 
ATOM   617  C CA  . LEU A 1 74  ? 8.996   12.034  -2.443  1.00 16.06 ? 82  LEU A CA  1 
ATOM   618  C C   . LEU A 1 74  ? 9.182   11.178  -3.700  1.00 16.55 ? 82  LEU A C   1 
ATOM   619  O O   . LEU A 1 74  ? 9.411   11.720  -4.798  1.00 18.02 ? 82  LEU A O   1 
ATOM   620  C CB  . LEU A 1 74  ? 10.254  12.022  -1.581  1.00 16.17 ? 82  LEU A CB  1 
ATOM   621  C CG  . LEU A 1 74  ? 11.513  12.507  -2.288  1.00 17.28 ? 82  LEU A CG  1 
ATOM   622  C CD1 . LEU A 1 74  ? 11.333  13.930  -2.805  1.00 18.01 ? 82  LEU A CD1 1 
ATOM   623  C CD2 . LEU A 1 74  ? 12.673  12.438  -1.317  1.00 17.57 ? 82  LEU A CD2 1 
ATOM   624  N N   . ASN A 1 75  ? 9.103   9.853   -3.552  1.00 16.00 ? 83  ASN A N   1 
ATOM   625  C CA  . ASN A 1 75  ? 9.448   8.952   -4.654  1.00 16.49 ? 83  ASN A CA  1 
ATOM   626  C C   . ASN A 1 75  ? 8.290   8.359   -5.419  1.00 18.01 ? 83  ASN A C   1 
ATOM   627  O O   . ASN A 1 75  ? 8.508   7.605   -6.385  1.00 19.52 ? 83  ASN A O   1 
ATOM   628  C CB  . ASN A 1 75  ? 10.437  7.869   -4.172  1.00 16.17 ? 83  ASN A CB  1 
ATOM   629  C CG  . ASN A 1 75  ? 11.748  8.471   -3.771  1.00 17.25 ? 83  ASN A CG  1 
ATOM   630  O OD1 . ASN A 1 75  ? 12.366  9.175   -4.572  1.00 18.52 ? 83  ASN A OD1 1 
ATOM   631  N ND2 . ASN A 1 75  ? 12.164  8.249   -2.537  1.00 16.19 ? 83  ASN A ND2 1 
ATOM   632  N N   . GLY A 1 76  ? 7.059   8.700   -5.033  1.00 16.63 ? 84  GLY A N   1 
ATOM   633  C CA  . GLY A 1 76  ? 5.894   8.453   -5.885  1.00 17.03 ? 84  GLY A CA  1 
ATOM   634  C C   . GLY A 1 76  ? 5.075   7.226   -5.550  1.00 17.13 ? 84  GLY A C   1 
ATOM   635  O O   . GLY A 1 76  ? 5.506   6.308   -4.825  1.00 16.69 ? 84  GLY A O   1 
ATOM   636  N N   . VAL A 1 77  ? 3.874   7.205   -6.125  1.00 17.76 ? 85  VAL A N   1 
ATOM   637  C CA  . VAL A 1 77  ? 2.991   6.054   -6.173  1.00 17.98 ? 85  VAL A CA  1 
ATOM   638  C C   . VAL A 1 77  ? 2.641   5.832   -7.630  1.00 17.36 ? 85  VAL A C   1 
ATOM   639  O O   . VAL A 1 77  ? 2.371   6.789   -8.366  1.00 17.56 ? 85  VAL A O   1 
ATOM   640  C CB  . VAL A 1 77  ? 1.715   6.291   -5.387  1.00 17.38 ? 85  VAL A CB  1 
ATOM   641  C CG1 . VAL A 1 77  ? 0.770   5.071   -5.440  1.00 19.27 ? 85  VAL A CG1 1 
ATOM   642  C CG2 . VAL A 1 77  ? 2.048   6.662   -3.937  1.00 18.93 ? 85  VAL A CG2 1 
ATOM   643  N N   . TRP A 1 78  ? 2.664   4.568   -8.045  1.00 18.39 ? 86  TRP A N   1 
ATOM   644  C CA  A TRP A 1 78  ? 2.412   4.180   -9.386  0.50 18.10 ? 86  TRP A CA  1 
ATOM   645  C CA  B TRP A 1 78  ? 2.306   4.187   -9.442  0.50 17.93 ? 86  TRP A CA  1 
ATOM   646  C C   . TRP A 1 78  ? 1.214   3.184   -9.373  1.00 18.14 ? 86  TRP A C   1 
ATOM   647  O O   . TRP A 1 78  ? 1.233   2.228   -8.601  1.00 18.52 ? 86  TRP A O   1 
ATOM   648  C CB  A TRP A 1 78  ? 3.748   3.614   -9.887  0.50 18.91 ? 86  TRP A CB  1 
ATOM   649  C CB  B TRP A 1 78  ? 3.395   3.530   -10.320 0.50 18.42 ? 86  TRP A CB  1 
ATOM   650  C CG  A TRP A 1 78  ? 4.956   4.538   -9.520  0.50 18.61 ? 86  TRP A CG  1 
ATOM   651  C CG  B TRP A 1 78  ? 4.340   4.452   -11.022 0.50 17.42 ? 86  TRP A CG  1 
ATOM   652  C CD1 A TRP A 1 78  ? 5.505   4.747   -8.279  0.50 18.74 ? 86  TRP A CD1 1 
ATOM   653  C CD1 B TRP A 1 78  ? 4.382   4.769   -12.358 0.50 17.71 ? 86  TRP A CD1 1 
ATOM   654  C CD2 A TRP A 1 78  ? 5.712   5.348   -10.421 0.50 17.14 ? 86  TRP A CD2 1 
ATOM   655  C CD2 B TRP A 1 78  ? 5.421   5.127   -10.417 0.50 16.33 ? 86  TRP A CD2 1 
ATOM   656  N NE1 A TRP A 1 78  ? 6.546   5.645   -8.355  0.50 18.02 ? 86  TRP A NE1 1 
ATOM   657  N NE1 B TRP A 1 78  ? 5.421   5.630   -12.602 0.50 18.84 ? 86  TRP A NE1 1 
ATOM   658  C CE2 A TRP A 1 78  ? 6.696   6.025   -9.665  0.50 17.69 ? 86  TRP A CE2 1 
ATOM   659  C CE2 B TRP A 1 78  ? 6.075   5.868   -11.422 0.50 17.64 ? 86  TRP A CE2 1 
ATOM   660  C CE3 A TRP A 1 78  ? 5.656   5.567   -11.797 0.50 18.33 ? 86  TRP A CE3 1 
ATOM   661  C CE3 B TRP A 1 78  ? 5.891   5.194   -9.108  0.50 17.50 ? 86  TRP A CE3 1 
ATOM   662  C CZ2 A TRP A 1 78  ? 7.613   6.894   -10.249 0.50 18.40 ? 86  TRP A CZ2 1 
ATOM   663  C CZ2 B TRP A 1 78  ? 7.189   6.654   -11.150 0.50 18.79 ? 86  TRP A CZ2 1 
ATOM   664  C CZ3 A TRP A 1 78  ? 6.563   6.430   -12.373 0.50 19.18 ? 86  TRP A CZ3 1 
ATOM   665  C CZ3 B TRP A 1 78  ? 6.982   6.003   -8.834  0.50 17.91 ? 86  TRP A CZ3 1 
ATOM   666  C CH2 A TRP A 1 78  ? 7.525   7.086   -11.603 0.50 19.93 ? 86  TRP A CH2 1 
ATOM   667  C CH2 B TRP A 1 78  ? 7.621   6.710   -9.850  0.50 17.86 ? 86  TRP A CH2 1 
ATOM   668  N N   . LEU A 1 79  ? 0.204   3.424   -10.179 1.00 18.17 ? 87  LEU A N   1 
ATOM   669  C CA  . LEU A 1 79  ? -0.954  2.547   -10.326 1.00 18.40 ? 87  LEU A CA  1 
ATOM   670  C C   . LEU A 1 79  ? -0.874  1.989   -11.724 1.00 18.57 ? 87  LEU A C   1 
ATOM   671  O O   . LEU A 1 79  ? -0.942  2.754   -12.708 1.00 18.93 ? 87  LEU A O   1 
ATOM   672  C CB  . LEU A 1 79  ? -2.248  3.345   -10.140 1.00 17.98 ? 87  LEU A CB  1 
ATOM   673  C CG  . LEU A 1 79  ? -3.561  2.582   -10.260 1.00 18.91 ? 87  LEU A CG  1 
ATOM   674  C CD1 . LEU A 1 79  ? -3.654  1.424   -9.285  1.00 20.45 ? 87  LEU A CD1 1 
ATOM   675  C CD2 . LEU A 1 79  ? -4.725  3.569   -10.047 1.00 20.27 ? 87  LEU A CD2 1 
ATOM   676  N N   A ASN A 1 80  ? -0.608  0.688   -11.828 0.50 18.75 ? 88  ASN A N   1 
ATOM   677  N N   B ASN A 1 80  ? -0.764  0.667   -11.858 0.50 19.54 ? 88  ASN A N   1 
ATOM   678  C CA  A ASN A 1 80  ? -0.315  0.062   -13.110 0.50 18.86 ? 88  ASN A CA  1 
ATOM   679  C CA  B ASN A 1 80  ? -0.663  0.034   -13.181 0.50 20.21 ? 88  ASN A CA  1 
ATOM   680  C C   A ASN A 1 80  ? 0.759   0.832   -13.870 0.50 19.45 ? 88  ASN A C   1 
ATOM   681  C C   B ASN A 1 80  ? 0.340   0.741   -14.072 0.50 21.38 ? 88  ASN A C   1 
ATOM   682  O O   A ASN A 1 80  ? 0.659   1.058   -15.067 0.50 19.50 ? 88  ASN A O   1 
ATOM   683  O O   B ASN A 1 80  ? 0.020   1.182   -15.181 0.50 22.40 ? 88  ASN A O   1 
ATOM   684  C CB  A ASN A 1 80  ? -1.599  -0.088  -13.935 0.50 18.42 ? 88  ASN A CB  1 
ATOM   685  C CB  B ASN A 1 80  ? -2.038  -0.020  -13.871 0.50 19.66 ? 88  ASN A CB  1 
ATOM   686  C CG  A ASN A 1 80  ? -2.635  -0.918  -13.218 0.50 17.14 ? 88  ASN A CG  1 
ATOM   687  C CG  B ASN A 1 80  ? -2.992  -0.951  -13.170 0.50 18.11 ? 88  ASN A CG  1 
ATOM   688  O OD1 A ASN A 1 80  ? -2.305  -1.946  -12.658 0.50 17.39 ? 88  ASN A OD1 1 
ATOM   689  O OD1 B ASN A 1 80  ? -2.575  -1.964  -12.633 0.50 18.95 ? 88  ASN A OD1 1 
ATOM   690  N ND2 A ASN A 1 80  ? -3.879  -0.488  -13.238 0.50 17.91 ? 88  ASN A ND2 1 
ATOM   691  N ND2 B ASN A 1 80  ? -4.275  -0.625  -13.179 0.50 19.48 ? 88  ASN A ND2 1 
ATOM   692  N N   A ARG A 1 81  ? 1.812   1.241   -13.188 0.50 20.23 ? 89  ARG A N   1 
ATOM   693  N N   B ARG A 1 81  ? 1.561   0.860   -13.585 0.50 22.34 ? 89  ARG A N   1 
ATOM   694  C CA  A ARG A 1 81  ? 2.857   1.993   -13.921 0.50 20.95 ? 89  ARG A CA  1 
ATOM   695  C CA  B ARG A 1 81  ? 2.594   1.464   -14.422 0.50 23.19 ? 89  ARG A CA  1 
ATOM   696  C C   A ARG A 1 81  ? 2.654   3.495   -14.134 0.50 21.26 ? 89  ARG A C   1 
ATOM   697  C C   B ARG A 1 81  ? 2.220   2.895   -14.859 0.50 23.66 ? 89  ARG A C   1 
ATOM   698  O O   A ARG A 1 81  ? 3.650   4.208   -14.324 0.50 23.45 ? 89  ARG A O   1 
ATOM   699  O O   B ARG A 1 81  ? 2.203   3.248   -16.036 0.50 25.18 ? 89  ARG A O   1 
ATOM   700  C CB  A ARG A 1 81  ? 3.102   1.307   -15.301 0.50 22.05 ? 89  ARG A CB  1 
ATOM   701  C CB  B ARG A 1 81  ? 3.002   0.530   -15.615 0.50 24.24 ? 89  ARG A CB  1 
ATOM   702  C CG  A ARG A 1 81  ? 3.371   2.178   -16.566 0.50 23.57 ? 89  ARG A CG  1 
ATOM   703  C CG  B ARG A 1 81  ? 1.911   0.098   -16.608 0.50 23.80 ? 89  ARG A CG  1 
ATOM   704  C CD  A ARG A 1 81  ? 4.858   2.396   -16.897 0.50 28.04 ? 89  ARG A CD  1 
ATOM   705  C CD  B ARG A 1 81  ? 2.465   -0.665  -17.853 0.50 23.26 ? 89  ARG A CD  1 
ATOM   706  N NE  A ARG A 1 81  ? 5.435   3.549   -16.200 0.50 29.18 ? 89  ARG A NE  1 
ATOM   707  N NE  B ARG A 1 81  ? 2.632   -2.109  -17.642 0.50 22.98 ? 89  ARG A NE  1 
ATOM   708  C CZ  A ARG A 1 81  ? 5.604   4.765   -16.726 0.50 30.32 ? 89  ARG A CZ  1 
ATOM   709  C CZ  B ARG A 1 81  ? 2.542   -3.045  -18.593 0.50 22.20 ? 89  ARG A CZ  1 
ATOM   710  N NH1 A ARG A 1 81  ? 5.279   5.026   -17.989 0.50 31.45 ? 89  ARG A NH1 1 
ATOM   711  N NH1 B ARG A 1 81  ? 2.269   -2.735  -19.859 0.50 21.26 ? 89  ARG A NH1 1 
ATOM   712  N NH2 A ARG A 1 81  ? 6.135   5.728   -15.977 0.50 30.26 ? 89  ARG A NH2 1 
ATOM   713  N NH2 B ARG A 1 81  ? 2.704   -4.325  -18.277 0.50 22.25 ? 89  ARG A NH2 1 
ATOM   714  N N   A ALA A 1 82  ? 1.406   3.972   -14.205 0.50 21.27 ? 90  ALA A N   1 
ATOM   715  N N   B ALA A 1 82  ? 1.960   3.745   -13.873 0.50 22.83 ? 90  ALA A N   1 
ATOM   716  C CA  A ALA A 1 82  ? 1.174   5.416   -14.358 0.50 20.41 ? 90  ALA A CA  1 
ATOM   717  C CA  B ALA A 1 82  ? 1.649   5.144   -14.165 0.50 22.32 ? 90  ALA A CA  1 
ATOM   718  C C   A ALA A 1 82  ? 1.443   6.090   -13.012 0.50 20.13 ? 90  ALA A C   1 
ATOM   719  C C   B ALA A 1 82  ? 1.671   5.956   -12.906 0.50 21.25 ? 90  ALA A C   1 
ATOM   720  O O   A ALA A 1 82  ? 0.850   5.693   -12.001 0.50 19.07 ? 90  ALA A O   1 
ATOM   721  O O   B ALA A 1 82  ? 1.103   5.583   -11.879 0.50 20.39 ? 90  ALA A O   1 
ATOM   722  C CB  A ALA A 1 82  ? -0.245  5.687   -14.815 0.50 20.42 ? 90  ALA A CB  1 
ATOM   723  C CB  B ALA A 1 82  ? 0.306   5.278   -14.806 0.50 21.90 ? 90  ALA A CB  1 
ATOM   724  N N   . ARG A 1 83  ? 2.337   7.085   -12.989 1.00 20.37 ? 91  ARG A N   1 
ATOM   725  C CA  . ARG A 1 83  ? 2.577   7.897   -11.830 1.00 19.77 ? 91  ARG A CA  1 
ATOM   726  C C   . ARG A 1 83  ? 1.307   8.649   -11.425 1.00 18.28 ? 91  ARG A C   1 
ATOM   727  O O   . ARG A 1 83  ? 0.661   9.331   -12.235 1.00 19.17 ? 91  ARG A O   1 
ATOM   728  C CB  . ARG A 1 83  ? 3.691   8.880   -12.169 1.00 20.67 ? 91  ARG A CB  1 
ATOM   729  C CG  . ARG A 1 83  ? 4.018   9.842   -11.078 1.00 22.54 ? 91  ARG A CG  1 
ATOM   730  C CD  . ARG A 1 83  ? 4.840   9.211   -10.042 1.00 23.84 ? 91  ARG A CD  1 
ATOM   731  N NE  . ARG A 1 83  ? 5.292   10.121  -8.988  1.00 23.38 ? 91  ARG A NE  1 
ATOM   732  C CZ  . ARG A 1 83  ? 6.487   10.689  -8.899  1.00 25.16 ? 91  ARG A CZ  1 
ATOM   733  N NH1 . ARG A 1 83  ? 7.416   10.535  -9.845  1.00 25.91 ? 91  ARG A NH1 1 
ATOM   734  N NH2 . ARG A 1 83  ? 6.761   11.433  -7.835  1.00 25.05 ? 91  ARG A NH2 1 
ATOM   735  N N   . LEU A 1 84  ? 0.935   8.551   -10.153 1.00 17.56 ? 92  LEU A N   1 
ATOM   736  C CA  . LEU A 1 84  ? -0.224  9.288   -9.652  1.00 17.50 ? 92  LEU A CA  1 
ATOM   737  C C   . LEU A 1 84  ? 0.126   10.747  -9.415  1.00 17.40 ? 92  LEU A C   1 
ATOM   738  O O   . LEU A 1 84  ? 1.248   11.073  -9.023  1.00 17.37 ? 92  LEU A O   1 
ATOM   739  C CB  . LEU A 1 84  ? -0.747  8.675   -8.352  1.00 17.33 ? 92  LEU A CB  1 
ATOM   740  C CG  . LEU A 1 84  ? -1.194  7.213   -8.453  1.00 18.26 ? 92  LEU A CG  1 
ATOM   741  C CD1 . LEU A 1 84  ? -1.837  6.798   -7.136  1.00 19.60 ? 92  LEU A CD1 1 
ATOM   742  C CD2 . LEU A 1 84  ? -2.115  6.989   -9.627  1.00 18.55 ? 92  LEU A CD2 1 
ATOM   743  N N   A GLU A 1 85  ? -0.834  11.627  -9.671  0.50 17.02 ? 93  GLU A N   1 
ATOM   744  N N   B GLU A 1 85  ? -0.840  11.622  -9.662  0.50 17.13 ? 93  GLU A N   1 
ATOM   745  C CA  A GLU A 1 85  ? -0.703  13.022  -9.269  0.50 17.02 ? 93  GLU A CA  1 
ATOM   746  C CA  B GLU A 1 85  ? -0.714  13.025  -9.287  0.50 17.39 ? 93  GLU A CA  1 
ATOM   747  C C   A GLU A 1 85  ? -0.879  13.135  -7.754  0.50 16.66 ? 93  GLU A C   1 
ATOM   748  C C   B GLU A 1 85  ? -0.894  13.156  -7.766  0.50 16.84 ? 93  GLU A C   1 
ATOM   749  O O   A GLU A 1 85  ? -1.848  12.609  -7.207  0.50 16.33 ? 93  GLU A O   1 
ATOM   750  O O   B GLU A 1 85  ? -1.873  12.648  -7.220  0.50 16.50 ? 93  GLU A O   1 
ATOM   751  C CB  A GLU A 1 85  ? -1.750  13.880  -9.970  0.50 16.97 ? 93  GLU A CB  1 
ATOM   752  C CB  B GLU A 1 85  ? -1.753  13.865  -10.045 0.50 17.45 ? 93  GLU A CB  1 
ATOM   753  C CG  A GLU A 1 85  ? -1.640  15.374  -9.667  0.50 17.49 ? 93  GLU A CG  1 
ATOM   754  C CG  B GLU A 1 85  ? -1.563  13.827  -11.571 0.50 19.17 ? 93  GLU A CG  1 
ATOM   755  C CD  A GLU A 1 85  ? -2.618  16.206  -10.464 0.50 18.94 ? 93  GLU A CD  1 
ATOM   756  C CD  B GLU A 1 85  ? -2.617  14.599  -12.371 0.50 20.10 ? 93  GLU A CD  1 
ATOM   757  O OE1 A GLU A 1 85  ? -3.459  15.625  -11.182 0.50 20.34 ? 93  GLU A OE1 1 
ATOM   758  O OE1 B GLU A 1 85  ? -3.743  14.821  -11.870 0.50 23.19 ? 93  GLU A OE1 1 
ATOM   759  O OE2 A GLU A 1 85  ? -2.550  17.441  -10.355 0.50 21.02 ? 93  GLU A OE2 1 
ATOM   760  O OE2 B GLU A 1 85  ? -2.309  14.989  -13.522 0.50 24.96 ? 93  GLU A OE2 1 
ATOM   761  N N   . PRO A 1 86  ? 0.055   13.808  -7.067  1.00 17.25 ? 94  PRO A N   1 
ATOM   762  C CA  . PRO A 1 86  ? -0.099  13.938  -5.619  1.00 17.50 ? 94  PRO A CA  1 
ATOM   763  C C   . PRO A 1 86  ? -1.463  14.496  -5.201  1.00 17.15 ? 94  PRO A C   1 
ATOM   764  O O   . PRO A 1 86  ? -1.995  15.438  -5.811  1.00 17.09 ? 94  PRO A O   1 
ATOM   765  C CB  . PRO A 1 86  ? 1.037   14.888  -5.209  1.00 17.83 ? 94  PRO A CB  1 
ATOM   766  C CG  . PRO A 1 86  ? 2.065   14.728  -6.275  1.00 19.15 ? 94  PRO A CG  1 
ATOM   767  C CD  . PRO A 1 86  ? 1.293   14.449  -7.552  1.00 17.84 ? 94  PRO A CD  1 
ATOM   768  N N   . LEU A 1 87  ? -2.046  13.866  -4.203  1.00 16.91 ? 95  LEU A N   1 
ATOM   769  C CA  . LEU A 1 87  ? -3.288  14.224  -3.544  1.00 17.57 ? 95  LEU A CA  1 
ATOM   770  C C   . LEU A 1 87  ? -4.550  13.989  -4.362  1.00 17.61 ? 95  LEU A C   1 
ATOM   771  O O   . LEU A 1 87  ? -5.639  14.159  -3.834  1.00 20.12 ? 95  LEU A O   1 
ATOM   772  C CB  . LEU A 1 87  ? -3.242  15.654  -2.960  1.00 17.10 ? 95  LEU A CB  1 
ATOM   773  C CG  . LEU A 1 87  ? -2.152  15.861  -1.887  1.00 17.64 ? 95  LEU A CG  1 
ATOM   774  C CD1 . LEU A 1 87  ? -2.239  17.280  -1.372  1.00 18.63 ? 95  LEU A CD1 1 
ATOM   775  C CD2 . LEU A 1 87  ? -2.287  14.907  -0.726  1.00 18.61 ? 95  LEU A CD2 1 
ATOM   776  N N   . ARG A 1 88  ? -4.426  13.573  -5.625  1.00 17.06 ? 96  ARG A N   1 
ATOM   777  C CA  A ARG A 1 88  ? -5.604  13.195  -6.400  0.50 17.28 ? 96  ARG A CA  1 
ATOM   778  C CA  B ARG A 1 88  ? -5.594  13.192  -6.414  0.50 17.33 ? 96  ARG A CA  1 
ATOM   779  C C   . ARG A 1 88  ? -6.066  11.805  -5.958  1.00 16.53 ? 96  ARG A C   1 
ATOM   780  O O   . ARG A 1 88  ? -5.254  10.935  -5.667  1.00 16.28 ? 96  ARG A O   1 
ATOM   781  C CB  A ARG A 1 88  ? -5.311  13.211  -7.895  0.50 16.83 ? 96  ARG A CB  1 
ATOM   782  C CB  B ARG A 1 88  ? -5.241  13.196  -7.900  0.50 17.19 ? 96  ARG A CB  1 
ATOM   783  C CG  A ARG A 1 88  ? -6.532  12.902  -8.731  0.50 18.03 ? 96  ARG A CG  1 
ATOM   784  C CG  B ARG A 1 88  ? -6.373  12.796  -8.814  0.50 17.92 ? 96  ARG A CG  1 
ATOM   785  C CD  A ARG A 1 88  ? -6.262  13.005  -10.208 0.50 19.55 ? 96  ARG A CD  1 
ATOM   786  C CD  B ARG A 1 88  ? -6.027  13.071  -10.261 0.50 19.63 ? 96  ARG A CD  1 
ATOM   787  N NE  A ARG A 1 88  ? -6.008  14.378  -10.632 0.50 21.99 ? 96  ARG A NE  1 
ATOM   788  N NE  B ARG A 1 88  ? -6.936  12.394  -11.183 0.50 21.88 ? 96  ARG A NE  1 
ATOM   789  C CZ  A ARG A 1 88  ? -6.928  15.239  -11.065 0.50 23.61 ? 96  ARG A CZ  1 
ATOM   790  C CZ  B ARG A 1 88  ? -6.750  12.315  -12.502 0.50 24.51 ? 96  ARG A CZ  1 
ATOM   791  N NH1 A ARG A 1 88  ? -8.212  14.901  -11.147 0.50 24.77 ? 96  ARG A NH1 1 
ATOM   792  N NH1 B ARG A 1 88  ? -5.692  12.874  -13.083 0.50 25.56 ? 96  ARG A NH1 1 
ATOM   793  N NH2 A ARG A 1 88  ? -6.553  16.456  -11.429 0.50 24.57 ? 96  ARG A NH2 1 
ATOM   794  N NH2 B ARG A 1 88  ? -7.636  11.672  -13.252 0.50 24.76 ? 96  ARG A NH2 1 
ATOM   795  N N   . VAL A 1 89  ? -7.363  11.594  -5.867  1.00 16.90 ? 97  VAL A N   1 
ATOM   796  C CA  . VAL A 1 89  ? -7.919  10.321  -5.421  1.00 17.13 ? 97  VAL A CA  1 
ATOM   797  C C   . VAL A 1 89  ? -8.181  9.448   -6.643  1.00 17.03 ? 97  VAL A C   1 
ATOM   798  O O   . VAL A 1 89  ? -8.874  9.877   -7.574  1.00 17.98 ? 97  VAL A O   1 
ATOM   799  C CB  . VAL A 1 89  ? -9.217  10.556  -4.605  1.00 17.34 ? 97  VAL A CB  1 
ATOM   800  C CG1 . VAL A 1 89  ? -9.868  9.252   -4.215  1.00 18.37 ? 97  VAL A CG1 1 
ATOM   801  C CG2 . VAL A 1 89  ? -8.955  11.410  -3.377  1.00 18.47 ? 97  VAL A CG2 1 
ATOM   802  N N   . TYR A 1 90  ? -7.666  8.224   -6.631  1.00 15.88 ? 98  TYR A N   1 
ATOM   803  C CA  . TYR A 1 90  ? -7.837  7.277   -7.732  1.00 16.22 ? 98  TYR A CA  1 
ATOM   804  C C   . TYR A 1 90  ? -8.543  6.013   -7.256  1.00 15.77 ? 98  TYR A C   1 
ATOM   805  O O   . TYR A 1 90  ? -8.100  5.366   -6.297  1.00 15.14 ? 98  TYR A O   1 
ATOM   806  C CB  . TYR A 1 90  ? -6.459  6.879   -8.264  1.00 16.71 ? 98  TYR A CB  1 
ATOM   807  C CG  . TYR A 1 90  ? -5.694  7.986   -8.957  1.00 15.73 ? 98  TYR A CG  1 
ATOM   808  C CD1 . TYR A 1 90  ? -4.933  8.883   -8.214  1.00 16.38 ? 98  TYR A CD1 1 
ATOM   809  C CD2 . TYR A 1 90  ? -5.707  8.133   -10.339 1.00 16.70 ? 98  TYR A CD2 1 
ATOM   810  C CE1 . TYR A 1 90  ? -4.179  9.862   -8.828  1.00 16.04 ? 98  TYR A CE1 1 
ATOM   811  C CE2 . TYR A 1 90  ? -4.934  9.118   -10.958 1.00 17.34 ? 98  TYR A CE2 1 
ATOM   812  C CZ  . TYR A 1 90  ? -4.213  9.998   -10.192 1.00 16.25 ? 98  TYR A CZ  1 
ATOM   813  O OH  . TYR A 1 90  ? -3.432  10.969  -10.791 1.00 17.30 ? 98  TYR A OH  1 
ATOM   814  N N   . SER A 1 91  ? -9.573  5.592   -7.946  1.00 16.63 ? 99  SER A N   1 
ATOM   815  C CA  . SER A 1 91  ? -10.199 4.315   -7.672  1.00 16.58 ? 99  SER A CA  1 
ATOM   816  C C   . SER A 1 91  ? -9.257  3.172   -8.040  1.00 16.21 ? 99  SER A C   1 
ATOM   817  O O   . SER A 1 91  ? -8.508  3.257   -9.017  1.00 17.21 ? 99  SER A O   1 
ATOM   818  C CB  . SER A 1 91  ? -11.502 4.193   -8.446  1.00 16.95 ? 99  SER A CB  1 
ATOM   819  O OG  . SER A 1 91  ? -12.421 5.193   -8.051  1.00 20.43 ? 99  SER A OG  1 
ATOM   820  N N   . ILE A 1 92  ? -9.308  2.119   -7.225  1.00 15.93 ? 100 ILE A N   1 
ATOM   821  C CA  . ILE A 1 92  ? -8.486  0.902   -7.404  1.00 16.36 ? 100 ILE A CA  1 
ATOM   822  C C   . ILE A 1 92  ? -9.394  -0.309  -7.519  1.00 15.96 ? 100 ILE A C   1 
ATOM   823  O O   . ILE A 1 92  ? -10.422 -0.401  -6.849  1.00 17.69 ? 100 ILE A O   1 
ATOM   824  C CB  . ILE A 1 92  ? -7.395  0.736   -6.323  1.00 16.32 ? 100 ILE A CB  1 
ATOM   825  C CG1 . ILE A 1 92  ? -8.022  0.591   -4.929  1.00 16.31 ? 100 ILE A CG1 1 
ATOM   826  C CG2 . ILE A 1 92  ? -6.457  1.918   -6.381  1.00 17.02 ? 100 ILE A CG2 1 
ATOM   827  C CD1 . ILE A 1 92  ? -6.971  0.316   -3.851  1.00 16.86 ? 100 ILE A CD1 1 
ATOM   828  N N   . HIS A 1 93  ? -9.016  -1.207  -8.426  1.00 15.90 ? 101 HIS A N   1 
ATOM   829  C CA  . HIS A 1 93  ? -9.845  -2.323  -8.847  1.00 16.26 ? 101 HIS A CA  1 
ATOM   830  C C   . HIS A 1 93  ? -9.102  -3.643  -8.747  1.00 15.82 ? 101 HIS A C   1 
ATOM   831  O O   . HIS A 1 93  ? -7.882  -3.679  -8.717  1.00 16.66 ? 101 HIS A O   1 
ATOM   832  C CB  . HIS A 1 93  ? -10.321 -2.086  -10.288 1.00 17.19 ? 101 HIS A CB  1 
ATOM   833  C CG  . HIS A 1 93  ? -11.136 -0.841  -10.442 1.00 17.73 ? 101 HIS A CG  1 
ATOM   834  N ND1 . HIS A 1 93  ? -10.632 0.319   -10.986 1.00 22.08 ? 101 HIS A ND1 1 
ATOM   835  C CD2 . HIS A 1 93  ? -12.382 -0.543  -10.007 1.00 20.01 ? 101 HIS A CD2 1 
ATOM   836  C CE1 . HIS A 1 93  ? -11.568 1.252   -10.959 1.00 17.57 ? 101 HIS A CE1 1 
ATOM   837  N NE2 . HIS A 1 93  ? -12.632 0.763   -10.358 1.00 21.36 ? 101 HIS A NE2 1 
ATOM   838  N N   . GLN A 1 94  ? -9.860  -4.732  -8.769  1.00 16.29 ? 102 GLN A N   1 
ATOM   839  C CA  . GLN A 1 94  ? -9.306  -6.087  -8.793  1.00 16.19 ? 102 GLN A CA  1 
ATOM   840  C C   . GLN A 1 94  ? -8.249  -6.190  -9.866  1.00 15.96 ? 102 GLN A C   1 
ATOM   841  O O   . GLN A 1 94  ? -8.488  -5.887  -11.030 1.00 17.15 ? 102 GLN A O   1 
ATOM   842  C CB  . GLN A 1 94  ? -10.428 -7.105  -9.052  1.00 16.03 ? 102 GLN A CB  1 
ATOM   843  C CG  . GLN A 1 94  ? -9.984  -8.557  -9.107  1.00 16.07 ? 102 GLN A CG  1 
ATOM   844  C CD  . GLN A 1 94  ? -9.435  -9.034  -7.784  1.00 14.97 ? 102 GLN A CD  1 
ATOM   845  O OE1 . GLN A 1 94  ? -10.092 -8.908  -6.762  1.00 15.82 ? 102 GLN A OE1 1 
ATOM   846  N NE2 . GLN A 1 94  ? -8.244  -9.600  -7.808  1.00 15.81 ? 102 GLN A NE2 1 
ATOM   847  N N   . GLY A 1 95  ? -7.067  -6.656  -9.460  1.00 15.92 ? 103 GLY A N   1 
ATOM   848  C CA  . GLY A 1 95  ? -5.975  -6.893  -10.392 1.00 16.84 ? 103 GLY A CA  1 
ATOM   849  C C   . GLY A 1 95  ? -5.035  -5.735  -10.622 1.00 17.60 ? 103 GLY A C   1 
ATOM   850  O O   . GLY A 1 95  ? -4.061  -5.869  -11.337 1.00 19.10 ? 103 GLY A O   1 
ATOM   851  N N   . ASP A 1 96  ? -5.344  -4.561  -10.075 1.00 16.94 ? 104 ASP A N   1 
ATOM   852  C CA  . ASP A 1 96  ? -4.466  -3.404  -10.238 1.00 16.89 ? 104 ASP A CA  1 
ATOM   853  C C   . ASP A 1 96  ? -3.186  -3.636  -9.473  1.00 16.56 ? 104 ASP A C   1 
ATOM   854  O O   . ASP A 1 96  ? -3.210  -4.321  -8.448  1.00 17.87 ? 104 ASP A O   1 
ATOM   855  C CB  . ASP A 1 96  ? -5.135  -2.113  -9.700  1.00 16.12 ? 104 ASP A CB  1 
ATOM   856  C CG  . ASP A 1 96  ? -6.185  -1.520  -10.627 1.00 17.68 ? 104 ASP A CG  1 
ATOM   857  O OD1 . ASP A 1 96  ? -6.293  -1.914  -11.814 1.00 18.66 ? 104 ASP A OD1 1 
ATOM   858  O OD2 . ASP A 1 96  ? -6.877  -0.604  -10.131 1.00 18.31 ? 104 ASP A OD2 1 
ATOM   859  N N   . TYR A 1 97  ? -2.089  -3.075  -9.969  1.00 16.99 ? 105 TYR A N   1 
ATOM   860  C CA  . TYR A 1 97  ? -0.815  -3.133  -9.231  1.00 17.13 ? 105 TYR A CA  1 
ATOM   861  C C   . TYR A 1 97  ? -0.430  -1.757  -8.728  1.00 18.01 ? 105 TYR A C   1 
ATOM   862  O O   . TYR A 1 97  ? -0.562  -0.758  -9.430  1.00 18.13 ? 105 TYR A O   1 
ATOM   863  C CB  . TYR A 1 97  ? 0.330   -3.726  -10.075 1.00 18.76 ? 105 TYR A CB  1 
ATOM   864  C CG  . TYR A 1 97  ? 0.128   -5.192  -10.307 1.00 18.80 ? 105 TYR A CG  1 
ATOM   865  C CD1 . TYR A 1 97  ? 0.559   -6.138  -9.382  1.00 21.04 ? 105 TYR A CD1 1 
ATOM   866  C CD2 . TYR A 1 97  ? -0.580  -5.650  -11.416 1.00 21.57 ? 105 TYR A CD2 1 
ATOM   867  C CE1 . TYR A 1 97  ? 0.320   -7.505  -9.573  1.00 22.21 ? 105 TYR A CE1 1 
ATOM   868  C CE2 . TYR A 1 97  ? -0.818  -6.997  -11.601 1.00 22.81 ? 105 TYR A CE2 1 
ATOM   869  C CZ  . TYR A 1 97  ? -0.366  -7.919  -10.668 1.00 22.36 ? 105 TYR A CZ  1 
ATOM   870  O OH  . TYR A 1 97  ? -0.591  -9.292  -10.856 1.00 25.57 ? 105 TYR A OH  1 
ATOM   871  N N   . ILE A 1 98  ? 0.062   -1.701  -7.500  1.00 16.97 ? 106 ILE A N   1 
ATOM   872  C CA  . ILE A 1 98  ? 0.480   -0.459  -6.863  1.00 17.52 ? 106 ILE A CA  1 
ATOM   873  C C   . ILE A 1 98  ? 1.951   -0.602  -6.513  1.00 17.06 ? 106 ILE A C   1 
ATOM   874  O O   . ILE A 1 98  ? 2.378   -1.588  -5.901  1.00 17.94 ? 106 ILE A O   1 
ATOM   875  C CB  . ILE A 1 98  ? -0.331  -0.176  -5.577  1.00 16.70 ? 106 ILE A CB  1 
ATOM   876  C CG1 . ILE A 1 98  ? -1.793  0.188   -5.914  1.00 18.43 ? 106 ILE A CG1 1 
ATOM   877  C CG2 . ILE A 1 98  ? 0.297   0.957   -4.773  1.00 17.90 ? 106 ILE A CG2 1 
ATOM   878  C CD1 . ILE A 1 98  ? -2.732  0.150   -4.751  1.00 21.42 ? 106 ILE A CD1 1 
ATOM   879  N N   . GLN A 1 99  ? 2.756   0.376   -6.925  1.00 17.24 ? 107 GLN A N   1 
ATOM   880  C CA  . GLN A 1 99  ? 4.167   0.460   -6.605  1.00 17.67 ? 107 GLN A CA  1 
ATOM   881  C C   . GLN A 1 99  ? 4.397   1.678   -5.723  1.00 16.36 ? 107 GLN A C   1 
ATOM   882  O O   . GLN A 1 99  ? 3.952   2.783   -6.068  1.00 16.67 ? 107 GLN A O   1 
ATOM   883  C CB  . GLN A 1 99  ? 4.940   0.598   -7.918  1.00 18.65 ? 107 GLN A CB  1 
ATOM   884  C CG  . GLN A 1 99  ? 6.421   0.779   -7.795  1.00 20.21 ? 107 GLN A CG  1 
ATOM   885  C CD  . GLN A 1 99  ? 7.113   1.112   -9.100  1.00 20.71 ? 107 GLN A CD  1 
ATOM   886  O OE1 . GLN A 1 99  ? 7.700   2.201   -9.271  1.00 21.08 ? 107 GLN A OE1 1 
ATOM   887  N NE2 . GLN A 1 99  ? 7.096   0.162   -10.015 1.00 24.80 ? 107 GLN A NE2 1 
ATOM   888  N N   . LEU A 1 100 ? 5.065   1.503   -4.585  1.00 16.31 ? 108 LEU A N   1 
ATOM   889  C CA  . LEU A 1 100 ? 5.423   2.614   -3.702  1.00 16.64 ? 108 LEU A CA  1 
ATOM   890  C C   . LEU A 1 100 ? 6.902   2.854   -3.858  1.00 16.84 ? 108 LEU A C   1 
ATOM   891  O O   . LEU A 1 100 ? 7.699   1.924   -3.644  1.00 17.99 ? 108 LEU A O   1 
ATOM   892  C CB  . LEU A 1 100 ? 5.045   2.325   -2.256  1.00 17.05 ? 108 LEU A CB  1 
ATOM   893  C CG  . LEU A 1 100 ? 3.609   1.906   -1.977  1.00 16.38 ? 108 LEU A CG  1 
ATOM   894  C CD1 . LEU A 1 100 ? 3.410   1.724   -0.497  1.00 19.28 ? 108 LEU A CD1 1 
ATOM   895  C CD2 . LEU A 1 100 ? 2.596   2.874   -2.532  1.00 16.82 ? 108 LEU A CD2 1 
ATOM   896  N N   . GLY A 1 101 ? 7.319   4.054   -4.222  1.00 16.19 ? 109 GLY A N   1 
ATOM   897  C CA  . GLY A 1 101 ? 8.728   4.297   -4.547  1.00 17.02 ? 109 GLY A CA  1 
ATOM   898  C C   . GLY A 1 101 ? 9.079   3.735   -5.911  1.00 17.00 ? 109 GLY A C   1 
ATOM   899  O O   . GLY A 1 101 ? 8.191   3.495   -6.731  1.00 17.76 ? 109 GLY A O   1 
ATOM   900  N N   . VAL A 1 102 ? 10.376  3.541   -6.165  1.00 17.06 ? 110 VAL A N   1 
ATOM   901  C CA  . VAL A 1 102 ? 10.894  3.199   -7.485  1.00 16.92 ? 110 VAL A CA  1 
ATOM   902  C C   . VAL A 1 102 ? 11.912  2.073   -7.353  1.00 16.69 ? 110 VAL A C   1 
ATOM   903  O O   . VAL A 1 102 ? 12.450  1.847   -6.276  1.00 16.45 ? 110 VAL A O   1 
ATOM   904  C CB  . VAL A 1 102 ? 11.545  4.438   -8.164  1.00 17.39 ? 110 VAL A CB  1 
ATOM   905  C CG1 . VAL A 1 102 ? 10.509  5.541   -8.452  1.00 20.15 ? 110 VAL A CG1 1 
ATOM   906  C CG2 . VAL A 1 102 ? 12.707  5.001   -7.335  1.00 18.72 ? 110 VAL A CG2 1 
ATOM   907  N N   . PRO A 1 103 ? 12.175  1.358   -8.460  1.00 16.37 ? 111 PRO A N   1 
ATOM   908  C CA  . PRO A 1 103 ? 13.263  0.386   -8.424  1.00 16.54 ? 111 PRO A CA  1 
ATOM   909  C C   . PRO A 1 103 ? 14.619  1.052   -8.190  1.00 17.02 ? 111 PRO A C   1 
ATOM   910  O O   . PRO A 1 103 ? 14.886  2.154   -8.671  1.00 17.59 ? 111 PRO A O   1 
ATOM   911  C CB  . PRO A 1 103 ? 13.189  -0.275  -9.818  1.00 16.98 ? 111 PRO A CB  1 
ATOM   912  C CG  . PRO A 1 103 ? 11.891  0.159   -10.433 1.00 19.44 ? 111 PRO A CG  1 
ATOM   913  C CD  . PRO A 1 103 ? 11.502  1.427   -9.775  1.00 17.94 ? 111 PRO A CD  1 
ATOM   914  N N   . LEU A 1 104 ? 15.490  0.361   -7.470  1.00 16.42 ? 112 LEU A N   1 
ATOM   915  C CA  . LEU A 1 104 ? 16.861  0.776   -7.324  1.00 17.85 ? 112 LEU A CA  1 
ATOM   916  C C   . LEU A 1 104 ? 17.643  0.414   -8.598  1.00 18.93 ? 112 LEU A C   1 
ATOM   917  O O   . LEU A 1 104 ? 17.149  -0.289  -9.483  1.00 17.53 ? 112 LEU A O   1 
ATOM   918  C CB  . LEU A 1 104 ? 17.468  0.087   -6.092  1.00 17.66 ? 112 LEU A CB  1 
ATOM   919  C CG  . LEU A 1 104 ? 16.830  0.446   -4.748  1.00 19.14 ? 112 LEU A CG  1 
ATOM   920  C CD1 . LEU A 1 104 ? 17.525  -0.371  -3.630  1.00 22.21 ? 112 LEU A CD1 1 
ATOM   921  C CD2 . LEU A 1 104 ? 16.939  1.929   -4.496  1.00 21.21 ? 112 LEU A CD2 1 
ATOM   922  N N   . GLU A 1 105 ? 18.889  0.859   -8.668  1.00 20.06 ? 113 GLU A N   1 
ATOM   923  C CA  . GLU A 1 105 ? 19.736  0.596   -9.829  1.00 21.65 ? 113 GLU A CA  1 
ATOM   924  C C   . GLU A 1 105 ? 19.871  -0.907  -10.060 1.00 21.47 ? 113 GLU A C   1 
ATOM   925  O O   . GLU A 1 105 ? 20.066  -1.663  -9.117  1.00 21.85 ? 113 GLU A O   1 
ATOM   926  C CB  . GLU A 1 105 ? 21.107  1.227   -9.598  1.00 22.56 ? 113 GLU A CB  1 
ATOM   927  C CG  . GLU A 1 105 ? 21.070  2.732   -9.530  1.00 25.29 ? 113 GLU A CG  1 
ATOM   928  C CD  . GLU A 1 105 ? 22.367  3.352   -9.040  1.00 26.53 ? 113 GLU A CD  1 
ATOM   929  O OE1 . GLU A 1 105 ? 23.459  2.781   -9.283  1.00 31.46 ? 113 GLU A OE1 1 
ATOM   930  O OE2 . GLU A 1 105 ? 22.283  4.435   -8.422  1.00 34.35 ? 113 GLU A OE2 1 
ATOM   931  N N   . ASN A 1 106 ? 19.727  -1.336  -11.321 1.00 22.22 ? 114 ASN A N   1 
ATOM   932  C CA  . ASN A 1 106 ? 19.833  -2.746  -11.734 1.00 22.28 ? 114 ASN A CA  1 
ATOM   933  C C   . ASN A 1 106 ? 18.813  -3.685  -11.139 1.00 22.41 ? 114 ASN A C   1 
ATOM   934  O O   . ASN A 1 106 ? 19.025  -4.907  -11.061 1.00 23.14 ? 114 ASN A O   1 
ATOM   935  C CB  . ASN A 1 106 ? 21.254  -3.293  -11.486 1.00 22.83 ? 114 ASN A CB  1 
ATOM   936  C CG  . ASN A 1 106 ? 21.575  -4.499  -12.354 1.00 24.50 ? 114 ASN A CG  1 
ATOM   937  O OD1 . ASN A 1 106 ? 20.982  -4.702  -13.422 1.00 27.71 ? 114 ASN A OD1 1 
ATOM   938  N ND2 . ASN A 1 106 ? 22.519  -5.315  -11.895 1.00 27.56 ? 114 ASN A ND2 1 
ATOM   939  N N   . LYS A 1 107 ? 17.672  -3.119  -10.754 1.00 20.83 ? 115 LYS A N   1 
ATOM   940  C CA  . LYS A 1 107 ? 16.585  -3.879  -10.212 1.00 21.61 ? 115 LYS A CA  1 
ATOM   941  C C   . LYS A 1 107 ? 15.389  -3.732  -11.116 1.00 21.67 ? 115 LYS A C   1 
ATOM   942  O O   . LYS A 1 107 ? 15.071  -2.633  -11.599 1.00 19.94 ? 115 LYS A O   1 
ATOM   943  C CB  . LYS A 1 107 ? 16.250  -3.420  -8.791  1.00 20.51 ? 115 LYS A CB  1 
ATOM   944  C CG  . LYS A 1 107 ? 17.431  -3.478  -7.813  1.00 24.06 ? 115 LYS A CG  1 
ATOM   945  C CD  . LYS A 1 107 ? 17.973  -4.881  -7.585  1.00 25.19 ? 115 LYS A CD  1 
ATOM   946  C CE  . LYS A 1 107 ? 16.933  -5.811  -6.997  1.00 27.46 ? 115 LYS A CE  1 
ATOM   947  N NZ  . LYS A 1 107 ? 17.562  -7.038  -6.416  1.00 29.52 ? 115 LYS A NZ  1 
ATOM   948  N N   . GLU A 1 108 ? 14.717  -4.844  -11.343 1.00 24.19 ? 116 GLU A N   1 
ATOM   949  C CA  . GLU A 1 108 ? 13.562  -4.825  -12.207 1.00 25.32 ? 116 GLU A CA  1 
ATOM   950  C C   . GLU A 1 108 ? 12.381  -4.186  -11.523 1.00 25.07 ? 116 GLU A C   1 
ATOM   951  O O   . GLU A 1 108 ? 11.617  -3.449  -12.132 1.00 25.75 ? 116 GLU A O   1 
ATOM   952  C CB  . GLU A 1 108 ? 13.186  -6.227  -12.651 1.00 26.22 ? 116 GLU A CB  1 
ATOM   953  C CG  . GLU A 1 108 ? 12.111  -6.176  -13.712 1.00 27.70 ? 116 GLU A CG  1 
ATOM   954  C CD  . GLU A 1 108 ? 11.735  -7.530  -14.274 1.00 29.60 ? 116 GLU A CD  1 
ATOM   955  O OE1 . GLU A 1 108 ? 11.096  -7.555  -15.350 1.00 36.48 ? 116 GLU A OE1 1 
ATOM   956  O OE2 . GLU A 1 108 ? 12.052  -8.567  -13.656 1.00 35.57 ? 116 GLU A OE2 1 
ATOM   957  N N   . ASN A 1 109 ? 12.241  -4.435  -10.219 1.00 23.82 ? 117 ASN A N   1 
ATOM   958  C CA  . ASN A 1 109 ? 11.051  -4.016  -9.502  1.00 22.81 ? 117 ASN A CA  1 
ATOM   959  C C   . ASN A 1 109 ? 11.355  -3.184  -8.252  1.00 20.44 ? 117 ASN A C   1 
ATOM   960  O O   . ASN A 1 109 ? 12.386  -3.384  -7.629  1.00 20.86 ? 117 ASN A O   1 
ATOM   961  C CB  . ASN A 1 109 ? 10.233  -5.239  -9.041  1.00 23.77 ? 117 ASN A CB  1 
ATOM   962  C CG  . ASN A 1 109 ? 9.826   -6.167  -10.176 1.00 26.18 ? 117 ASN A CG  1 
ATOM   963  O OD1 . ASN A 1 109 ? 8.986   -5.813  -11.007 1.00 30.37 ? 117 ASN A OD1 1 
ATOM   964  N ND2 . ASN A 1 109 ? 10.360  -7.380  -10.166 1.00 29.74 ? 117 ASN A ND2 1 
ATOM   965  N N   . ALA A 1 110 ? 10.457  -2.279  -7.896  1.00 19.78 ? 118 ALA A N   1 
ATOM   966  C CA  . ALA A 1 110 ? 10.492  -1.626  -6.577  1.00 19.13 ? 118 ALA A CA  1 
ATOM   967  C C   . ALA A 1 110 ? 10.287  -2.684  -5.501  1.00 18.31 ? 118 ALA A C   1 
ATOM   968  O O   . ALA A 1 110 ? 9.647   -3.704  -5.746  1.00 19.36 ? 118 ALA A O   1 
ATOM   969  C CB  . ALA A 1 110 ? 9.422   -0.563  -6.473  1.00 19.90 ? 118 ALA A CB  1 
ATOM   970  N N   . GLU A 1 111 ? 10.837  -2.444  -4.323  1.00 16.78 ? 119 GLU A N   1 
ATOM   971  C CA  . GLU A 1 111 ? 10.626  -3.328  -3.192  1.00 16.54 ? 119 GLU A CA  1 
ATOM   972  C C   . GLU A 1 111 ? 9.150   -3.512  -2.845  1.00 16.59 ? 119 GLU A C   1 
ATOM   973  O O   . GLU A 1 111 ? 8.658   -4.621  -2.724  1.00 16.01 ? 119 GLU A O   1 
ATOM   974  C CB  . GLU A 1 111 ? 11.411  -2.787  -1.981  1.00 15.77 ? 119 GLU A CB  1 
ATOM   975  C CG  . GLU A 1 111 ? 11.194  -3.590  -0.703  1.00 16.57 ? 119 GLU A CG  1 
ATOM   976  C CD  . GLU A 1 111 ? 12.084  -3.136  0.430   1.00 16.81 ? 119 GLU A CD  1 
ATOM   977  O OE1 . GLU A 1 111 ? 12.706  -2.064  0.340   1.00 16.95 ? 119 GLU A OE1 1 
ATOM   978  O OE2 . GLU A 1 111 ? 12.161  -3.899  1.424   1.00 17.70 ? 119 GLU A OE2 1 
ATOM   979  N N   . TYR A 1 112 ? 8.447   -2.399  -2.721  1.00 15.55 ? 120 TYR A N   1 
ATOM   980  C CA  . TYR A 1 112 ? 7.052   -2.444  -2.281  1.00 16.64 ? 120 TYR A CA  1 
ATOM   981  C C   . TYR A 1 112 ? 6.092   -2.368  -3.455  1.00 16.48 ? 120 TYR A C   1 
ATOM   982  O O   . TYR A 1 112 ? 5.682   -1.280  -3.888  1.00 18.08 ? 120 TYR A O   1 
ATOM   983  C CB  . TYR A 1 112 ? 6.799   -1.359  -1.267  1.00 16.52 ? 120 TYR A CB  1 
ATOM   984  C CG  . TYR A 1 112 ? 7.549   -1.549  0.043   1.00 16.45 ? 120 TYR A CG  1 
ATOM   985  C CD1 . TYR A 1 112 ? 8.585   -0.717  0.374   1.00 16.68 ? 120 TYR A CD1 1 
ATOM   986  C CD2 . TYR A 1 112 ? 7.185   -2.520  0.957   1.00 16.22 ? 120 TYR A CD2 1 
ATOM   987  C CE1 . TYR A 1 112 ? 9.295   -0.869  1.563   1.00 16.55 ? 120 TYR A CE1 1 
ATOM   988  C CE2 . TYR A 1 112 ? 7.879   -2.674  2.160   1.00 17.62 ? 120 TYR A CE2 1 
ATOM   989  C CZ  . TYR A 1 112 ? 8.909   -1.817  2.468   1.00 16.91 ? 120 TYR A CZ  1 
ATOM   990  O OH  . TYR A 1 112 ? 9.576   -1.947  3.653   1.00 18.02 ? 120 TYR A OH  1 
ATOM   991  N N   . GLU A 1 113 ? 5.742   -3.541  -3.966  1.00 16.64 ? 121 GLU A N   1 
ATOM   992  C CA  . GLU A 1 113 ? 4.724   -3.711  -5.018  1.00 17.20 ? 121 GLU A CA  1 
ATOM   993  C C   . GLU A 1 113 ? 3.604   -4.585  -4.499  1.00 16.24 ? 121 GLU A C   1 
ATOM   994  O O   . GLU A 1 113 ? 3.854   -5.595  -3.843  1.00 16.84 ? 121 GLU A O   1 
ATOM   995  C CB  . GLU A 1 113 ? 5.326   -4.344  -6.289  1.00 18.88 ? 121 GLU A CB  1 
ATOM   996  C CG  . GLU A 1 113 ? 4.346   -4.347  -7.487  1.00 20.85 ? 121 GLU A CG  1 
ATOM   997  C CD  . GLU A 1 113 ? 4.677   -5.211  -8.705  1.00 24.71 ? 121 GLU A CD  1 
ATOM   998  O OE1 . GLU A 1 113 ? 4.011   -4.994  -9.745  1.00 31.24 ? 121 GLU A OE1 1 
ATOM   999  O OE2 . GLU A 1 113 ? 5.506   -6.128  -8.635  1.00 28.76 ? 121 GLU A OE2 1 
ATOM   1000 N N   . TYR A 1 114 ? 2.372   -4.184  -4.800  1.00 15.49 ? 122 TYR A N   1 
ATOM   1001 C CA  . TYR A 1 114 ? 1.173   -4.868  -4.330  1.00 16.50 ? 122 TYR A CA  1 
ATOM   1002 C C   . TYR A 1 114 ? 0.184   -5.103  -5.461  1.00 16.15 ? 122 TYR A C   1 
ATOM   1003 O O   . TYR A 1 114 ? 0.093   -4.290  -6.381  1.00 17.08 ? 122 TYR A O   1 
ATOM   1004 C CB  . TYR A 1 114 ? 0.455   -4.048  -3.253  1.00 16.95 ? 122 TYR A CB  1 
ATOM   1005 C CG  . TYR A 1 114 ? 1.322   -3.686  -2.075  1.00 17.06 ? 122 TYR A CG  1 
ATOM   1006 C CD1 . TYR A 1 114 ? 1.405   -4.522  -0.968  1.00 15.99 ? 122 TYR A CD1 1 
ATOM   1007 C CD2 . TYR A 1 114 ? 2.037   -2.494  -2.053  1.00 17.39 ? 122 TYR A CD2 1 
ATOM   1008 C CE1 . TYR A 1 114 ? 2.223   -4.205  0.104   1.00 15.97 ? 122 TYR A CE1 1 
ATOM   1009 C CE2 . TYR A 1 114 ? 2.832   -2.163  -0.980  1.00 16.99 ? 122 TYR A CE2 1 
ATOM   1010 C CZ  . TYR A 1 114 ? 2.922   -3.019  0.095   1.00 16.72 ? 122 TYR A CZ  1 
ATOM   1011 O OH  . TYR A 1 114 ? 3.757   -2.622  1.140   1.00 17.31 ? 122 TYR A OH  1 
ATOM   1012 N N   . GLU A 1 115 ? -0.570  -6.193  -5.367  1.00 16.03 ? 123 GLU A N   1 
ATOM   1013 C CA  . GLU A 1 115 ? -1.766  -6.407  -6.191  1.00 16.67 ? 123 GLU A CA  1 
ATOM   1014 C C   . GLU A 1 115 ? -2.983  -6.052  -5.341  1.00 16.43 ? 123 GLU A C   1 
ATOM   1015 O O   . GLU A 1 115 ? -3.128  -6.526  -4.220  1.00 17.08 ? 123 GLU A O   1 
ATOM   1016 C CB  . GLU A 1 115 ? -1.875  -7.879  -6.601  1.00 17.00 ? 123 GLU A CB  1 
ATOM   1017 C CG  . GLU A 1 115 ? -3.004  -8.186  -7.591  1.00 17.98 ? 123 GLU A CG  1 
ATOM   1018 C CD  . GLU A 1 115 ? -3.468  -9.630  -7.592  1.00 21.02 ? 123 GLU A CD  1 
ATOM   1019 O OE1 . GLU A 1 115 ? -3.962  -10.057 -8.655  1.00 28.97 ? 123 GLU A OE1 1 
ATOM   1020 O OE2 . GLU A 1 115 ? -3.459  -10.276 -6.514  1.00 24.67 ? 123 GLU A OE2 1 
ATOM   1021 N N   . VAL A 1 116 ? -3.906  -5.276  -5.902  1.00 15.75 ? 124 VAL A N   1 
ATOM   1022 C CA  . VAL A 1 116 ? -5.188  -4.978  -5.289  1.00 16.55 ? 124 VAL A CA  1 
ATOM   1023 C C   . VAL A 1 116 ? -6.114  -6.172  -5.536  1.00 15.24 ? 124 VAL A C   1 
ATOM   1024 O O   . VAL A 1 116 ? -6.357  -6.549  -6.694  1.00 16.46 ? 124 VAL A O   1 
ATOM   1025 C CB  . VAL A 1 116 ? -5.810  -3.698  -5.900  1.00 16.21 ? 124 VAL A CB  1 
ATOM   1026 C CG1 . VAL A 1 116 ? -7.167  -3.391  -5.269  1.00 18.14 ? 124 VAL A CG1 1 
ATOM   1027 C CG2 . VAL A 1 116 ? -4.861  -2.518  -5.768  1.00 18.24 ? 124 VAL A CG2 1 
ATOM   1028 N N   . THR A 1 117 ? -6.574  -6.818  -4.474  1.00 15.22 ? 125 THR A N   1 
ATOM   1029 C CA  . THR A 1 117 ? -7.314  -8.038  -4.676  1.00 15.66 ? 125 THR A CA  1 
ATOM   1030 C C   . THR A 1 117 ? -8.297  -8.287  -3.564  1.00 15.20 ? 125 THR A C   1 
ATOM   1031 O O   . THR A 1 117 ? -8.070  -7.903  -2.435  1.00 15.86 ? 125 THR A O   1 
ATOM   1032 C CB  . THR A 1 117 ? -6.346  -9.228  -4.859  1.00 16.44 ? 125 THR A CB  1 
ATOM   1033 O OG1 . THR A 1 117 ? -7.098  -10.359 -5.267  1.00 15.82 ? 125 THR A OG1 1 
ATOM   1034 C CG2 . THR A 1 117 ? -5.517  -9.538  -3.589  1.00 16.64 ? 125 THR A CG2 1 
ATOM   1035 N N   . GLU A 1 118 ? -9.392  -8.957  -3.897  1.00 15.47 ? 126 GLU A N   1 
ATOM   1036 C CA  . GLU A 1 118 ? -10.376 -9.377  -2.931  1.00 14.90 ? 126 GLU A CA  1 
ATOM   1037 C C   . GLU A 1 118 ? -10.234 -10.884 -2.743  1.00 14.89 ? 126 GLU A C   1 
ATOM   1038 O O   . GLU A 1 118 ? -10.374 -11.660 -3.674  1.00 15.07 ? 126 GLU A O   1 
ATOM   1039 C CB  . GLU A 1 118 ? -11.766 -9.004  -3.452  1.00 15.93 ? 126 GLU A CB  1 
ATOM   1040 C CG  . GLU A 1 118 ? -12.870 -9.075  -2.450  1.00 17.22 ? 126 GLU A CG  1 
ATOM   1041 C CD  . GLU A 1 118 ? -14.217 -8.667  -3.022  1.00 17.41 ? 126 GLU A CD  1 
ATOM   1042 O OE1 . GLU A 1 118 ? -14.341 -8.445  -4.261  1.00 20.76 ? 126 GLU A OE1 1 
ATOM   1043 O OE2 . GLU A 1 118 ? -15.138 -8.584  -2.209  1.00 21.56 ? 126 GLU A OE2 1 
ATOM   1044 N N   . GLU A 1 119 ? -9.881  -11.276 -1.529  1.00 14.13 ? 127 GLU A N   1 
ATOM   1045 C CA  . GLU A 1 119 ? -9.546  -12.681 -1.226  0.50 12.08 ? 127 GLU A CA  1 
ATOM   1046 C C   . GLU A 1 119 ? -10.224 -13.195 0.021   1.00 13.89 ? 127 GLU A C   1 
ATOM   1047 O O   . GLU A 1 119 ? -10.807 -12.439 0.789   1.00 14.71 ? 127 GLU A O   1 
ATOM   1048 C CB  . GLU A 1 119 ? -8.012  -12.876 -1.137  0.50 11.01 ? 127 GLU A CB  1 
ATOM   1049 C CG  . GLU A 1 119 ? -7.389  -12.848 -2.520  0.50 12.41 ? 127 GLU A CG  1 
ATOM   1050 C CD  . GLU A 1 119 ? -5.962  -13.253 -2.579  0.50 14.21 ? 127 GLU A CD  1 
ATOM   1051 O OE1 . GLU A 1 119 ? -5.701  -14.459 -2.772  0.50 15.90 ? 127 GLU A OE1 1 
ATOM   1052 O OE2 . GLU A 1 119 ? -5.095  -12.372 -2.480  0.50 17.16 ? 127 GLU A OE2 1 
ATOM   1053 N N   . ASP A 1 120 ? -10.191 -14.504 0.198   1.00 13.76 ? 128 ASP A N   1 
ATOM   1054 C CA  . ASP A 1 120 ? -10.708 -15.141 1.394   1.00 14.01 ? 128 ASP A CA  1 
ATOM   1055 C C   . ASP A 1 120 ? -9.870  -14.685 2.594   1.00 14.68 ? 128 ASP A C   1 
ATOM   1056 O O   . ASP A 1 120 ? -8.650  -14.638 2.521   1.00 14.87 ? 128 ASP A O   1 
ATOM   1057 C CB  . ASP A 1 120 ? -10.579 -16.685 1.326   1.00 13.40 ? 128 ASP A CB  1 
ATOM   1058 C CG  . ASP A 1 120 ? -11.547 -17.381 0.406   1.00 18.31 ? 128 ASP A CG  1 
ATOM   1059 O OD1 . ASP A 1 120 ? -11.719 -18.607 0.625   1.00 24.04 ? 128 ASP A OD1 1 
ATOM   1060 O OD2 . ASP A 1 120 ? -12.144 -16.775 -0.447  1.00 19.86 ? 128 ASP A OD2 1 
ATOM   1061 N N   . TRP A 1 121 ? -10.529 -14.432 3.716   1.00 14.72 ? 129 TRP A N   1 
ATOM   1062 C CA  . TRP A 1 121 ? -9.814  -14.170 4.963   1.00 14.89 ? 129 TRP A CA  1 
ATOM   1063 C C   . TRP A 1 121 ? -8.819  -15.291 5.290   1.00 15.17 ? 129 TRP A C   1 
ATOM   1064 O O   . TRP A 1 121 ? -7.712  -15.020 5.750   1.00 14.58 ? 129 TRP A O   1 
ATOM   1065 C CB  . TRP A 1 121 ? -10.826 -14.012 6.084   1.00 16.18 ? 129 TRP A CB  1 
ATOM   1066 C CG  . TRP A 1 121 ? -10.206 -13.876 7.439   1.00 16.31 ? 129 TRP A CG  1 
ATOM   1067 C CD1 . TRP A 1 121 ? -10.282 -14.771 8.442   1.00 17.78 ? 129 TRP A CD1 1 
ATOM   1068 C CD2 . TRP A 1 121 ? -9.386  -12.794 7.909   1.00 16.02 ? 129 TRP A CD2 1 
ATOM   1069 N NE1 . TRP A 1 121 ? -9.597  -14.292 9.545   1.00 18.55 ? 129 TRP A NE1 1 
ATOM   1070 C CE2 . TRP A 1 121 ? -9.023  -13.099 9.231   1.00 16.23 ? 129 TRP A CE2 1 
ATOM   1071 C CE3 . TRP A 1 121 ? -8.922  -11.617 7.344   1.00 18.01 ? 129 TRP A CE3 1 
ATOM   1072 C CZ2 . TRP A 1 121 ? -8.223  -12.233 10.005  1.00 17.28 ? 129 TRP A CZ2 1 
ATOM   1073 C CZ3 . TRP A 1 121 ? -8.118  -10.769 8.123   1.00 19.20 ? 129 TRP A CZ3 1 
ATOM   1074 C CH2 . TRP A 1 121 ? -7.804  -11.087 9.423   1.00 18.96 ? 129 TRP A CH2 1 
ATOM   1075 N N   . GLU A 1 122 ? -9.200  -16.550 5.086   1.00 14.69 ? 130 GLU A N   1 
ATOM   1076 C CA  . GLU A 1 122 ? -8.288  -17.656 5.364   1.00 15.65 ? 130 GLU A CA  1 
ATOM   1077 C C   . GLU A 1 122 ? -6.962  -17.564 4.593   1.00 15.32 ? 130 GLU A C   1 
ATOM   1078 O O   . GLU A 1 122 ? -5.927  -18.001 5.097   1.00 17.31 ? 130 GLU A O   1 
ATOM   1079 C CB  . GLU A 1 122 ? -8.965  -19.007 5.083   1.00 16.26 ? 130 GLU A CB  1 
ATOM   1080 C CG  . GLU A 1 122 ? -10.049 -19.391 6.069   1.00 20.74 ? 130 GLU A CG  1 
ATOM   1081 C CD  . GLU A 1 122 ? -10.382 -20.866 6.042   1.00 22.64 ? 130 GLU A CD  1 
ATOM   1082 O OE1 . GLU A 1 122 ? -10.087 -21.522 5.010   1.00 29.89 ? 130 GLU A OE1 1 
ATOM   1083 O OE2 . GLU A 1 122 ? -10.940 -21.365 7.055   1.00 31.56 ? 130 GLU A OE2 1 
ATOM   1084 N N   . THR A 1 123 ? -7.006  -17.035 3.389   1.00 15.33 ? 131 THR A N   1 
ATOM   1085 C CA  . THR A 1 123 ? -5.806  -16.769 2.587   1.00 15.49 ? 131 THR A CA  1 
ATOM   1086 C C   . THR A 1 123 ? -5.007  -15.573 3.115   1.00 15.40 ? 131 THR A C   1 
ATOM   1087 O O   . THR A 1 123 ? -3.784  -15.587 3.127   1.00 15.00 ? 131 THR A O   1 
ATOM   1088 C CB  . THR A 1 123 ? -6.202  -16.498 1.140   1.00 16.20 ? 131 THR A CB  1 
ATOM   1089 O OG1 . THR A 1 123 ? -6.839  -17.657 0.599   1.00 21.53 ? 131 THR A OG1 1 
ATOM   1090 C CG2 . THR A 1 123 ? -5.000  -16.140 0.253   1.00 16.87 ? 131 THR A CG2 1 
ATOM   1091 N N   . ILE A 1 124 ? -5.691  -14.497 3.495   1.00 14.44 ? 132 ILE A N   1 
ATOM   1092 C CA  . ILE A 1 124 ? -5.054  -13.228 3.836   1.00 14.44 ? 132 ILE A CA  1 
ATOM   1093 C C   . ILE A 1 124 ? -4.386  -13.279 5.206   1.00 14.61 ? 132 ILE A C   1 
ATOM   1094 O O   . ILE A 1 124 ? -3.247  -12.840 5.324   1.00 15.18 ? 132 ILE A O   1 
ATOM   1095 C CB  . ILE A 1 124 ? -6.105  -12.100 3.805   1.00 14.64 ? 132 ILE A CB  1 
ATOM   1096 C CG1 . ILE A 1 124 ? -6.644  -11.879 2.403   1.00 15.23 ? 132 ILE A CG1 1 
ATOM   1097 C CG2 . ILE A 1 124 ? -5.530  -10.797 4.365   1.00 16.13 ? 132 ILE A CG2 1 
ATOM   1098 C CD1 . ILE A 1 124 ? -7.899  -11.038 2.368   1.00 16.35 ? 132 ILE A CD1 1 
ATOM   1099 N N   . TYR A 1 125 ? -5.060  -13.825 6.206   1.00 14.15 ? 133 TYR A N   1 
ATOM   1100 C CA  . TYR A 1 125 ? -4.578  -13.556 7.578   1.00 14.72 ? 133 TYR A CA  1 
ATOM   1101 C C   . TYR A 1 125 ? -3.145  -14.031 7.880   1.00 15.74 ? 133 TYR A C   1 
ATOM   1102 O O   . TYR A 1 125 ? -2.436  -13.309 8.562   1.00 16.37 ? 133 TYR A O   1 
ATOM   1103 C CB  . TYR A 1 125 ? -5.585  -13.993 8.677   1.00 15.88 ? 133 TYR A CB  1 
ATOM   1104 C CG  . TYR A 1 125 ? -5.503  -15.442 9.058   1.00 16.03 ? 133 TYR A CG  1 
ATOM   1105 C CD1 . TYR A 1 125 ? -6.353  -16.393 8.501   1.00 17.13 ? 133 TYR A CD1 1 
ATOM   1106 C CD2 . TYR A 1 125 ? -4.532  -15.882 9.950   1.00 16.24 ? 133 TYR A CD2 1 
ATOM   1107 C CE1 . TYR A 1 125 ? -6.233  -17.732 8.831   1.00 17.69 ? 133 TYR A CE1 1 
ATOM   1108 C CE2 . TYR A 1 125 ? -4.416  -17.203 10.275  1.00 16.45 ? 133 TYR A CE2 1 
ATOM   1109 C CZ  . TYR A 1 125 ? -5.252  -18.130 9.714   1.00 17.58 ? 133 TYR A CZ  1 
ATOM   1110 O OH  . TYR A 1 125 ? -5.132  -19.459 10.074  1.00 20.06 ? 133 TYR A OH  1 
ATOM   1111 N N   . PRO A 1 126 ? -2.691  -15.188 7.347   1.00 15.00 ? 134 PRO A N   1 
ATOM   1112 C CA  . PRO A 1 126 ? -1.313  -15.581 7.687   1.00 15.68 ? 134 PRO A CA  1 
ATOM   1113 C C   . PRO A 1 126 ? -0.268  -14.658 7.068   1.00 16.38 ? 134 PRO A C   1 
ATOM   1114 O O   . PRO A 1 126 ? 0.899   -14.694 7.477   1.00 18.60 ? 134 PRO A O   1 
ATOM   1115 C CB  . PRO A 1 126 ? -1.198  -16.973 7.084   1.00 16.82 ? 134 PRO A CB  1 
ATOM   1116 C CG  . PRO A 1 126 ? -2.565  -17.447 6.869   1.00 16.61 ? 134 PRO A CG  1 
ATOM   1117 C CD  . PRO A 1 126 ? -3.355  -16.228 6.534   1.00 14.93 ? 134 PRO A CD  1 
ATOM   1118 N N   . CYS A 1 127 ? -0.655  -13.840 6.102   1.00 15.25 ? 135 CYS A N   1 
ATOM   1119 C CA  . CYS A 1 127 ? 0.284   -13.065 5.312   1.00 15.10 ? 135 CYS A CA  1 
ATOM   1120 C C   . CYS A 1 127 ? 0.326   -11.591 5.687   1.00 15.22 ? 135 CYS A C   1 
ATOM   1121 O O   . CYS A 1 127 ? 1.064   -10.843 5.056   1.00 15.87 ? 135 CYS A O   1 
ATOM   1122 C CB  . CYS A 1 127 ? -0.102  -13.197 3.835   1.00 15.46 ? 135 CYS A CB  1 
ATOM   1123 S SG  . CYS A 1 127 ? -0.135  -14.867 3.181   1.00 16.77 ? 135 CYS A SG  1 
ATOM   1124 N N   . LEU A 1 128 ? -0.523  -11.170 6.627   1.00 15.68 ? 136 LEU A N   1 
ATOM   1125 C CA  . LEU A 1 128 ? -0.646  -9.751  6.922   1.00 16.58 ? 136 LEU A CA  1 
ATOM   1126 C C   . LEU A 1 128 ? 0.560   -9.192  7.649   1.00 17.80 ? 136 LEU A C   1 
ATOM   1127 O O   . LEU A 1 128 ? 1.140   -9.807  8.549   1.00 18.46 ? 136 LEU A O   1 
ATOM   1128 C CB  . LEU A 1 128 ? -1.888  -9.475  7.766   1.00 17.15 ? 136 LEU A CB  1 
ATOM   1129 C CG  . LEU A 1 128 ? -3.235  -9.602  7.090   1.00 16.47 ? 136 LEU A CG  1 
ATOM   1130 C CD1 . LEU A 1 128 ? -4.363  -9.540  8.132   1.00 17.53 ? 136 LEU A CD1 1 
ATOM   1131 C CD2 . LEU A 1 128 ? -3.421  -8.534  6.048   1.00 18.37 ? 136 LEU A CD2 1 
ATOM   1132 N N   . SER A 1 129 ? 0.931   -7.991  7.273   1.00 18.85 ? 137 SER A N   1 
ATOM   1133 C CA  . SER A 1 129 ? 1.808   -7.206  8.124   1.00 20.87 ? 137 SER A CA  1 
ATOM   1134 C C   . SER A 1 129 ? 1.136   -6.931  9.460   1.00 22.33 ? 137 SER A C   1 
ATOM   1135 O O   . SER A 1 129 ? -0.066  -6.731  9.495   1.00 21.52 ? 137 SER A O   1 
ATOM   1136 C CB  . SER A 1 129 ? 2.075   -5.873  7.461   1.00 20.92 ? 137 SER A CB  1 
ATOM   1137 O OG  . SER A 1 129 ? 2.736   -5.039  8.407   1.00 22.85 ? 137 SER A OG  1 
ATOM   1138 N N   . PRO A 1 130 ? 1.910   -6.896  10.575  1.00 23.42 ? 138 PRO A N   1 
ATOM   1139 C CA  . PRO A 1 130 ? 1.318   -6.375  11.785  1.00 23.87 ? 138 PRO A CA  1 
ATOM   1140 C C   . PRO A 1 130 ? 0.918   -4.913  11.605  1.00 24.09 ? 138 PRO A C   1 
ATOM   1141 O O   . PRO A 1 130 ? 1.562   -4.177  10.861  1.00 22.54 ? 138 PRO A O   1 
ATOM   1142 C CB  . PRO A 1 130 ? 2.457   -6.490  12.809  1.00 24.31 ? 138 PRO A CB  1 
ATOM   1143 C CG  . PRO A 1 130 ? 3.666   -6.456  12.012  1.00 24.81 ? 138 PRO A CG  1 
ATOM   1144 C CD  . PRO A 1 130 ? 3.306   -7.290  10.808  1.00 23.78 ? 138 PRO A CD  1 
ATOM   1145 N N   . LYS A 1 131 ? -0.157  -4.545  12.275  1.00 25.41 ? 139 LYS A N   1 
ATOM   1146 C CA  . LYS A 1 131 ? -0.591  -3.161  12.374  1.00 26.18 ? 139 LYS A CA  1 
ATOM   1147 C C   . LYS A 1 131 ? 0.369   -2.411  13.258  1.00 26.74 ? 139 LYS A C   1 
ATOM   1148 O O   . LYS A 1 131 ? 0.873   -2.955  14.239  1.00 27.47 ? 139 LYS A O   1 
ATOM   1149 C CB  . LYS A 1 131 ? -1.959  -3.084  13.050  1.00 28.19 ? 139 LYS A CB  1 
ATOM   1150 C CG  . LYS A 1 131 ? -3.099  -3.652  12.261  1.00 29.99 ? 139 LYS A CG  1 
ATOM   1151 C CD  . LYS A 1 131 ? -3.620  -2.631  11.273  1.00 31.86 ? 139 LYS A CD  1 
ATOM   1152 C CE  . LYS A 1 131 ? -5.003  -2.989  10.781  1.00 32.27 ? 139 LYS A CE  1 
ATOM   1153 N NZ  . LYS A 1 131 ? -6.026  -2.734  11.828  1.00 34.61 ? 139 LYS A NZ  1 
ATOM   1154 N N   . ASN A 1 132 ? 0.577   -1.141  12.948  1.00 26.87 ? 140 ASN A N   1 
ATOM   1155 C CA  . ASN A 1 132 ? 1.437   -0.277  13.743  1.00 27.62 ? 140 ASN A CA  1 
ATOM   1156 C C   . ASN A 1 132 ? 0.723   0.139   15.030  1.00 28.73 ? 140 ASN A C   1 
ATOM   1157 O O   . ASN A 1 132 ? -0.483  0.411   15.034  1.00 29.49 ? 140 ASN A O   1 
ATOM   1158 C CB  . ASN A 1 132 ? 1.816   0.940   12.893  1.00 27.35 ? 140 ASN A CB  1 
ATOM   1159 C CG  . ASN A 1 132 ? 2.722   1.895   13.602  1.00 27.80 ? 140 ASN A CG  1 
ATOM   1160 O OD1 . ASN A 1 132 ? 3.659   1.495   14.298  1.00 31.36 ? 140 ASN A OD1 1 
ATOM   1161 N ND2 . ASN A 1 132 ? 2.469   3.178   13.409  1.00 27.54 ? 140 ASN A ND2 1 
ATOM   1162 N N   . GLU B 2 1   ? 14.021  12.384  13.373  1.00 24.25 ? 1   GLU F N   1 
ATOM   1163 C CA  . GLU B 2 1   ? 13.723  11.596  12.146  1.00 23.56 ? 1   GLU F CA  1 
ATOM   1164 C C   . GLU B 2 1   ? 14.672  11.946  11.027  1.00 22.92 ? 1   GLU F C   1 
ATOM   1165 O O   . GLU B 2 1   ? 15.317  13.005  11.063  1.00 25.07 ? 1   GLU F O   1 
ATOM   1166 C CB  . GLU B 2 1   ? 12.332  11.906  11.642  1.00 24.27 ? 1   GLU F CB  1 
ATOM   1167 C CG  . GLU B 2 1   ? 11.230  11.464  12.535  1.00 25.35 ? 1   GLU F CG  1 
ATOM   1168 C CD  . GLU B 2 1   ? 9.908   11.631  11.841  1.00 25.38 ? 1   GLU F CD  1 
ATOM   1169 O OE1 . GLU B 2 1   ? 9.616   12.785  11.449  1.00 24.81 ? 1   GLU F OE1 1 
ATOM   1170 O OE2 . GLU B 2 1   ? 9.190   10.616  11.675  1.00 29.29 ? 1   GLU F OE2 1 
ATOM   1171 N N   A LEU B 2 2   ? 14.773  11.061  10.042  0.50 22.21 ? 2   LEU F N   1 
ATOM   1172 N N   B LEU B 2 2   ? 14.786  11.047  10.054  0.50 22.27 ? 2   LEU F N   1 
ATOM   1173 C CA  A LEU B 2 2   ? 15.534  11.348  8.838   0.50 21.50 ? 2   LEU F CA  1 
ATOM   1174 C CA  B LEU B 2 2   ? 15.514  11.331  8.826   0.50 21.60 ? 2   LEU F CA  1 
ATOM   1175 C C   A LEU B 2 2   ? 14.585  11.634  7.688   0.50 21.07 ? 2   LEU F C   1 
ATOM   1176 C C   B LEU B 2 2   ? 14.533  11.691  7.733   0.50 21.16 ? 2   LEU F C   1 
ATOM   1177 O O   A LEU B 2 2   ? 13.582  10.938  7.504   0.50 20.64 ? 2   LEU F O   1 
ATOM   1178 O O   B LEU B 2 2   ? 13.451  11.099  7.633   0.50 21.18 ? 2   LEU F O   1 
ATOM   1179 C CB  A LEU B 2 2   ? 16.454  10.179  8.483   0.50 21.06 ? 2   LEU F CB  1 
ATOM   1180 C CB  B LEU B 2 2   ? 16.338  10.130  8.366   0.50 21.26 ? 2   LEU F CB  1 
ATOM   1181 C CG  A LEU B 2 2   ? 17.564  9.887   9.500   0.50 20.43 ? 2   LEU F CG  1 
ATOM   1182 C CG  B LEU B 2 2   ? 17.556  9.766   9.209   0.50 20.91 ? 2   LEU F CG  1 
ATOM   1183 C CD1 A LEU B 2 2   ? 18.291  8.608   9.130   0.50 21.05 ? 2   LEU F CD1 1 
ATOM   1184 C CD1 B LEU B 2 2   ? 17.129  8.905   10.385  0.50 21.46 ? 2   LEU F CD1 1 
ATOM   1185 C CD2 A LEU B 2 2   ? 18.554  11.050  9.633   0.50 18.61 ? 2   LEU F CD2 1 
ATOM   1186 C CD2 B LEU B 2 2   ? 18.589  9.046   8.354   0.50 21.34 ? 2   LEU F CD2 1 
ATOM   1187 N N   . LYS B 2 3   ? 14.928  12.639  6.892   1.00 20.82 ? 3   LYS F N   1 
ATOM   1188 C CA  . LYS B 2 3   ? 14.155  12.976  5.723   1.00 21.34 ? 3   LYS F CA  1 
ATOM   1189 C C   . LYS B 2 3   ? 14.303  11.884  4.664   1.00 20.62 ? 3   LYS F C   1 
ATOM   1190 O O   . LYS B 2 3   ? 15.321  11.180  4.583   1.00 20.33 ? 3   LYS F O   1 
ATOM   1191 C CB  . LYS B 2 3   ? 14.514  14.380  5.187   1.00 21.81 ? 3   LYS F CB  1 
ATOM   1192 C CG  . LYS B 2 3   ? 15.624  14.481  4.167   1.00 24.61 ? 3   LYS F CG  1 
ATOM   1193 C CD  . LYS B 2 3   ? 15.714  15.874  3.541   1.00 25.32 ? 3   LYS F CD  1 
ATOM   1194 C CE  . LYS B 2 3   ? 14.486  16.272  2.676   1.00 27.41 ? 3   LYS F CE  1 
ATOM   1195 N NZ  . LYS B 2 3   ? 14.104  15.330  1.556   1.00 31.66 ? 3   LYS F NZ  1 
HETATM 1196 N N   . TPO B 2 4   ? 13.239  11.710  3.906   1.00 20.39 ? 4   TPO F N   1 
HETATM 1197 C CA  . TPO B 2 4   ? 13.225  10.782  2.788   1.00 20.36 ? 4   TPO F CA  1 
HETATM 1198 C CB  . TPO B 2 4   ? 11.832  10.810  2.179   1.00 19.41 ? 4   TPO F CB  1 
HETATM 1199 C CG2 . TPO B 2 4   ? 11.618  9.654   1.198   1.00 19.84 ? 4   TPO F CG2 1 
HETATM 1200 O OG1 . TPO B 2 4   ? 10.853  10.701  3.225   1.00 19.18 ? 4   TPO F OG1 1 
HETATM 1201 P P   . TPO B 2 4   ? 9.849   11.972  3.446   1.00 17.91 ? 4   TPO F P   1 
HETATM 1202 O O1P . TPO B 2 4   ? 10.748  13.143  3.780   1.00 18.47 ? 4   TPO F O1P 1 
HETATM 1203 O O2P . TPO B 2 4   ? 9.015   11.535  4.604   1.00 17.54 ? 4   TPO F O2P 1 
HETATM 1204 O O3P . TPO B 2 4   ? 9.059   12.160  2.162   1.00 18.07 ? 4   TPO F O3P 1 
HETATM 1205 C C   . TPO B 2 4   ? 14.271  11.174  1.762   1.00 20.18 ? 4   TPO F C   1 
HETATM 1206 O O   . TPO B 2 4   ? 14.552  12.345  1.569   1.00 21.26 ? 4   TPO F O   1 
ATOM   1207 N N   . GLU B 2 5   ? 14.874  10.178  1.104   1.00 21.49 ? 5   GLU F N   1 
ATOM   1208 C CA  . GLU B 2 5   ? 15.900  10.465  0.106   1.00 21.67 ? 5   GLU F CA  1 
ATOM   1209 C C   . GLU B 2 5   ? 15.365  10.204  -1.283  1.00 21.93 ? 5   GLU F C   1 
ATOM   1210 O O   . GLU B 2 5   ? 14.569  9.305   -1.465  1.00 21.99 ? 5   GLU F O   1 
ATOM   1211 C CB  . GLU B 2 5   ? 17.147  9.624   0.389   1.00 22.81 ? 5   GLU F CB  1 
ATOM   1212 C CG  . GLU B 2 5   ? 17.898  10.060  1.655   1.00 26.37 ? 5   GLU F CG  1 
ATOM   1213 C CD  . GLU B 2 5   ? 18.541  11.439  1.527   1.00 30.45 ? 5   GLU F CD  1 
ATOM   1214 O OE1 . GLU B 2 5   ? 19.137  11.728  0.464   1.00 33.03 ? 5   GLU F OE1 1 
ATOM   1215 O OE2 . GLU B 2 5   ? 18.471  12.227  2.497   1.00 34.28 ? 5   GLU F OE2 1 
ATOM   1216 N N   . ARG B 2 6   ? 15.805  10.988  -2.255  1.00 21.85 ? 6   ARG F N   1 
ATOM   1217 C CA  . ARG B 2 6   ? 15.295  10.882  -3.615  1.00 23.16 ? 6   ARG F CA  1 
ATOM   1218 C C   . ARG B 2 6   ? 16.054  9.797   -4.372  1.00 23.08 ? 6   ARG F C   1 
ATOM   1219 O O   . ARG B 2 6   ? 17.297  9.756   -4.352  1.00 23.53 ? 6   ARG F O   1 
ATOM   1220 C CB  . ARG B 2 6   ? 15.409  12.229  -4.334  1.00 23.05 ? 6   ARG F CB  1 
ATOM   1221 C CG  . ARG B 2 6   ? 14.625  12.291  -5.646  1.00 24.36 ? 6   ARG F CG  1 
ATOM   1222 C CD  . ARG B 2 6   ? 15.002  13.497  -6.446  1.00 26.71 ? 6   ARG F CD  1 
ATOM   1223 N NE  . ARG B 2 6   ? 14.582  14.732  -5.787  1.00 29.94 ? 6   ARG F NE  1 
ATOM   1224 C CZ  . ARG B 2 6   ? 13.351  15.244  -5.839  1.00 31.73 ? 6   ARG F CZ  1 
ATOM   1225 N NH1 . ARG B 2 6   ? 12.386  14.637  -6.532  1.00 33.08 ? 6   ARG F NH1 1 
ATOM   1226 N NH2 . ARG B 2 6   ? 13.081  16.378  -5.195  1.00 31.63 ? 6   ARG F NH2 1 
ATOM   1227 N N   . TYR B 2 7   ? 15.311  8.912   -5.042  1.00 23.54 ? 7   TYR F N   1 
ATOM   1228 C CA  . TYR B 2 7   ? 15.901  7.819   -5.822  1.00 23.82 ? 7   TYR F CA  1 
ATOM   1229 C C   . TYR B 2 7   ? 15.381  7.812   -7.246  1.00 24.28 ? 7   TYR F C   1 
ATOM   1230 O O   . TYR B 2 7   ? 14.567  8.655   -7.635  1.00 24.92 ? 7   TYR F O   1 
ATOM   1231 C CB  . TYR B 2 7   ? 15.625  6.467   -5.154  1.00 24.23 ? 7   TYR F CB  1 
ATOM   1232 C CG  . TYR B 2 7   ? 16.337  6.319   -3.842  1.00 24.37 ? 7   TYR F CG  1 
ATOM   1233 C CD1 . TYR B 2 7   ? 15.686  6.578   -2.656  1.00 24.85 ? 7   TYR F CD1 1 
ATOM   1234 C CD2 . TYR B 2 7   ? 17.673  5.953   -3.782  1.00 25.96 ? 7   TYR F CD2 1 
ATOM   1235 C CE1 . TYR B 2 7   ? 16.340  6.471   -1.434  1.00 24.81 ? 7   TYR F CE1 1 
ATOM   1236 C CE2 . TYR B 2 7   ? 18.340  5.859   -2.557  1.00 25.85 ? 7   TYR F CE2 1 
ATOM   1237 C CZ  . TYR B 2 7   ? 17.656  6.101   -1.388  1.00 27.09 ? 7   TYR F CZ  1 
ATOM   1238 O OH  . TYR B 2 7   ? 18.281  6.011   -0.153  1.00 27.51 ? 7   TYR F OH  1 
ATOM   1239 O OXT . TYR B 2 7   ? 15.792  6.960   -8.037  1.00 25.26 ? 7   TYR F OXT 1 
HETATM 1240 O O   . HOH C 3 .   ? 14.230  -4.438  3.146   1.00 21.45 ? 147 HOH A O   1 
HETATM 1241 O O   . HOH C 3 .   ? 8.951   8.478   -1.036  1.00 17.05 ? 148 HOH A O   1 
HETATM 1242 O O   . HOH C 3 .   ? 9.794   2.470   9.499   1.00 25.72 ? 149 HOH A O   1 
HETATM 1243 O O   . HOH C 3 .   ? -12.888 -8.539  -6.699  1.00 21.09 ? 150 HOH A O   1 
HETATM 1244 O O   . HOH C 3 .   ? 11.689  0.611   -0.363  1.00 19.96 ? 151 HOH A O   1 
HETATM 1245 O O   . HOH C 3 .   ? 8.506   -6.191  -5.472  1.00 20.34 ? 152 HOH A O   1 
HETATM 1246 O O   . HOH C 3 .   ? 9.796   0.348   -2.708  1.00 17.81 ? 153 HOH A O   1 
HETATM 1247 O O   . HOH C 3 .   ? -12.887 -5.917  5.282   1.00 29.53 ? 154 HOH A O   1 
HETATM 1248 O O   . HOH C 3 .   ? 6.572   -6.811  -3.501  1.00 16.11 ? 155 HOH A O   1 
HETATM 1249 O O   . HOH C 3 .   ? -16.604 -5.076  -2.955  1.00 31.93 ? 156 HOH A O   1 
HETATM 1250 O O   . HOH C 3 .   ? 12.122  2.028   6.034   1.00 23.46 ? 157 HOH A O   1 
HETATM 1251 O O   . HOH C 3 .   ? -13.734 -1.331  -3.837  1.00 21.19 ? 158 HOH A O   1 
HETATM 1252 O O   . HOH C 3 .   ? 4.989   12.473  2.028   1.00 22.41 ? 159 HOH A O   1 
HETATM 1253 O O   . HOH C 3 .   ? 4.481   -4.759  2.739   1.00 15.11 ? 160 HOH A O   1 
HETATM 1254 O O   . HOH C 3 .   ? 12.359  0.072   -4.112  1.00 20.02 ? 161 HOH A O   1 
HETATM 1255 O O   . HOH C 3 .   ? -12.787 -4.468  -9.080  1.00 19.54 ? 162 HOH A O   1 
HETATM 1256 O O   . HOH C 3 .   ? -3.192  3.876   -13.892 1.00 31.78 ? 163 HOH A O   1 
HETATM 1257 O O   . HOH C 3 .   ? -12.899 2.985   3.842   1.00 20.46 ? 164 HOH A O   1 
HETATM 1258 O O   . HOH C 3 .   ? -16.704 5.060   -7.368  1.00 28.84 ? 165 HOH A O   1 
HETATM 1259 O O   . HOH C 3 .   ? -7.454  7.566   -0.852  1.00 18.67 ? 166 HOH A O   1 
HETATM 1260 O O   . HOH C 3 .   ? 9.735   -7.106  -2.394  1.00 17.46 ? 167 HOH A O   1 
HETATM 1261 O O   . HOH C 3 .   ? -8.490  5.078   -11.164 1.00 31.48 ? 168 HOH A O   1 
HETATM 1262 O O   . HOH C 3 .   ? 12.393  -7.117  -1.717  1.00 21.81 ? 169 HOH A O   1 
HETATM 1263 O O   . HOH C 3 .   ? 5.574   -4.506  5.282   1.00 21.71 ? 170 HOH A O   1 
HETATM 1264 O O   . HOH C 3 .   ? 14.333  -2.024  -6.177  1.00 18.95 ? 171 HOH A O   1 
HETATM 1265 O O   . HOH C 3 .   ? 8.837   -9.493  -3.574  1.00 20.78 ? 172 HOH A O   1 
HETATM 1266 O O   . HOH C 3 .   ? -12.066 -17.208 4.517   1.00 21.74 ? 173 HOH A O   1 
HETATM 1267 O O   . HOH C 3 .   ? 4.270   16.161  -4.054  1.00 26.06 ? 174 HOH A O   1 
HETATM 1268 O O   . HOH C 3 .   ? -4.220  17.114  -6.109  1.00 26.95 ? 175 HOH A O   1 
HETATM 1269 O O   . HOH C 3 .   ? 13.841  -5.549  -3.479  1.00 24.68 ? 176 HOH A O   1 
HETATM 1270 O O   . HOH C 3 .   ? 1.769   -12.758 -2.966  1.00 19.50 ? 177 HOH A O   1 
HETATM 1271 O O   . HOH C 3 .   ? 15.789  -0.273  8.257   1.00 26.66 ? 178 HOH A O   1 
HETATM 1272 O O   . HOH C 3 .   ? -2.285  -17.721 2.254   1.00 25.85 ? 179 HOH A O   1 
HETATM 1273 O O   . HOH C 3 .   ? 2.216   -0.172  -10.568 1.00 23.30 ? 180 HOH A O   1 
HETATM 1274 O O   . HOH C 3 .   ? -7.624  1.617   -11.454 1.00 27.02 ? 181 HOH A O   1 
HETATM 1275 O O   . HOH C 3 .   ? 3.050   9.881   -7.322  1.00 19.31 ? 182 HOH A O   1 
HETATM 1276 O O   . HOH C 3 .   ? 4.931   11.972  -5.389  1.00 21.58 ? 183 HOH A O   1 
HETATM 1277 O O   . HOH C 3 .   ? -11.270 -2.130  -4.863  1.00 21.71 ? 184 HOH A O   1 
HETATM 1278 O O   . HOH C 3 .   ? 8.940   -6.434  3.689   1.00 25.41 ? 185 HOH A O   1 
HETATM 1279 O O   . HOH C 3 .   ? 0.205   -18.396 3.852   1.00 33.11 ? 186 HOH A O   1 
HETATM 1280 O O   . HOH C 3 .   ? 8.097   -3.401  5.512   1.00 20.95 ? 187 HOH A O   1 
HETATM 1281 O O   . HOH C 3 .   ? 16.095  -0.137  -12.189 1.00 21.96 ? 188 HOH A O   1 
HETATM 1282 O O   . HOH C 3 .   ? 3.338   20.822  -2.779  1.00 31.49 ? 189 HOH A O   1 
HETATM 1283 O O   . HOH C 3 .   ? -11.848 -19.788 3.200   1.00 26.77 ? 190 HOH A O   1 
HETATM 1284 O O   . HOH C 3 .   ? 12.744  -5.785  -5.964  1.00 28.93 ? 191 HOH A O   1 
HETATM 1285 O O   . HOH C 3 .   ? -10.228 7.090   -10.405 1.00 27.78 ? 192 HOH A O   1 
HETATM 1286 O O   . HOH C 3 .   ? -4.052  -19.953 0.872   1.00 37.25 ? 193 HOH A O   1 
HETATM 1287 O O   . HOH C 3 .   ? 5.583   14.544  -5.877  1.00 28.07 ? 194 HOH A O   1 
HETATM 1288 O O   . HOH C 3 .   ? 3.004   -1.886  10.734  1.00 25.79 ? 195 HOH A O   1 
HETATM 1289 O O   . HOH C 3 .   ? -4.806  2.020   -14.450 1.00 31.51 ? 196 HOH A O   1 
HETATM 1290 O O   . HOH C 3 .   ? 8.888   3.355   -11.638 1.00 36.11 ? 197 HOH A O   1 
HETATM 1291 O O   . HOH C 3 .   ? -7.125  -4.302  -12.866 1.00 23.91 ? 198 HOH A O   1 
HETATM 1292 O O   . HOH C 3 .   ? 11.835  2.298   2.051   1.00 19.23 ? 199 HOH A O   1 
HETATM 1293 O O   . HOH C 3 .   ? -3.335  10.967  -13.452 1.00 28.99 ? 200 HOH A O   1 
HETATM 1294 O O   . HOH C 3 .   ? -10.348 4.276   9.959   1.00 31.45 ? 201 HOH A O   1 
HETATM 1295 O O   . HOH C 3 .   ? -9.240  13.696  -6.424  1.00 29.04 ? 202 HOH A O   1 
HETATM 1296 O O   . HOH C 3 .   ? -13.121 -4.361  -11.761 1.00 38.00 ? 203 HOH A O   1 
HETATM 1297 O O   . HOH C 3 .   ? 9.390   -2.195  -12.427 1.00 33.09 ? 204 HOH A O   1 
HETATM 1298 O O   . HOH C 3 .   ? -2.615  10.501  -5.699  1.00 16.90 ? 205 HOH A O   1 
HETATM 1299 O O   . HOH C 3 .   ? 3.626   -10.466 7.431   1.00 22.25 ? 206 HOH A O   1 
HETATM 1300 O O   . HOH C 3 .   ? -3.169  -6.295  9.614   1.00 24.74 ? 207 HOH A O   1 
HETATM 1301 O O   . HOH C 3 .   ? -16.162 -11.243 -2.324  1.00 28.29 ? 208 HOH A O   1 
HETATM 1302 O O   . HOH C 3 .   ? -14.810 -8.060  0.438   1.00 28.32 ? 209 HOH A O   1 
HETATM 1303 O O   . HOH C 3 .   ? 14.328  -0.925  -2.064  1.00 24.08 ? 210 HOH A O   1 
HETATM 1304 O O   . HOH C 3 .   ? -7.337  -2.098  7.289   1.00 24.96 ? 211 HOH A O   1 
HETATM 1305 O O   . HOH C 3 .   ? -14.104 -6.702  -8.418  1.00 25.43 ? 212 HOH A O   1 
HETATM 1306 O O   . HOH C 3 .   ? 15.070  -3.101  -3.718  1.00 19.77 ? 213 HOH A O   1 
HETATM 1307 O O   . HOH C 3 .   ? 3.682   -2.514  -10.837 1.00 26.65 ? 214 HOH A O   1 
HETATM 1308 O O   . HOH C 3 .   ? 12.945  5.548   8.956   1.00 28.45 ? 215 HOH A O   1 
HETATM 1309 O O   . HOH C 3 .   ? -7.319  0.201   8.909   1.00 34.52 ? 216 HOH A O   1 
HETATM 1310 O O   . HOH C 3 .   ? -12.633 -5.118  2.382   1.00 26.12 ? 217 HOH A O   1 
HETATM 1311 O O   . HOH C 3 .   ? 18.663  -0.191  8.327   1.00 36.52 ? 218 HOH A O   1 
HETATM 1312 O O   . HOH C 3 .   ? 2.557   -12.460 -5.646  1.00 27.48 ? 219 HOH A O   1 
HETATM 1313 O O   . HOH C 3 .   ? 8.375   14.274  -5.376  1.00 32.62 ? 220 HOH A O   1 
HETATM 1314 O O   . HOH C 3 .   ? 12.026  9.991   -7.112  1.00 32.27 ? 221 HOH A O   1 
HETATM 1315 O O   . HOH C 3 .   ? 10.195  1.321   4.078   1.00 22.30 ? 222 HOH A O   1 
HETATM 1316 O O   . HOH C 3 .   ? 2.025   -15.377 -1.772  1.00 29.02 ? 223 HOH A O   1 
HETATM 1317 O O   . HOH C 3 .   ? 4.927   13.005  6.989   1.00 26.25 ? 224 HOH A O   1 
HETATM 1318 O O   . HOH C 3 .   ? -2.933  -11.898 10.849  1.00 24.00 ? 225 HOH A O   1 
HETATM 1319 O O   . HOH C 3 .   ? 14.647  -7.177  3.407   1.00 27.49 ? 226 HOH A O   1 
HETATM 1320 O O   . HOH C 3 .   ? -18.215 8.906   2.519   1.00 40.08 ? 227 HOH A O   1 
HETATM 1321 O O   . HOH C 3 .   ? -15.418 -0.235  9.916   1.00 41.52 ? 228 HOH A O   1 
HETATM 1322 O O   . HOH C 3 .   ? -5.104  3.266   11.291  1.00 33.08 ? 229 HOH A O   1 
HETATM 1323 O O   . HOH C 3 .   ? -13.762 -2.421  -7.640  1.00 34.03 ? 230 HOH A O   1 
HETATM 1324 O O   . HOH C 3 .   ? -8.164  -1.053  -13.491 1.00 29.31 ? 231 HOH A O   1 
HETATM 1325 O O   . HOH C 3 .   ? -10.716 -5.378  -12.518 1.00 29.59 ? 232 HOH A O   1 
HETATM 1326 O O   . HOH C 3 .   ? -22.800 5.074   -1.469  1.00 33.47 ? 233 HOH A O   1 
HETATM 1327 O O   . HOH C 3 .   ? -15.757 -2.270  -5.616  1.00 34.80 ? 234 HOH A O   1 
HETATM 1328 O O   . HOH C 3 .   ? 20.051  -1.310  6.176   1.00 30.40 ? 235 HOH A O   1 
HETATM 1329 O O   . HOH C 3 .   ? 7.121   -14.884 1.899   1.00 36.40 ? 236 HOH A O   1 
HETATM 1330 O O   . HOH C 3 .   ? -10.203 -3.771  13.563  1.00 42.81 ? 237 HOH A O   1 
HETATM 1331 O O   . HOH C 3 .   ? -8.067  9.905   0.375   1.00 31.69 ? 238 HOH A O   1 
HETATM 1332 O O   . HOH C 3 .   ? 4.809   -2.367  12.779  1.00 42.33 ? 239 HOH A O   1 
HETATM 1333 O O   . HOH C 3 .   ? 3.916   -2.884  7.219   1.00 31.90 ? 240 HOH A O   1 
HETATM 1334 O O   . HOH C 3 .   ? 16.653  4.233   -8.102  1.00 28.59 ? 241 HOH A O   1 
HETATM 1335 O O   . HOH C 3 .   ? 10.500  -11.653 -2.906  1.00 33.52 ? 242 HOH A O   1 
HETATM 1336 O O   . HOH C 3 .   ? -6.815  5.893   -12.961 1.00 35.58 ? 243 HOH A O   1 
HETATM 1337 O O   . HOH C 3 .   ? -1.672  15.504  2.999   1.00 38.53 ? 244 HOH A O   1 
HETATM 1338 O O   . HOH C 3 .   ? -14.918 -3.322  9.221   1.00 34.69 ? 245 HOH A O   1 
HETATM 1339 O O   . HOH C 3 .   ? 19.060  3.547   -7.020  1.00 35.62 ? 246 HOH A O   1 
HETATM 1340 O O   . HOH C 3 .   ? 10.124  9.109   -8.517  1.00 31.37 ? 247 HOH A O   1 
HETATM 1341 O O   . HOH C 3 .   ? 2.321   -16.958 5.052   1.00 29.15 ? 248 HOH A O   1 
HETATM 1342 O O   . HOH C 3 .   ? 7.554   -7.058  -7.763  1.00 35.01 ? 249 HOH A O   1 
HETATM 1343 O O   . HOH C 3 .   ? 13.714  -6.362  -8.574  1.00 36.59 ? 250 HOH A O   1 
HETATM 1344 O O   . HOH C 3 .   ? 11.482  -6.551  1.191   1.00 28.23 ? 251 HOH A O   1 
HETATM 1345 O O   . HOH C 3 .   ? -14.120 -2.069  11.430  1.00 36.51 ? 252 HOH A O   1 
HETATM 1346 O O   . HOH C 3 .   ? -17.027 -10.776 3.852   1.00 31.48 ? 253 HOH A O   1 
HETATM 1347 O O   . HOH C 3 .   ? 10.972  -4.618  3.866   1.00 27.46 ? 254 HOH A O   1 
HETATM 1348 O O   . HOH C 3 .   ? 8.692   16.022  -3.112  1.00 38.68 ? 255 HOH A O   1 
HETATM 1349 O O   . HOH C 3 .   ? 3.171   12.928  -10.095 1.00 46.50 ? 256 HOH A O   1 
HETATM 1350 O O   . HOH C 3 .   ? 3.986   7.887   -15.273 1.00 32.83 ? 257 HOH A O   1 
HETATM 1351 O O   . HOH C 3 .   ? -12.105 7.899   -7.174  1.00 38.38 ? 258 HOH A O   1 
HETATM 1352 O O   . HOH C 3 .   ? 20.097  5.795   -10.197 1.00 37.26 ? 259 HOH A O   1 
HETATM 1353 O O   . HOH C 3 .   ? -14.491 -3.354  1.667   1.00 26.93 ? 260 HOH A O   1 
HETATM 1354 O O   . HOH C 3 .   ? -5.253  -11.967 -9.364  1.00 31.96 ? 261 HOH A O   1 
HETATM 1355 O O   . HOH C 3 .   ? 6.148   16.365  -2.155  1.00 36.19 ? 262 HOH A O   1 
HETATM 1356 O O   . HOH C 3 .   ? -1.437  -9.695  11.477  1.00 30.45 ? 263 HOH A O   1 
HETATM 1357 O O   . HOH C 3 .   ? 16.107  -7.373  -10.484 1.00 39.86 ? 264 HOH A O   1 
HETATM 1358 O O   . HOH C 3 .   ? 3.293   -13.279 7.597   1.00 26.95 ? 265 HOH A O   1 
HETATM 1359 O O   . HOH C 3 .   ? 12.352  2.879   8.599   1.00 27.66 ? 266 HOH A O   1 
HETATM 1360 O O   . HOH C 3 .   ? 5.543   -15.111 7.041   1.00 37.14 ? 267 HOH A O   1 
HETATM 1361 O O   . HOH C 3 .   ? 10.387  -13.729 -1.375  1.00 39.48 ? 268 HOH A O   1 
HETATM 1362 O O   . HOH C 3 .   ? -3.789  6.321   -13.140 1.00 39.36 ? 269 HOH A O   1 
HETATM 1363 O O   . HOH C 3 .   ? -2.150  0.534   13.094  1.00 30.91 ? 270 HOH A O   1 
HETATM 1364 O O   . HOH C 3 .   ? -15.221 -1.389  -1.379  1.00 29.38 ? 271 HOH A O   1 
HETATM 1365 O O   . HOH C 3 .   ? -17.806 8.578   -4.621  1.00 40.03 ? 272 HOH A O   1 
HETATM 1366 O O   . HOH C 3 .   ? 10.834  -7.830  -5.938  1.00 33.69 ? 273 HOH A O   1 
HETATM 1367 O O   . HOH C 3 .   ? 18.801  -7.478  -10.507 1.00 48.69 ? 274 HOH A O   1 
HETATM 1368 O O   . HOH C 3 .   ? 10.714  5.830   10.925  1.00 34.94 ? 275 HOH A O   1 
HETATM 1369 O O   . HOH C 3 .   ? 15.647  -2.497  9.681   1.00 42.39 ? 276 HOH A O   1 
HETATM 1370 O O   . HOH C 3 .   ? 19.974  2.896   1.385   1.00 34.87 ? 277 HOH A O   1 
HETATM 1371 O O   . HOH C 3 .   ? -16.174 -3.791  -0.582  1.00 48.61 ? 278 HOH A O   1 
HETATM 1372 O O   . HOH C 3 .   ? -1.746  8.412   9.655   1.00 38.68 ? 279 HOH A O   1 
HETATM 1373 O O   . HOH C 3 .   ? 0.308   13.188  6.442   1.00 33.80 ? 280 HOH A O   1 
HETATM 1374 O O   . HOH C 3 .   ? 20.472  3.018   -4.389  1.00 45.63 ? 281 HOH A O   1 
HETATM 1375 O O   . HOH C 3 .   ? 20.748  0.549   2.185   1.00 35.35 ? 282 HOH A O   1 
HETATM 1376 O O   . HOH C 3 .   ? 8.289   -2.260  -9.793  1.00 34.51 ? 283 HOH A O   1 
HETATM 1377 O O   . HOH C 3 .   ? 19.907  1.945   -1.700  1.00 45.01 ? 284 HOH A O   1 
HETATM 1378 O O   . HOH C 3 .   ? 3.898   -14.852 -3.889  1.00 50.92 ? 285 HOH A O   1 
HETATM 1379 O O   . HOH C 3 .   ? -15.625 8.406   1.767   1.00 32.94 ? 286 HOH A O   1 
HETATM 1380 O O   . HOH C 3 .   ? -5.010  -20.336 5.989   1.00 44.33 ? 287 HOH A O   1 
HETATM 1381 O O   . HOH C 3 .   ? -9.961  2.085   12.101  1.00 51.53 ? 288 HOH A O   1 
HETATM 1382 O O   . HOH C 3 .   ? -18.429 -5.439  6.543   1.00 52.89 ? 289 HOH A O   1 
HETATM 1383 O O   . HOH C 3 .   ? -11.540 -10.386 -12.034 1.00 37.76 ? 290 HOH A O   1 
HETATM 1384 O O   . HOH C 3 .   ? -12.681 -7.294  -12.333 1.00 48.63 ? 291 HOH A O   1 
HETATM 1385 O O   . HOH C 3 .   ? -14.674 -7.105  4.013   1.00 29.18 ? 292 HOH A O   1 
HETATM 1386 O O   . HOH C 3 .   ? 5.408   -6.578  6.976   1.00 35.10 ? 293 HOH A O   1 
HETATM 1387 O O   . HOH C 3 .   ? -6.052  6.896   9.503   1.00 41.61 ? 294 HOH A O   1 
HETATM 1388 O O   . HOH C 3 .   ? -0.934  12.860  -14.484 1.00 48.64 ? 295 HOH A O   1 
HETATM 1389 O O   . HOH C 3 .   ? 0.909   -10.762 -7.008  1.00 45.67 ? 296 HOH A O   1 
HETATM 1390 O O   . HOH C 3 .   ? 1.321   11.925  -13.026 1.00 33.08 ? 297 HOH A O   1 
HETATM 1391 O O   . HOH C 3 .   ? -17.988 0.123   9.500   1.00 39.02 ? 298 HOH A O   1 
HETATM 1392 O O   . HOH C 3 .   ? -3.177  5.267   12.528  1.00 45.44 ? 299 HOH A O   1 
HETATM 1393 O O   . HOH C 3 .   ? 7.986   -9.633  -8.787  1.00 40.35 ? 300 HOH A O   1 
HETATM 1394 O O   . HOH C 3 .   ? -5.449  10.195  -14.943 1.00 45.40 ? 301 HOH A O   1 
HETATM 1395 O O   . HOH C 3 .   ? -17.192 5.172   2.019   1.00 39.95 ? 302 HOH A O   1 
HETATM 1396 O O   . HOH C 3 .   ? -14.702 1.466   11.775  1.00 59.48 ? 303 HOH A O   1 
HETATM 1397 O O   . HOH C 3 .   ? 5.395   -16.201 -1.950  1.00 50.70 ? 304 HOH A O   1 
HETATM 1398 O O   . HOH C 3 .   ? 6.289   -2.746  10.640  1.00 41.15 ? 305 HOH A O   1 
HETATM 1399 O O   . HOH C 3 .   ? 6.561   -5.322  9.421   1.00 45.17 ? 306 HOH A O   1 
HETATM 1400 O O   . HOH C 3 .   ? 20.196  -2.739  -4.526  1.00 39.90 ? 307 HOH A O   1 
HETATM 1401 O O   . HOH C 3 .   ? -8.477  -11.388 -14.883 1.00 34.90 ? 308 HOH A O   1 
HETATM 1402 O O   . HOH C 3 .   ? -16.865 -8.918  1.848   1.00 32.30 ? 309 HOH A O   1 
HETATM 1403 O O   . HOH C 3 .   ? 21.081  -1.290  -6.622  1.00 38.17 ? 310 HOH A O   1 
HETATM 1404 O O   . HOH C 3 .   ? 15.889  2.840   -12.463 1.00 39.52 ? 311 HOH A O   1 
HETATM 1405 O O   . HOH C 3 .   ? 7.815   -13.242 7.467   1.00 47.11 ? 312 HOH A O   1 
HETATM 1406 O O   . HOH C 3 .   ? -17.553 -7.589  -2.540  1.00 40.59 ? 313 HOH A O   1 
HETATM 1407 O O   . HOH C 3 .   ? -19.146 -8.655  -4.393  1.00 47.72 ? 314 HOH A O   1 
HETATM 1408 O O   . HOH C 3 .   ? -1.083  17.791  -6.771  1.00 36.15 ? 315 HOH A O   1 
HETATM 1409 O O   . HOH C 3 .   ? -6.113  17.227  -8.075  1.00 55.91 ? 316 HOH A O   1 
HETATM 1410 O O   . HOH C 3 .   ? -7.082  -10.070 -10.508 1.00 23.40 ? 317 HOH A O   1 
HETATM 1411 O O   . HOH C 3 .   ? -8.858  10.213  -10.467 1.00 33.91 ? 318 HOH A O   1 
HETATM 1412 O O   . HOH C 3 .   ? 0.165   8.607   4.548   1.00 25.34 ? 319 HOH A O   1 
HETATM 1413 O O   . HOH C 3 .   ? -8.930  -9.892  -12.659 1.00 34.84 ? 320 HOH A O   1 
HETATM 1414 O O   . HOH C 3 .   ? -0.884  9.283   6.968   1.00 35.39 ? 321 HOH A O   1 
HETATM 1415 O O   . HOH C 3 .   ? 14.256  3.881   -10.724 1.00 32.01 ? 322 HOH A O   1 
HETATM 1416 O O   . HOH C 3 .   ? -3.911  -7.971  -13.063 1.00 32.04 ? 323 HOH A O   1 
HETATM 1417 O O   . HOH C 3 .   ? 16.226  -7.242  -3.485  1.00 34.18 ? 324 HOH A O   1 
HETATM 1418 O O   . HOH C 3 .   ? -15.549 -11.617 -5.187  1.00 29.59 ? 325 HOH A O   1 
HETATM 1419 O O   . HOH D 3 .   ? 6.198   11.934  4.608   1.00 17.80 ? 8   HOH F O   1 
HETATM 1420 O O   . HOH D 3 .   ? 17.971  4.666   2.321   1.00 23.51 ? 9   HOH F O   1 
HETATM 1421 O O   . HOH D 3 .   ? 19.550  4.839   4.815   1.00 37.72 ? 10  HOH F O   1 
HETATM 1422 O O   . HOH D 3 .   ? 18.008  11.647  4.985   1.00 26.97 ? 11  HOH F O   1 
HETATM 1423 O O   . HOH D 3 .   ? 7.884   14.548  11.138  1.00 31.63 ? 12  HOH F O   1 
HETATM 1424 O O   . HOH D 3 .   ? 6.015   13.284  9.643   1.00 30.91 ? 13  HOH F O   1 
HETATM 1425 O O   . HOH D 3 .   ? 18.713  5.081   7.500   1.00 40.99 ? 14  HOH F O   1 
HETATM 1426 O O   . HOH D 3 .   ? 15.135  6.738   -10.572 1.00 48.06 ? 15  HOH F O   1 
HETATM 1427 O O   . HOH D 3 .   ? 6.348   10.634  10.709  1.00 44.15 ? 16  HOH F O   1 
HETATM 1428 O O   . HOH D 3 .   ? 17.419  13.368  -1.707  1.00 42.20 ? 17  HOH F O   1 
HETATM 1429 O O   . HOH D 3 .   ? 19.607  9.244   -3.245  1.00 44.21 ? 18  HOH F O   1 
# 
